data_5FLI
#
_entry.id   5FLI
#
_cell.length_a   101.396
_cell.length_b   113.752
_cell.length_c   105.003
_cell.angle_alpha   90.00
_cell.angle_beta   96.45
_cell.angle_gamma   90.00
#
_symmetry.space_group_name_H-M   'P 1 21 1'
#
loop_
_entity.id
_entity.type
_entity.pdbx_description
1 polymer 'QUERCETINASE QUED'
2 non-polymer 'NICKEL (II) ION'
3 non-polymer "3,5,7,3',4'-PENTAHYDROXYFLAVONE"
4 water water
#
_entity_poly.entity_id   1
_entity_poly.type   'polypeptide(L)'
_entity_poly.pdbx_seq_one_letter_code
;MTIEYATRHRARSFIPPEPGKPYFIEKGLGDRAHLFGDLITIYAGGEQTENTFNFFTCEGPKGEVIPAHSHADTYEVFYI
TQGAVRLFVEDLEGEQHEKLLTPGDFGFVPKNCVHAYRMERHHSQVVGVAAGPGGTFERFFESLGTPAEELGLPVRPFVP
EPEKFRTVPEQYDVRFRPDHQWHTGS
;
_entity_poly.pdbx_strand_id   A,B,C,D,E,F,G,H,I,J,K,L
#
# COMPACT_ATOMS: atom_id res chain seq x y z
N ILE A 3 -33.03 -23.73 -18.19
CA ILE A 3 -33.43 -23.97 -19.57
C ILE A 3 -32.25 -24.50 -20.40
N GLU A 4 -32.45 -25.65 -21.03
CA GLU A 4 -31.42 -26.31 -21.85
C GLU A 4 -31.51 -25.89 -23.32
N TYR A 5 -30.35 -25.80 -23.98
CA TYR A 5 -30.31 -25.44 -25.39
C TYR A 5 -29.63 -26.52 -26.23
N ALA A 6 -29.98 -26.55 -27.51
CA ALA A 6 -29.21 -27.31 -28.50
C ALA A 6 -28.30 -26.32 -29.22
N THR A 7 -27.04 -26.68 -29.39
CA THR A 7 -26.06 -25.77 -29.96
C THR A 7 -25.29 -26.50 -31.03
N ARG A 8 -24.37 -25.81 -31.67
CA ARG A 8 -23.51 -26.45 -32.66
C ARG A 8 -22.68 -27.60 -32.06
N HIS A 9 -22.48 -27.58 -30.74
CA HIS A 9 -21.55 -28.49 -30.07
C HIS A 9 -22.23 -29.60 -29.26
N ARG A 10 -23.48 -29.36 -28.82
CA ARG A 10 -24.17 -30.30 -27.94
C ARG A 10 -25.67 -30.36 -28.19
N ALA A 11 -26.22 -31.55 -28.11
CA ALA A 11 -27.66 -31.74 -28.06
C ALA A 11 -28.26 -31.00 -26.86
N ARG A 12 -27.55 -31.04 -25.74
CA ARG A 12 -28.00 -30.35 -24.53
C ARG A 12 -26.86 -29.55 -23.92
N SER A 13 -27.05 -28.24 -23.80
CA SER A 13 -26.02 -27.38 -23.26
C SER A 13 -26.66 -26.22 -22.52
N PHE A 14 -25.93 -25.66 -21.57
CA PHE A 14 -26.40 -24.50 -20.81
C PHE A 14 -25.74 -23.24 -21.35
N ILE A 15 -24.88 -23.41 -22.35
CA ILE A 15 -24.33 -22.26 -23.06
C ILE A 15 -25.32 -21.94 -24.18
N PRO A 16 -25.97 -20.77 -24.06
CA PRO A 16 -26.94 -20.37 -25.10
C PRO A 16 -26.23 -20.21 -26.45
N PRO A 17 -26.90 -20.57 -27.55
CA PRO A 17 -26.22 -20.45 -28.84
C PRO A 17 -26.11 -19.00 -29.33
N GLU A 18 -27.09 -18.16 -28.98
CA GLU A 18 -27.09 -16.77 -29.43
C GLU A 18 -26.05 -15.91 -28.70
N PRO A 19 -25.22 -15.18 -29.47
CA PRO A 19 -24.31 -14.19 -28.88
C PRO A 19 -25.06 -13.07 -28.18
N GLY A 20 -24.40 -12.39 -27.25
CA GLY A 20 -25.01 -11.25 -26.57
C GLY A 20 -26.07 -11.60 -25.54
N LYS A 21 -26.14 -12.89 -25.19
CA LYS A 21 -27.08 -13.37 -24.18
C LYS A 21 -26.34 -13.71 -22.87
N PRO A 22 -26.77 -13.10 -21.76
CA PRO A 22 -26.17 -13.42 -20.47
C PRO A 22 -26.72 -14.71 -19.93
N TYR A 23 -25.90 -15.47 -19.21
CA TYR A 23 -26.32 -16.76 -18.70
C TYR A 23 -25.56 -17.15 -17.42
N PHE A 24 -26.14 -18.09 -16.65
CA PHE A 24 -25.47 -18.67 -15.49
C PHE A 24 -25.41 -20.19 -15.68
N ILE A 25 -24.34 -20.82 -15.19
CA ILE A 25 -24.27 -22.27 -15.19
C ILE A 25 -23.85 -22.77 -13.81
N GLU A 26 -24.61 -23.69 -13.22
CA GLU A 26 -24.22 -24.27 -11.94
C GLU A 26 -22.99 -25.15 -12.10
N LYS A 27 -22.19 -25.23 -11.04
CA LYS A 27 -20.99 -26.07 -10.96
C LYS A 27 -21.13 -27.42 -11.67
N GLY A 28 -20.24 -27.69 -12.62
CA GLY A 28 -20.18 -28.95 -13.34
C GLY A 28 -20.94 -29.01 -14.66
N LEU A 29 -21.88 -28.08 -14.86
CA LEU A 29 -22.83 -28.24 -15.97
C LEU A 29 -22.47 -27.49 -17.25
N GLY A 30 -21.21 -27.09 -17.41
CA GLY A 30 -20.78 -26.57 -18.69
C GLY A 30 -20.65 -27.76 -19.64
N ASP A 31 -20.33 -27.52 -20.91
CA ASP A 31 -20.11 -28.62 -21.87
C ASP A 31 -18.93 -29.48 -21.40
N ARG A 32 -19.12 -30.80 -21.42
CA ARG A 32 -18.09 -31.70 -20.89
C ARG A 32 -17.36 -32.52 -21.97
N ALA A 33 -16.06 -32.73 -21.76
CA ALA A 33 -15.22 -33.53 -22.66
C ALA A 33 -14.31 -34.42 -21.83
N HIS A 34 -14.04 -35.61 -22.32
CA HIS A 34 -13.07 -36.51 -21.70
C HIS A 34 -11.82 -36.61 -22.56
N LEU A 35 -10.66 -36.55 -21.93
CA LEU A 35 -9.41 -36.75 -22.65
C LEU A 35 -8.46 -37.47 -21.69
N PHE A 36 -8.06 -38.69 -22.07
CA PHE A 36 -7.40 -39.59 -21.12
C PHE A 36 -8.22 -39.69 -19.86
N GLY A 37 -7.59 -39.51 -18.70
CA GLY A 37 -8.34 -39.62 -17.44
C GLY A 37 -9.05 -38.34 -17.02
N ASP A 38 -8.85 -37.28 -17.79
CA ASP A 38 -9.34 -35.96 -17.37
C ASP A 38 -10.73 -35.55 -17.88
N LEU A 39 -11.45 -34.81 -17.03
CA LEU A 39 -12.70 -34.21 -17.41
C LEU A 39 -12.49 -32.72 -17.68
N ILE A 40 -12.85 -32.28 -18.88
CA ILE A 40 -12.76 -30.86 -19.21
C ILE A 40 -14.17 -30.27 -19.30
N THR A 41 -14.39 -29.16 -18.61
CA THR A 41 -15.72 -28.54 -18.58
C THR A 41 -15.64 -27.11 -19.12
N ILE A 42 -16.38 -26.82 -20.19
CA ILE A 42 -16.34 -25.51 -20.86
C ILE A 42 -17.52 -24.65 -20.45
N TYR A 43 -17.25 -23.47 -19.91
CA TYR A 43 -18.33 -22.56 -19.48
C TYR A 43 -18.61 -21.43 -20.47
N ALA A 44 -17.56 -20.99 -21.15
CA ALA A 44 -17.69 -19.99 -22.23
C ALA A 44 -16.68 -20.30 -23.31
N GLY A 45 -17.13 -20.23 -24.57
CA GLY A 45 -16.25 -20.44 -25.70
C GLY A 45 -16.09 -19.19 -26.56
N GLY A 46 -15.36 -19.32 -27.67
CA GLY A 46 -15.13 -18.22 -28.60
C GLY A 46 -16.40 -17.55 -29.13
N GLU A 47 -17.47 -18.32 -29.27
CA GLU A 47 -18.73 -17.76 -29.73
C GLU A 47 -19.33 -16.75 -28.75
N GLN A 48 -18.91 -16.81 -27.49
CA GLN A 48 -19.51 -15.97 -26.46
C GLN A 48 -18.81 -14.61 -26.37
N THR A 49 -17.57 -14.56 -26.84
CA THR A 49 -16.68 -13.42 -26.60
C THR A 49 -16.08 -12.83 -27.88
N GLU A 50 -16.78 -13.00 -29.00
CA GLU A 50 -16.24 -12.66 -30.31
C GLU A 50 -14.84 -13.23 -30.47
N ASN A 51 -14.69 -14.50 -30.08
CA ASN A 51 -13.44 -15.22 -30.28
C ASN A 51 -12.24 -14.56 -29.61
N THR A 52 -12.49 -13.93 -28.46
CA THR A 52 -11.43 -13.25 -27.74
C THR A 52 -10.85 -14.11 -26.64
N PHE A 53 -11.72 -14.77 -25.89
CA PHE A 53 -11.25 -15.62 -24.81
C PHE A 53 -12.28 -16.71 -24.48
N ASN A 54 -11.87 -17.65 -23.65
CA ASN A 54 -12.79 -18.71 -23.20
C ASN A 54 -12.65 -18.87 -21.68
N PHE A 55 -13.28 -19.91 -21.13
CA PHE A 55 -13.19 -20.23 -19.71
C PHE A 55 -13.64 -21.67 -19.53
N PHE A 56 -12.76 -22.47 -18.93
CA PHE A 56 -13.01 -23.89 -18.74
C PHE A 56 -12.27 -24.41 -17.52
N THR A 57 -12.62 -25.60 -17.07
CA THR A 57 -11.88 -26.24 -16.00
C THR A 57 -11.32 -27.58 -16.45
N CYS A 58 -10.26 -28.01 -15.80
CA CYS A 58 -9.71 -29.33 -16.03
CA CYS A 58 -9.72 -29.34 -16.04
C CYS A 58 -9.58 -30.06 -14.70
N GLU A 59 -10.17 -31.25 -14.61
CA GLU A 59 -10.16 -32.06 -13.38
C GLU A 59 -9.73 -33.48 -13.73
N GLY A 60 -9.02 -34.14 -12.82
CA GLY A 60 -8.57 -35.51 -13.05
C GLY A 60 -8.03 -36.21 -11.82
N PRO A 61 -7.73 -37.51 -11.95
CA PRO A 61 -7.16 -38.34 -10.88
C PRO A 61 -5.72 -37.96 -10.60
N LYS A 62 -5.17 -38.40 -9.48
CA LYS A 62 -3.73 -38.29 -9.28
C LYS A 62 -3.16 -39.10 -10.42
N GLY A 63 -2.21 -38.51 -11.14
CA GLY A 63 -1.72 -39.17 -12.34
C GLY A 63 -0.28 -38.85 -12.69
N GLU A 64 0.03 -38.97 -13.97
CA GLU A 64 1.38 -38.74 -14.46
C GLU A 64 1.37 -37.48 -15.33
N VAL A 65 2.55 -36.99 -15.65
CA VAL A 65 2.69 -35.81 -16.51
C VAL A 65 1.95 -35.98 -17.84
N ILE A 66 1.12 -35.01 -18.20
CA ILE A 66 0.61 -34.94 -19.57
C ILE A 66 1.80 -34.64 -20.49
N PRO A 67 1.71 -35.06 -21.76
CA PRO A 67 2.89 -34.88 -22.60
C PRO A 67 3.22 -33.42 -22.83
N ALA A 68 4.51 -33.09 -22.82
CA ALA A 68 4.97 -31.78 -23.21
C ALA A 68 4.37 -31.42 -24.56
N HIS A 69 4.13 -30.13 -24.75
CA HIS A 69 3.51 -29.64 -25.96
C HIS A 69 3.63 -28.12 -25.94
N SER A 70 3.22 -27.47 -27.02
CA SER A 70 3.36 -26.03 -27.12
C SER A 70 2.25 -25.50 -28.01
N HIS A 71 1.96 -24.22 -27.87
CA HIS A 71 1.01 -23.56 -28.74
C HIS A 71 1.73 -22.40 -29.40
N ALA A 72 1.45 -22.16 -30.68
CA ALA A 72 2.22 -21.16 -31.40
C ALA A 72 1.53 -19.80 -31.37
N ASP A 73 0.23 -19.79 -31.08
CA ASP A 73 -0.52 -18.55 -31.11
C ASP A 73 -1.40 -18.37 -29.87
N THR A 74 -1.20 -19.22 -28.88
CA THR A 74 -2.15 -19.32 -27.77
C THR A 74 -1.49 -19.18 -26.40
N TYR A 75 -2.02 -18.28 -25.60
CA TYR A 75 -1.50 -18.05 -24.24
C TYR A 75 -2.41 -18.79 -23.29
N GLU A 76 -1.87 -19.36 -22.21
CA GLU A 76 -2.76 -20.06 -21.28
C GLU A 76 -2.51 -19.85 -19.78
N VAL A 77 -3.61 -19.77 -19.04
CA VAL A 77 -3.63 -19.64 -17.59
C VAL A 77 -3.83 -21.00 -16.94
N PHE A 78 -3.11 -21.26 -15.85
CA PHE A 78 -3.43 -22.37 -14.95
C PHE A 78 -3.76 -21.79 -13.58
N TYR A 79 -5.03 -21.84 -13.19
CA TYR A 79 -5.38 -21.35 -11.86
C TYR A 79 -6.00 -22.49 -11.07
N ILE A 80 -5.26 -22.99 -10.08
CA ILE A 80 -5.70 -24.17 -9.34
C ILE A 80 -6.87 -23.86 -8.40
N THR A 81 -7.88 -24.71 -8.44
CA THR A 81 -9.02 -24.57 -7.52
C THR A 81 -9.13 -25.73 -6.55
N GLN A 82 -8.62 -26.91 -6.93
CA GLN A 82 -8.63 -28.07 -6.03
C GLN A 82 -7.37 -28.93 -6.13
N GLY A 83 -7.10 -29.70 -5.07
CA GLY A 83 -5.93 -30.56 -5.03
C GLY A 83 -4.62 -29.80 -5.19
N ALA A 84 -3.72 -30.36 -5.99
CA ALA A 84 -2.40 -29.76 -6.17
C ALA A 84 -1.83 -30.23 -7.51
N VAL A 85 -1.31 -29.29 -8.29
CA VAL A 85 -0.89 -29.57 -9.66
C VAL A 85 0.51 -29.05 -9.91
N ARG A 86 1.42 -29.92 -10.35
CA ARG A 86 2.78 -29.47 -10.67
C ARG A 86 2.87 -29.02 -12.13
N LEU A 87 3.19 -27.74 -12.34
CA LEU A 87 3.31 -27.18 -13.69
C LEU A 87 4.77 -27.10 -14.15
N PHE A 88 5.06 -27.68 -15.31
CA PHE A 88 6.39 -27.59 -15.92
C PHE A 88 6.32 -26.70 -17.14
N VAL A 89 7.29 -25.79 -17.28
CA VAL A 89 7.36 -24.91 -18.43
C VAL A 89 8.81 -24.67 -18.80
N GLU A 90 9.09 -24.52 -20.09
CA GLU A 90 10.42 -24.14 -20.55
C GLU A 90 10.33 -22.77 -21.19
N ASP A 91 11.11 -21.80 -20.70
CA ASP A 91 11.07 -20.47 -21.29
C ASP A 91 11.73 -20.42 -22.67
N LEU A 92 11.80 -19.22 -23.26
CA LEU A 92 12.31 -19.09 -24.61
C LEU A 92 13.84 -19.17 -24.69
N GLU A 93 14.51 -18.98 -23.56
CA GLU A 93 15.96 -19.08 -23.50
C GLU A 93 16.38 -20.51 -23.17
N GLY A 94 15.45 -21.45 -23.34
CA GLY A 94 15.74 -22.86 -23.08
C GLY A 94 15.70 -23.27 -21.62
N GLU A 95 15.59 -22.30 -20.72
CA GLU A 95 15.59 -22.58 -19.28
C GLU A 95 14.27 -23.17 -18.79
N GLN A 96 14.35 -24.25 -18.01
CA GLN A 96 13.15 -24.95 -17.52
C GLN A 96 12.80 -24.61 -16.09
N HIS A 97 11.50 -24.59 -15.79
CA HIS A 97 11.01 -24.31 -14.46
C HIS A 97 9.82 -25.21 -14.13
N GLU A 98 9.67 -25.56 -12.86
CA GLU A 98 8.53 -26.33 -12.39
C GLU A 98 8.08 -25.76 -11.05
N LYS A 99 6.80 -25.90 -10.72
CA LYS A 99 6.30 -25.45 -9.43
C LYS A 99 5.04 -26.20 -9.07
N LEU A 100 4.93 -26.56 -7.80
CA LEU A 100 3.71 -27.21 -7.33
C LEU A 100 2.72 -26.11 -6.98
N LEU A 101 1.63 -26.06 -7.73
CA LEU A 101 0.61 -25.03 -7.53
C LEU A 101 -0.51 -25.59 -6.65
N THR A 102 -0.80 -24.86 -5.57
CA THR A 102 -1.88 -25.26 -4.66
C THR A 102 -3.05 -24.31 -4.89
N PRO A 103 -4.25 -24.63 -4.38
CA PRO A 103 -5.40 -23.81 -4.77
C PRO A 103 -5.26 -22.31 -4.50
N GLY A 104 -5.47 -21.53 -5.54
CA GLY A 104 -5.31 -20.09 -5.44
C GLY A 104 -4.00 -19.68 -6.08
N ASP A 105 -3.10 -20.64 -6.28
CA ASP A 105 -1.84 -20.38 -7.00
C ASP A 105 -2.13 -20.22 -8.50
N PHE A 106 -1.24 -19.56 -9.22
CA PHE A 106 -1.46 -19.17 -10.62
C PHE A 106 -0.22 -19.49 -11.45
N GLY A 107 -0.43 -20.04 -12.64
CA GLY A 107 0.67 -20.28 -13.56
C GLY A 107 0.36 -19.75 -14.96
N PHE A 108 1.35 -19.16 -15.62
CA PHE A 108 1.12 -18.61 -16.95
C PHE A 108 2.14 -19.13 -17.95
N VAL A 109 1.63 -19.72 -19.03
CA VAL A 109 2.44 -20.25 -20.12
C VAL A 109 2.19 -19.42 -21.37
N PRO A 110 3.17 -18.60 -21.77
CA PRO A 110 3.00 -17.80 -22.99
C PRO A 110 3.14 -18.69 -24.24
N LYS A 111 2.73 -18.18 -25.40
CA LYS A 111 2.83 -18.94 -26.64
C LYS A 111 4.29 -19.32 -26.96
N ASN A 112 4.47 -20.47 -27.61
CA ASN A 112 5.78 -21.01 -27.99
C ASN A 112 6.59 -21.61 -26.85
N CYS A 113 6.02 -21.60 -25.66
CA CYS A 113 6.70 -22.21 -24.53
C CYS A 113 6.23 -23.65 -24.35
N VAL A 114 7.18 -24.57 -24.31
CA VAL A 114 6.86 -25.97 -24.11
C VAL A 114 6.43 -26.13 -22.65
N HIS A 115 5.32 -26.83 -22.45
CA HIS A 115 4.79 -27.00 -21.09
C HIS A 115 4.14 -28.37 -20.85
N ALA A 116 4.00 -28.70 -19.57
CA ALA A 116 3.28 -29.90 -19.16
C ALA A 116 2.92 -29.82 -17.67
N TYR A 117 1.94 -30.62 -17.26
CA TYR A 117 1.54 -30.64 -15.86
C TYR A 117 1.22 -32.04 -15.32
N ARG A 118 1.27 -32.17 -14.01
CA ARG A 118 0.95 -33.42 -13.35
C ARG A 118 0.05 -33.10 -12.18
N MET A 119 -1.10 -33.76 -12.13
CA MET A 119 -1.97 -33.66 -10.99
C MET A 119 -1.45 -34.53 -9.86
N GLU A 120 -1.19 -33.93 -8.70
CA GLU A 120 -0.57 -34.69 -7.62
C GLU A 120 -1.50 -34.99 -6.44
N ARG A 121 -2.79 -34.75 -6.65
CA ARG A 121 -3.82 -35.14 -5.69
C ARG A 121 -5.03 -35.65 -6.47
N HIS A 122 -5.73 -36.62 -5.91
CA HIS A 122 -6.91 -37.13 -6.59
C HIS A 122 -7.95 -36.02 -6.73
N HIS A 123 -8.58 -35.98 -7.89
CA HIS A 123 -9.58 -34.95 -8.23
C HIS A 123 -9.07 -33.53 -7.96
N SER A 124 -7.88 -33.26 -8.47
CA SER A 124 -7.35 -31.91 -8.57
C SER A 124 -8.13 -31.17 -9.67
N GLN A 125 -8.14 -29.85 -9.62
CA GLN A 125 -8.91 -29.07 -10.57
C GLN A 125 -8.18 -27.78 -10.92
N VAL A 126 -8.14 -27.48 -12.22
CA VAL A 126 -7.48 -26.28 -12.71
C VAL A 126 -8.50 -25.44 -13.45
N VAL A 127 -8.52 -24.13 -13.20
CA VAL A 127 -9.29 -23.21 -14.03
C VAL A 127 -8.38 -22.74 -15.15
N GLY A 128 -8.90 -22.74 -16.38
CA GLY A 128 -8.10 -22.36 -17.54
C GLY A 128 -8.72 -21.31 -18.46
N VAL A 129 -7.84 -20.54 -19.09
CA VAL A 129 -8.20 -19.66 -20.20
C VAL A 129 -7.08 -19.92 -21.19
N ALA A 130 -7.45 -20.12 -22.46
CA ALA A 130 -6.45 -20.37 -23.48
C ALA A 130 -6.89 -19.67 -24.77
N ALA A 131 -6.21 -18.58 -25.10
CA ALA A 131 -6.63 -17.77 -26.22
C ALA A 131 -5.44 -16.99 -26.73
N GLY A 132 -5.66 -16.21 -27.79
CA GLY A 132 -4.58 -15.49 -28.40
C GLY A 132 -4.96 -14.96 -29.77
N PRO A 133 -3.96 -14.53 -30.54
CA PRO A 133 -4.23 -14.07 -31.91
C PRO A 133 -4.79 -15.20 -32.76
N GLY A 134 -4.52 -16.46 -32.40
CA GLY A 134 -5.04 -17.58 -33.17
C GLY A 134 -6.47 -17.97 -32.84
N GLY A 135 -7.16 -17.14 -32.06
CA GLY A 135 -8.51 -17.46 -31.61
C GLY A 135 -8.56 -18.33 -30.38
N THR A 136 -9.73 -18.85 -30.02
CA THR A 136 -9.84 -19.63 -28.79
C THR A 136 -9.77 -21.15 -28.99
N PHE A 137 -9.46 -21.85 -27.91
CA PHE A 137 -8.85 -23.17 -28.00
C PHE A 137 -9.74 -24.32 -27.52
N GLU A 138 -10.84 -23.97 -26.85
CA GLU A 138 -11.58 -24.88 -25.98
C GLU A 138 -12.13 -26.19 -26.59
N ARG A 139 -12.46 -26.19 -27.89
CA ARG A 139 -13.01 -27.42 -28.49
C ARG A 139 -11.93 -28.42 -28.87
N PHE A 140 -10.67 -28.06 -28.68
CA PHE A 140 -9.60 -29.04 -28.85
C PHE A 140 -9.85 -30.33 -28.07
N PHE A 141 -10.27 -30.19 -26.81
CA PHE A 141 -10.35 -31.33 -25.91
C PHE A 141 -11.35 -32.39 -26.39
N GLU A 142 -12.50 -31.95 -26.87
CA GLU A 142 -13.51 -32.90 -27.33
C GLU A 142 -13.17 -33.41 -28.74
N SER A 143 -12.35 -32.64 -29.47
CA SER A 143 -11.87 -33.06 -30.79
C SER A 143 -10.81 -34.18 -30.71
N LEU A 144 -9.79 -33.98 -29.88
CA LEU A 144 -8.80 -35.03 -29.64
C LEU A 144 -9.39 -36.12 -28.79
N GLY A 145 -10.17 -35.72 -27.79
CA GLY A 145 -10.86 -36.68 -26.93
C GLY A 145 -12.26 -36.90 -27.43
N THR A 146 -13.22 -36.86 -26.50
CA THR A 146 -14.62 -37.03 -26.89
C THR A 146 -15.52 -36.16 -26.03
N PRO A 147 -16.64 -35.70 -26.60
CA PRO A 147 -17.60 -34.99 -25.74
C PRO A 147 -18.17 -36.01 -24.77
N ALA A 148 -18.76 -35.54 -23.66
CA ALA A 148 -19.37 -36.46 -22.70
C ALA A 148 -20.67 -35.89 -22.14
N GLU A 149 -21.67 -36.75 -21.97
CA GLU A 149 -22.96 -36.31 -21.46
C GLU A 149 -23.05 -36.55 -19.96
N GLU A 150 -22.27 -37.50 -19.48
CA GLU A 150 -22.28 -37.88 -18.07
C GLU A 150 -21.56 -36.81 -17.25
N LEU A 151 -21.90 -36.71 -15.97
CA LEU A 151 -21.13 -35.91 -15.03
C LEU A 151 -20.01 -36.75 -14.47
N GLY A 152 -18.99 -36.09 -13.92
CA GLY A 152 -17.95 -36.80 -13.19
C GLY A 152 -16.79 -37.21 -14.03
N LEU A 153 -15.73 -37.67 -13.37
CA LEU A 153 -14.55 -38.12 -14.07
C LEU A 153 -14.91 -39.31 -14.96
N PRO A 154 -14.17 -39.50 -16.05
CA PRO A 154 -14.48 -40.62 -16.95
C PRO A 154 -14.18 -41.96 -16.27
N VAL A 155 -15.10 -42.91 -16.44
CA VAL A 155 -14.97 -44.23 -15.84
C VAL A 155 -13.75 -44.98 -16.36
N ARG A 156 -13.56 -44.94 -17.67
CA ARG A 156 -12.34 -45.41 -18.28
C ARG A 156 -11.73 -44.26 -19.06
N PRO A 157 -10.39 -44.12 -19.00
CA PRO A 157 -9.70 -43.04 -19.71
C PRO A 157 -10.05 -43.05 -21.20
N PHE A 158 -10.02 -41.90 -21.85
CA PHE A 158 -10.18 -41.91 -23.30
C PHE A 158 -8.82 -41.70 -23.97
N VAL A 159 -8.31 -42.77 -24.57
CA VAL A 159 -7.07 -42.71 -25.34
C VAL A 159 -7.44 -42.43 -26.79
N PRO A 160 -7.01 -41.29 -27.34
CA PRO A 160 -7.37 -41.03 -28.74
C PRO A 160 -6.70 -42.03 -29.69
N GLU A 161 -7.31 -42.22 -30.86
CA GLU A 161 -6.69 -42.97 -31.93
C GLU A 161 -5.41 -42.22 -32.32
N PRO A 162 -4.33 -42.96 -32.63
CA PRO A 162 -3.07 -42.32 -33.04
C PRO A 162 -3.24 -41.40 -34.26
N GLU A 163 -4.24 -41.68 -35.09
CA GLU A 163 -4.55 -40.85 -36.26
C GLU A 163 -5.17 -39.51 -35.82
N LYS A 164 -5.75 -39.48 -34.62
CA LYS A 164 -6.28 -38.23 -34.08
C LYS A 164 -5.14 -37.27 -33.72
N PHE A 165 -4.06 -37.81 -33.15
CA PHE A 165 -2.89 -36.98 -32.81
C PHE A 165 -2.26 -36.39 -34.06
N ARG A 166 -2.43 -37.08 -35.19
CA ARG A 166 -1.88 -36.62 -36.45
C ARG A 166 -2.69 -35.44 -36.98
N THR A 167 -4.01 -35.60 -36.95
CA THR A 167 -4.91 -34.67 -37.63
C THR A 167 -5.48 -33.55 -36.74
N VAL A 168 -5.54 -33.78 -35.43
CA VAL A 168 -6.06 -32.73 -34.54
C VAL A 168 -5.27 -31.41 -34.51
N PRO A 169 -3.92 -31.44 -34.59
CA PRO A 169 -3.21 -30.15 -34.55
C PRO A 169 -3.27 -29.36 -35.86
N GLU A 170 -3.74 -29.96 -36.94
CA GLU A 170 -3.91 -29.22 -38.19
C GLU A 170 -5.14 -28.32 -38.10
N GLN A 171 -5.72 -28.23 -36.90
CA GLN A 171 -6.79 -27.25 -36.64
C GLN A 171 -6.89 -26.67 -35.22
N TYR A 172 -6.02 -27.05 -34.28
CA TYR A 172 -6.21 -26.50 -32.94
C TYR A 172 -5.05 -25.78 -32.25
N ASP A 173 -3.99 -25.49 -32.99
CA ASP A 173 -2.82 -24.81 -32.43
C ASP A 173 -2.25 -25.58 -31.25
N VAL A 174 -1.91 -26.84 -31.48
CA VAL A 174 -1.16 -27.62 -30.52
C VAL A 174 -0.01 -28.29 -31.24
N ARG A 175 1.18 -28.25 -30.63
CA ARG A 175 2.29 -29.01 -31.19
C ARG A 175 2.85 -29.92 -30.11
N PHE A 176 2.56 -31.22 -30.21
CA PHE A 176 3.09 -32.19 -29.27
C PHE A 176 4.59 -32.33 -29.41
N ARG A 177 5.26 -32.49 -28.28
CA ARG A 177 6.71 -32.58 -28.26
C ARG A 177 7.11 -33.89 -27.60
N PRO A 178 6.97 -34.99 -28.35
CA PRO A 178 7.21 -36.32 -27.78
C PRO A 178 8.66 -36.50 -27.39
N ASP A 179 9.55 -35.70 -27.98
CA ASP A 179 10.98 -35.86 -27.72
C ASP A 179 11.54 -34.90 -26.66
N HIS A 180 10.66 -34.17 -25.99
CA HIS A 180 11.06 -33.23 -24.95
C HIS A 180 11.51 -33.91 -23.67
N GLN A 181 12.54 -33.36 -23.02
CA GLN A 181 13.02 -33.88 -21.75
C GLN A 181 12.96 -32.82 -20.65
N TRP A 182 12.29 -33.13 -19.53
CA TRP A 182 12.33 -32.26 -18.36
C TRP A 182 13.53 -32.61 -17.47
N HIS A 183 14.19 -31.61 -16.91
CA HIS A 183 15.37 -31.82 -16.09
C HIS A 183 15.14 -31.40 -14.65
N THR A 184 14.02 -30.73 -14.41
CA THR A 184 13.74 -30.07 -13.14
C THR A 184 13.61 -31.01 -11.92
N GLY A 185 13.24 -30.45 -10.77
CA GLY A 185 13.16 -31.23 -9.54
C GLY A 185 11.80 -31.83 -9.28
N ILE B 3 28.44 -12.95 -29.69
CA ILE B 3 27.28 -12.07 -29.80
C ILE B 3 26.10 -12.79 -30.44
N GLU B 4 26.30 -14.07 -30.75
CA GLU B 4 25.26 -14.83 -31.44
C GLU B 4 24.41 -15.66 -30.49
N TYR B 5 23.10 -15.61 -30.69
CA TYR B 5 22.19 -16.39 -29.87
C TYR B 5 21.63 -17.56 -30.66
N ALA B 6 21.01 -18.50 -29.96
CA ALA B 6 20.25 -19.55 -30.61
C ALA B 6 18.79 -19.32 -30.26
N THR B 7 17.92 -19.36 -31.26
CA THR B 7 16.50 -19.15 -31.05
C THR B 7 15.76 -20.29 -31.70
N ARG B 8 14.43 -20.29 -31.61
CA ARG B 8 13.65 -21.36 -32.21
C ARG B 8 13.66 -21.28 -33.75
N HIS B 9 14.06 -20.13 -34.28
CA HIS B 9 14.07 -19.93 -35.74
C HIS B 9 15.42 -20.26 -36.35
N ARG B 10 16.49 -20.04 -35.59
CA ARG B 10 17.85 -20.18 -36.11
C ARG B 10 18.79 -20.77 -35.06
N ALA B 11 19.73 -21.59 -35.52
CA ALA B 11 20.81 -22.05 -34.65
C ALA B 11 21.71 -20.87 -34.32
N ARG B 12 21.90 -20.00 -35.30
CA ARG B 12 22.66 -18.77 -35.10
C ARG B 12 21.86 -17.55 -35.54
N SER B 13 21.68 -16.62 -34.62
CA SER B 13 20.88 -15.43 -34.89
C SER B 13 21.41 -14.27 -34.07
N PHE B 14 21.23 -13.05 -34.57
CA PHE B 14 21.58 -11.87 -33.78
C PHE B 14 20.35 -11.25 -33.12
N ILE B 15 19.20 -11.85 -33.36
CA ILE B 15 17.99 -11.54 -32.61
C ILE B 15 17.97 -12.41 -31.36
N PRO B 16 18.00 -11.79 -30.17
CA PRO B 16 17.95 -12.58 -28.94
C PRO B 16 16.60 -13.28 -28.78
N PRO B 17 16.62 -14.51 -28.23
CA PRO B 17 15.39 -15.28 -28.06
C PRO B 17 14.42 -14.68 -27.06
N GLU B 18 14.91 -14.05 -26.00
CA GLU B 18 13.99 -13.47 -25.03
C GLU B 18 13.53 -12.05 -25.41
N PRO B 19 12.20 -11.85 -25.43
CA PRO B 19 11.59 -10.54 -25.65
C PRO B 19 11.98 -9.55 -24.55
N GLY B 20 11.92 -8.26 -24.86
CA GLY B 20 12.11 -7.22 -23.87
C GLY B 20 13.53 -6.69 -23.83
N LYS B 21 14.38 -7.24 -24.70
CA LYS B 21 15.82 -7.01 -24.68
C LYS B 21 16.33 -6.18 -25.87
N PRO B 22 17.12 -5.13 -25.59
CA PRO B 22 17.72 -4.32 -26.65
C PRO B 22 18.81 -5.07 -27.41
N TYR B 23 18.86 -4.89 -28.72
CA TYR B 23 19.91 -5.53 -29.51
C TYR B 23 20.29 -4.65 -30.70
N PHE B 24 21.50 -4.85 -31.23
CA PHE B 24 21.91 -4.21 -32.48
C PHE B 24 22.27 -5.29 -33.49
N ILE B 25 22.03 -4.99 -34.76
CA ILE B 25 22.40 -5.91 -35.83
C ILE B 25 23.01 -5.16 -37.00
N GLU B 26 24.25 -5.51 -37.32
CA GLU B 26 24.93 -4.89 -38.44
C GLU B 26 24.32 -5.32 -39.76
N LYS B 27 24.39 -4.41 -40.73
CA LYS B 27 23.92 -4.60 -42.11
C LYS B 27 24.08 -6.03 -42.63
N GLY B 28 22.95 -6.63 -43.00
CA GLY B 28 22.94 -7.95 -43.63
C GLY B 28 22.75 -9.13 -42.68
N LEU B 29 22.94 -8.90 -41.38
CA LEU B 29 23.07 -9.99 -40.43
C LEU B 29 21.80 -10.38 -39.63
N GLY B 30 20.63 -9.96 -40.12
CA GLY B 30 19.39 -10.46 -39.54
C GLY B 30 19.12 -11.88 -40.02
N ASP B 31 18.06 -12.51 -39.53
CA ASP B 31 17.71 -13.86 -39.96
C ASP B 31 17.38 -13.86 -41.46
N ARG B 32 17.99 -14.76 -42.22
CA ARG B 32 17.83 -14.70 -43.67
C ARG B 32 17.00 -15.83 -44.24
N ALA B 33 16.23 -15.50 -45.28
CA ALA B 33 15.43 -16.49 -46.00
C ALA B 33 15.66 -16.31 -47.50
N HIS B 34 15.52 -17.40 -48.25
CA HIS B 34 15.53 -17.27 -49.71
C HIS B 34 14.16 -17.67 -50.20
N LEU B 35 13.66 -16.92 -51.19
CA LEU B 35 12.41 -17.23 -51.85
C LEU B 35 12.56 -16.80 -53.30
N PHE B 36 12.53 -17.79 -54.20
CA PHE B 36 12.87 -17.55 -55.61
C PHE B 36 14.25 -16.90 -55.69
N GLY B 37 14.37 -15.85 -56.50
CA GLY B 37 15.64 -15.14 -56.62
C GLY B 37 15.95 -14.14 -55.51
N ASP B 38 15.07 -14.04 -54.52
CA ASP B 38 15.14 -12.97 -53.54
C ASP B 38 15.68 -13.37 -52.16
N LEU B 39 16.36 -12.42 -51.51
CA LEU B 39 16.85 -12.60 -50.16
C LEU B 39 16.03 -11.74 -49.19
N ILE B 40 15.38 -12.39 -48.23
CA ILE B 40 14.68 -11.65 -47.18
C ILE B 40 15.52 -11.68 -45.91
N THR B 41 15.65 -10.53 -45.26
CA THR B 41 16.43 -10.44 -44.03
C THR B 41 15.57 -9.80 -42.95
N ILE B 42 15.34 -10.54 -41.86
CA ILE B 42 14.48 -10.10 -40.78
C ILE B 42 15.29 -9.53 -39.61
N TYR B 43 15.03 -8.29 -39.21
CA TYR B 43 15.75 -7.68 -38.10
C TYR B 43 14.94 -7.67 -36.80
N ALA B 44 13.62 -7.66 -36.94
CA ALA B 44 12.73 -7.71 -35.80
C ALA B 44 11.47 -8.42 -36.24
N GLY B 45 10.99 -9.35 -35.42
CA GLY B 45 9.74 -10.03 -35.70
C GLY B 45 8.72 -9.80 -34.58
N GLY B 46 7.58 -10.48 -34.69
CA GLY B 46 6.52 -10.34 -33.70
C GLY B 46 6.96 -10.59 -32.26
N GLU B 47 7.90 -11.53 -32.07
CA GLU B 47 8.39 -11.86 -30.73
C GLU B 47 8.97 -10.64 -30.03
N GLN B 48 9.37 -9.65 -30.83
CA GLN B 48 10.06 -8.46 -30.33
C GLN B 48 9.11 -7.31 -30.01
N THR B 49 7.91 -7.35 -30.57
CA THR B 49 6.99 -6.23 -30.42
C THR B 49 5.63 -6.62 -29.86
N GLU B 50 5.57 -7.72 -29.10
CA GLU B 50 4.29 -8.26 -28.67
C GLU B 50 3.36 -8.44 -29.86
N ASN B 51 3.93 -8.91 -30.99
CA ASN B 51 3.15 -9.26 -32.17
C ASN B 51 2.46 -8.04 -32.77
N THR B 52 3.13 -6.90 -32.69
CA THR B 52 2.59 -5.65 -33.16
C THR B 52 3.08 -5.29 -34.56
N PHE B 53 4.38 -5.42 -34.77
CA PHE B 53 4.96 -5.12 -36.08
C PHE B 53 6.27 -5.86 -36.22
N ASN B 54 6.89 -5.73 -37.39
CA ASN B 54 8.16 -6.37 -37.66
C ASN B 54 9.00 -5.45 -38.50
N PHE B 55 10.14 -5.94 -38.96
CA PHE B 55 11.02 -5.10 -39.78
C PHE B 55 11.97 -6.00 -40.57
N PHE B 56 11.97 -5.83 -41.87
CA PHE B 56 12.78 -6.70 -42.73
C PHE B 56 13.11 -6.05 -44.06
N THR B 57 14.15 -6.57 -44.72
CA THR B 57 14.47 -6.11 -46.06
C THR B 57 14.23 -7.23 -47.08
N CYS B 58 13.95 -6.82 -48.31
CA CYS B 58 13.81 -7.75 -49.42
CA CYS B 58 13.83 -7.75 -49.41
C CYS B 58 14.69 -7.25 -50.57
N GLU B 59 15.62 -8.09 -51.01
CA GLU B 59 16.47 -7.72 -52.12
C GLU B 59 16.53 -8.86 -53.14
N GLY B 60 16.72 -8.50 -54.40
CA GLY B 60 16.70 -9.47 -55.47
C GLY B 60 17.23 -8.89 -56.77
N PRO B 61 17.29 -9.73 -57.81
CA PRO B 61 17.89 -9.36 -59.09
C PRO B 61 16.88 -8.56 -59.90
N LYS B 62 17.35 -7.87 -60.94
CA LYS B 62 16.42 -7.28 -61.88
C LYS B 62 15.61 -8.44 -62.44
N GLY B 63 14.29 -8.34 -62.47
CA GLY B 63 13.49 -9.51 -62.76
C GLY B 63 12.05 -9.22 -63.13
N GLU B 64 11.22 -10.25 -63.10
CA GLU B 64 9.81 -10.13 -63.45
C GLU B 64 8.94 -9.81 -62.23
N VAL B 65 7.73 -9.32 -62.50
CA VAL B 65 6.70 -9.19 -61.49
C VAL B 65 6.62 -10.45 -60.64
N ILE B 66 6.69 -10.31 -59.32
CA ILE B 66 6.39 -11.44 -58.46
C ILE B 66 4.90 -11.78 -58.60
N PRO B 67 4.45 -12.95 -58.11
CA PRO B 67 3.02 -13.20 -58.33
C PRO B 67 2.12 -12.23 -57.54
N ALA B 68 1.01 -11.79 -58.14
CA ALA B 68 0.04 -11.00 -57.39
C ALA B 68 -0.52 -11.78 -56.19
N HIS B 69 -0.84 -11.08 -55.11
CA HIS B 69 -1.38 -11.73 -53.93
C HIS B 69 -2.02 -10.68 -53.05
N SER B 70 -2.68 -11.13 -51.97
CA SER B 70 -3.28 -10.17 -51.06
C SER B 70 -3.27 -10.73 -49.65
N HIS B 71 -3.49 -9.84 -48.68
CA HIS B 71 -3.55 -10.25 -47.28
C HIS B 71 -4.86 -9.78 -46.71
N ALA B 72 -5.50 -10.63 -45.92
CA ALA B 72 -6.84 -10.35 -45.43
C ALA B 72 -6.81 -9.48 -44.19
N ASP B 73 -5.70 -9.53 -43.46
CA ASP B 73 -5.62 -8.87 -42.16
C ASP B 73 -4.27 -8.18 -41.96
N THR B 74 -3.55 -7.93 -43.05
CA THR B 74 -2.17 -7.45 -42.93
C THR B 74 -1.86 -6.24 -43.82
N TYR B 75 -1.23 -5.22 -43.24
CA TYR B 75 -0.85 -4.02 -43.96
C TYR B 75 0.63 -4.08 -44.31
N GLU B 76 0.96 -3.59 -45.51
CA GLU B 76 2.35 -3.64 -45.99
C GLU B 76 2.93 -2.30 -46.42
N VAL B 77 4.19 -2.13 -46.04
CA VAL B 77 4.96 -0.96 -46.40
C VAL B 77 6.05 -1.37 -47.37
N PHE B 78 6.22 -0.61 -48.45
CA PHE B 78 7.39 -0.71 -49.31
C PHE B 78 8.19 0.59 -49.22
N TYR B 79 9.41 0.50 -48.70
CA TYR B 79 10.27 1.67 -48.65
C TYR B 79 11.59 1.33 -49.32
N ILE B 80 11.83 1.97 -50.46
CA ILE B 80 12.96 1.58 -51.30
C ILE B 80 14.28 2.10 -50.75
N THR B 81 15.28 1.23 -50.61
CA THR B 81 16.61 1.67 -50.16
C THR B 81 17.70 1.52 -51.24
N GLN B 82 17.48 0.64 -52.21
CA GLN B 82 18.44 0.48 -53.31
C GLN B 82 17.74 0.14 -54.60
N GLY B 83 18.30 0.60 -55.71
CA GLY B 83 17.79 0.25 -57.02
C GLY B 83 16.51 1.01 -57.32
N ALA B 84 15.61 0.34 -58.04
CA ALA B 84 14.33 0.91 -58.41
C ALA B 84 13.30 -0.22 -58.49
N VAL B 85 12.15 -0.04 -57.85
CA VAL B 85 11.16 -1.12 -57.73
C VAL B 85 9.81 -0.61 -58.16
N ARG B 86 9.16 -1.31 -59.10
CA ARG B 86 7.86 -0.87 -59.59
C ARG B 86 6.80 -1.57 -58.74
N LEU B 87 5.91 -0.79 -58.13
CA LEU B 87 4.87 -1.34 -57.27
C LEU B 87 3.53 -1.25 -57.99
N PHE B 88 2.84 -2.39 -58.05
CA PHE B 88 1.50 -2.48 -58.63
C PHE B 88 0.51 -2.75 -57.52
N VAL B 89 -0.62 -2.05 -57.52
CA VAL B 89 -1.61 -2.24 -56.47
C VAL B 89 -3.03 -1.97 -56.98
N GLU B 90 -3.97 -2.80 -56.54
CA GLU B 90 -5.37 -2.63 -56.92
C GLU B 90 -6.17 -2.31 -55.68
N ASP B 91 -6.91 -1.20 -55.73
CA ASP B 91 -7.71 -0.83 -54.57
C ASP B 91 -8.92 -1.75 -54.38
N LEU B 92 -9.73 -1.42 -53.39
CA LEU B 92 -10.90 -2.21 -53.06
C LEU B 92 -11.99 -2.06 -54.11
N GLU B 93 -11.89 -1.01 -54.93
CA GLU B 93 -12.85 -0.76 -55.99
C GLU B 93 -12.34 -1.15 -57.38
N GLY B 94 -11.30 -1.99 -57.43
CA GLY B 94 -10.81 -2.50 -58.71
C GLY B 94 -9.84 -1.62 -59.50
N GLU B 95 -9.67 -0.37 -59.13
CA GLU B 95 -8.74 0.48 -59.89
C GLU B 95 -7.26 0.15 -59.59
N GLN B 96 -6.51 -0.06 -60.66
CA GLN B 96 -5.10 -0.43 -60.54
C GLN B 96 -4.19 0.80 -60.61
N HIS B 97 -3.08 0.74 -59.88
CA HIS B 97 -2.08 1.81 -59.90
C HIS B 97 -0.69 1.19 -59.99
N GLU B 98 0.22 1.86 -60.69
CA GLU B 98 1.62 1.44 -60.71
C GLU B 98 2.53 2.64 -60.51
N LYS B 99 3.66 2.41 -59.85
CA LYS B 99 4.65 3.48 -59.75
C LYS B 99 6.06 2.95 -59.58
N LEU B 100 6.98 3.50 -60.36
CA LEU B 100 8.40 3.23 -60.19
C LEU B 100 8.90 3.93 -58.91
N LEU B 101 9.21 3.13 -57.89
CA LEU B 101 9.66 3.67 -56.61
C LEU B 101 11.18 3.59 -56.50
N THR B 102 11.83 4.74 -56.34
CA THR B 102 13.27 4.86 -56.25
C THR B 102 13.64 5.11 -54.78
N PRO B 103 14.94 5.03 -54.41
CA PRO B 103 15.22 5.05 -52.96
C PRO B 103 14.76 6.31 -52.23
N GLY B 104 14.24 6.10 -51.02
CA GLY B 104 13.52 7.13 -50.30
C GLY B 104 12.02 7.17 -50.58
N ASP B 105 11.58 6.61 -51.72
CA ASP B 105 10.15 6.59 -52.07
C ASP B 105 9.38 5.53 -51.25
N PHE B 106 8.07 5.69 -51.16
CA PHE B 106 7.27 4.94 -50.22
C PHE B 106 5.99 4.47 -50.88
N GLY B 107 5.61 3.22 -50.59
CA GLY B 107 4.37 2.68 -51.09
C GLY B 107 3.61 2.01 -49.96
N PHE B 108 2.28 2.14 -49.97
CA PHE B 108 1.51 1.53 -48.90
C PHE B 108 0.42 0.64 -49.46
N VAL B 109 0.44 -0.63 -49.05
CA VAL B 109 -0.57 -1.61 -49.49
C VAL B 109 -1.43 -2.03 -48.31
N PRO B 110 -2.67 -1.54 -48.26
CA PRO B 110 -3.57 -1.87 -47.14
C PRO B 110 -4.10 -3.28 -47.31
N LYS B 111 -4.67 -3.87 -46.25
CA LYS B 111 -5.23 -5.24 -46.35
C LYS B 111 -6.25 -5.34 -47.47
N ASN B 112 -6.36 -6.54 -48.04
CA ASN B 112 -7.34 -6.86 -49.08
C ASN B 112 -7.09 -6.18 -50.43
N CYS B 113 -5.97 -5.48 -50.56
CA CYS B 113 -5.61 -4.93 -51.87
C CYS B 113 -4.62 -5.84 -52.58
N VAL B 114 -5.01 -6.33 -53.76
CA VAL B 114 -4.14 -7.18 -54.56
C VAL B 114 -2.91 -6.38 -54.97
N HIS B 115 -1.73 -6.96 -54.83
CA HIS B 115 -0.49 -6.24 -55.11
C HIS B 115 0.62 -7.13 -55.63
N ALA B 116 1.57 -6.50 -56.31
CA ALA B 116 2.74 -7.18 -56.85
C ALA B 116 3.78 -6.11 -57.09
N TYR B 117 5.04 -6.53 -57.24
CA TYR B 117 6.10 -5.58 -57.55
C TYR B 117 7.09 -6.20 -58.52
N ARG B 118 7.92 -5.36 -59.11
CA ARG B 118 9.00 -5.81 -59.97
C ARG B 118 10.27 -5.04 -59.67
N MET B 119 11.39 -5.75 -59.53
CA MET B 119 12.67 -5.08 -59.34
C MET B 119 13.29 -4.71 -60.69
N GLU B 120 13.56 -3.41 -60.91
CA GLU B 120 14.01 -2.96 -62.23
C GLU B 120 15.48 -2.52 -62.28
N ARG B 121 16.23 -2.89 -61.25
CA ARG B 121 17.67 -2.65 -61.22
C ARG B 121 18.21 -3.87 -60.52
N HIS B 122 19.45 -4.23 -60.82
CA HIS B 122 20.03 -5.38 -60.17
C HIS B 122 20.40 -5.06 -58.73
N HIS B 123 20.12 -6.02 -57.85
CA HIS B 123 20.30 -5.86 -56.41
C HIS B 123 19.58 -4.64 -55.89
N SER B 124 18.30 -4.51 -56.26
CA SER B 124 17.45 -3.52 -55.66
C SER B 124 17.15 -3.99 -54.24
N GLN B 125 16.67 -3.08 -53.39
CA GLN B 125 16.36 -3.45 -52.02
C GLN B 125 15.13 -2.70 -51.48
N VAL B 126 14.30 -3.41 -50.74
CA VAL B 126 13.11 -2.83 -50.14
C VAL B 126 13.10 -3.10 -48.65
N VAL B 127 12.82 -2.05 -47.86
CA VAL B 127 12.52 -2.20 -46.44
C VAL B 127 11.02 -2.38 -46.30
N GLY B 128 10.61 -3.38 -45.51
CA GLY B 128 9.20 -3.68 -45.32
C GLY B 128 8.76 -3.84 -43.86
N VAL B 129 7.48 -3.60 -43.65
CA VAL B 129 6.80 -3.96 -42.42
C VAL B 129 5.52 -4.58 -42.95
N ALA B 130 5.23 -5.81 -42.51
CA ALA B 130 3.99 -6.47 -42.90
C ALA B 130 3.35 -6.99 -41.63
N ALA B 131 2.34 -6.28 -41.14
CA ALA B 131 1.70 -6.61 -39.87
C ALA B 131 0.29 -6.08 -39.85
N GLY B 132 -0.50 -6.59 -38.90
CA GLY B 132 -1.87 -6.17 -38.76
C GLY B 132 -2.41 -6.57 -37.42
N PRO B 133 -3.68 -6.26 -37.16
CA PRO B 133 -4.35 -6.54 -35.88
C PRO B 133 -4.19 -8.00 -35.49
N GLY B 134 -4.05 -8.88 -36.48
CA GLY B 134 -3.94 -10.30 -36.24
C GLY B 134 -2.54 -10.83 -35.98
N GLY B 135 -1.54 -9.95 -36.02
CA GLY B 135 -0.16 -10.38 -35.83
C GLY B 135 0.77 -10.08 -37.00
N THR B 136 2.00 -10.58 -36.93
CA THR B 136 3.02 -10.22 -37.91
C THR B 136 3.37 -11.36 -38.84
N PHE B 137 3.95 -11.01 -39.99
CA PHE B 137 3.97 -11.84 -41.19
C PHE B 137 5.34 -12.46 -41.53
N GLU B 138 6.41 -12.00 -40.88
CA GLU B 138 7.76 -12.20 -41.41
C GLU B 138 8.19 -13.65 -41.68
N ARG B 139 7.77 -14.60 -40.87
CA ARG B 139 8.24 -15.98 -41.05
C ARG B 139 7.64 -16.68 -42.28
N PHE B 140 6.68 -16.02 -42.94
CA PHE B 140 6.14 -16.50 -44.21
C PHE B 140 7.24 -16.85 -45.20
N PHE B 141 8.18 -15.93 -45.39
CA PHE B 141 9.22 -16.10 -46.41
C PHE B 141 10.02 -17.40 -46.28
N GLU B 142 10.44 -17.73 -45.06
CA GLU B 142 11.22 -18.95 -44.85
C GLU B 142 10.34 -20.20 -44.79
N SER B 143 9.03 -20.01 -44.69
CA SER B 143 8.08 -21.10 -44.68
C SER B 143 7.77 -21.55 -46.11
N LEU B 144 7.31 -20.61 -46.94
CA LEU B 144 7.12 -20.90 -48.36
C LEU B 144 8.48 -21.15 -49.02
N GLY B 145 9.46 -20.32 -48.68
CA GLY B 145 10.81 -20.47 -49.20
C GLY B 145 11.67 -21.30 -48.29
N THR B 146 12.86 -20.81 -47.94
CA THR B 146 13.77 -21.54 -47.04
C THR B 146 14.68 -20.59 -46.23
N PRO B 147 15.01 -20.97 -44.99
CA PRO B 147 15.98 -20.17 -44.22
C PRO B 147 17.34 -20.26 -44.88
N ALA B 148 18.24 -19.31 -44.62
CA ALA B 148 19.58 -19.36 -45.20
C ALA B 148 20.67 -18.96 -44.22
N GLU B 149 21.84 -19.56 -44.36
CA GLU B 149 23.01 -19.24 -43.54
C GLU B 149 23.89 -18.27 -44.31
N GLU B 150 23.94 -18.47 -45.62
CA GLU B 150 24.78 -17.67 -46.48
C GLU B 150 24.30 -16.23 -46.49
N LEU B 151 25.22 -15.31 -46.77
CA LEU B 151 24.88 -13.92 -47.03
C LEU B 151 24.67 -13.84 -48.52
N GLY B 152 24.14 -12.72 -49.01
CA GLY B 152 24.04 -12.50 -50.43
C GLY B 152 22.80 -13.07 -51.08
N LEU B 153 22.57 -12.69 -52.33
CA LEU B 153 21.41 -13.17 -53.04
C LEU B 153 21.54 -14.68 -53.19
N PRO B 154 20.42 -15.39 -53.36
CA PRO B 154 20.60 -16.83 -53.58
C PRO B 154 21.34 -17.09 -54.89
N VAL B 155 22.36 -17.94 -54.82
CA VAL B 155 23.02 -18.46 -56.01
C VAL B 155 22.00 -19.12 -56.93
N ARG B 156 21.23 -20.06 -56.39
CA ARG B 156 20.12 -20.69 -57.12
C ARG B 156 18.78 -20.27 -56.54
N PRO B 157 17.87 -19.80 -57.42
CA PRO B 157 16.51 -19.43 -57.02
C PRO B 157 15.84 -20.56 -56.26
N PHE B 158 15.14 -20.26 -55.17
CA PHE B 158 14.45 -21.30 -54.45
C PHE B 158 13.02 -21.41 -54.93
N VAL B 159 12.76 -22.40 -55.78
CA VAL B 159 11.41 -22.69 -56.23
C VAL B 159 10.75 -23.65 -55.27
N PRO B 160 9.70 -23.19 -54.57
CA PRO B 160 9.01 -24.08 -53.64
C PRO B 160 8.15 -25.06 -54.42
N GLU B 161 8.06 -26.30 -53.98
CA GLU B 161 7.20 -27.29 -54.64
C GLU B 161 5.73 -26.93 -54.43
N PRO B 162 4.87 -27.21 -55.43
CA PRO B 162 3.50 -26.70 -55.48
C PRO B 162 2.63 -26.93 -54.22
N GLU B 163 2.95 -27.94 -53.42
CA GLU B 163 2.20 -28.21 -52.19
C GLU B 163 2.39 -27.09 -51.18
N LYS B 164 3.56 -26.45 -51.19
CA LYS B 164 3.82 -25.33 -50.30
C LYS B 164 2.87 -24.17 -50.61
N PHE B 165 2.63 -23.91 -51.90
CA PHE B 165 1.68 -22.89 -52.31
C PHE B 165 0.26 -23.17 -51.83
N ARG B 166 0.01 -24.43 -51.47
CA ARG B 166 -1.29 -24.83 -50.97
C ARG B 166 -1.37 -24.83 -49.44
N THR B 167 -0.26 -25.19 -48.78
CA THR B 167 -0.27 -25.31 -47.33
C THR B 167 0.04 -23.99 -46.59
N VAL B 168 1.04 -23.26 -47.07
CA VAL B 168 1.44 -22.00 -46.41
C VAL B 168 0.29 -21.01 -46.15
N PRO B 169 -0.63 -20.82 -47.11
CA PRO B 169 -1.77 -19.94 -46.80
C PRO B 169 -2.60 -20.35 -45.57
N GLU B 170 -2.58 -21.64 -45.21
CA GLU B 170 -3.30 -22.09 -44.02
C GLU B 170 -2.63 -21.65 -42.72
N GLN B 171 -1.50 -20.96 -42.84
CA GLN B 171 -0.74 -20.52 -41.68
C GLN B 171 -0.24 -19.07 -41.71
N TYR B 172 -0.38 -18.36 -42.84
CA TYR B 172 0.30 -17.06 -42.96
C TYR B 172 -0.40 -15.84 -43.60
N ASP B 173 -1.72 -15.83 -43.72
CA ASP B 173 -2.43 -14.67 -44.28
C ASP B 173 -1.92 -14.18 -45.64
N VAL B 174 -1.91 -15.10 -46.62
CA VAL B 174 -1.67 -14.77 -48.02
C VAL B 174 -2.65 -15.57 -48.86
N ARG B 175 -3.25 -14.92 -49.85
CA ARG B 175 -3.91 -15.68 -50.90
C ARG B 175 -3.35 -15.27 -52.24
N PHE B 176 -2.82 -16.24 -52.96
CA PHE B 176 -2.24 -15.98 -54.27
C PHE B 176 -3.32 -15.75 -55.30
N ARG B 177 -2.98 -14.95 -56.31
CA ARG B 177 -3.94 -14.58 -57.35
C ARG B 177 -3.26 -14.78 -58.71
N PRO B 178 -2.92 -16.04 -59.04
CA PRO B 178 -2.08 -16.32 -60.21
C PRO B 178 -2.74 -15.90 -61.52
N ASP B 179 -4.05 -15.76 -61.51
CA ASP B 179 -4.77 -15.37 -62.70
C ASP B 179 -4.81 -13.86 -62.87
N HIS B 180 -4.40 -13.13 -61.83
CA HIS B 180 -4.52 -11.66 -61.83
C HIS B 180 -3.85 -11.03 -63.06
N GLN B 181 -4.51 -10.06 -63.67
CA GLN B 181 -3.91 -9.38 -64.82
C GLN B 181 -3.77 -7.87 -64.61
N TRP B 182 -2.55 -7.36 -64.77
CA TRP B 182 -2.29 -5.93 -64.61
C TRP B 182 -2.59 -5.19 -65.90
N HIS B 183 -3.20 -4.02 -65.79
CA HIS B 183 -3.65 -3.27 -66.96
C HIS B 183 -2.97 -1.90 -67.07
N THR B 184 -2.29 -1.52 -66.00
CA THR B 184 -1.44 -0.34 -65.98
C THR B 184 -0.45 -0.42 -67.14
N GLY B 185 0.16 -1.59 -67.30
CA GLY B 185 1.11 -1.83 -68.36
C GLY B 185 1.57 -3.28 -68.43
N ILE C 3 -1.81 15.33 -56.61
CA ILE C 3 -2.91 14.62 -55.98
C ILE C 3 -2.82 14.69 -54.46
N GLU C 4 -3.14 15.86 -53.91
CA GLU C 4 -3.05 16.08 -52.47
C GLU C 4 -4.37 15.77 -51.80
N TYR C 5 -4.29 15.47 -50.50
CA TYR C 5 -5.50 15.27 -49.70
C TYR C 5 -5.50 16.28 -48.55
N ALA C 6 -6.65 16.46 -47.94
CA ALA C 6 -6.75 17.21 -46.70
C ALA C 6 -7.15 16.19 -45.64
N THR C 7 -6.48 16.23 -44.49
CA THR C 7 -6.76 15.28 -43.40
C THR C 7 -6.86 16.00 -42.05
N ARG C 8 -7.12 15.23 -41.01
CA ARG C 8 -7.19 15.77 -39.66
C ARG C 8 -5.86 16.39 -39.23
N HIS C 9 -4.76 15.92 -39.82
CA HIS C 9 -3.43 16.32 -39.39
C HIS C 9 -2.84 17.42 -40.27
N ARG C 10 -3.24 17.45 -41.54
CA ARG C 10 -2.67 18.43 -42.47
C ARG C 10 -3.72 18.98 -43.43
N ALA C 11 -3.63 20.27 -43.72
CA ALA C 11 -4.41 20.86 -44.80
C ALA C 11 -3.98 20.24 -46.12
N ARG C 12 -2.66 20.21 -46.36
CA ARG C 12 -2.12 19.52 -47.52
C ARG C 12 -1.29 18.32 -47.09
N SER C 13 -1.59 17.15 -47.65
CA SER C 13 -0.92 15.90 -47.29
C SER C 13 -1.05 14.85 -48.38
N PHE C 14 -0.04 14.01 -48.53
CA PHE C 14 -0.10 12.93 -49.51
C PHE C 14 -0.60 11.59 -48.93
N ILE C 15 -0.86 11.57 -47.63
CA ILE C 15 -1.47 10.41 -46.97
C ILE C 15 -3.00 10.55 -47.06
N PRO C 16 -3.67 9.64 -47.80
CA PRO C 16 -5.13 9.67 -47.90
C PRO C 16 -5.81 9.70 -46.53
N PRO C 17 -6.90 10.47 -46.41
CA PRO C 17 -7.68 10.50 -45.18
C PRO C 17 -8.38 9.18 -44.90
N GLU C 18 -8.93 8.53 -45.91
CA GLU C 18 -9.65 7.28 -45.68
C GLU C 18 -8.75 6.04 -45.67
N PRO C 19 -8.91 5.20 -44.63
CA PRO C 19 -8.21 3.91 -44.47
C PRO C 19 -8.57 2.95 -45.57
N GLY C 20 -7.70 2.00 -45.88
CA GLY C 20 -7.95 1.05 -46.94
C GLY C 20 -7.59 1.55 -48.32
N LYS C 21 -7.06 2.77 -48.40
CA LYS C 21 -6.63 3.32 -49.70
C LYS C 21 -5.12 3.16 -49.93
N PRO C 22 -4.74 2.46 -51.00
CA PRO C 22 -3.33 2.35 -51.36
C PRO C 22 -2.82 3.69 -51.84
N TYR C 23 -1.55 3.99 -51.55
CA TYR C 23 -0.97 5.25 -51.98
C TYR C 23 0.54 5.15 -52.11
N PHE C 24 1.13 6.08 -52.86
CA PHE C 24 2.59 6.19 -52.97
C PHE C 24 2.99 7.60 -52.52
N ILE C 25 4.22 7.74 -51.99
CA ILE C 25 4.76 9.05 -51.64
C ILE C 25 6.23 9.12 -52.06
N GLU C 26 6.56 10.07 -52.94
CA GLU C 26 7.97 10.27 -53.33
C GLU C 26 8.77 10.72 -52.12
N LYS C 27 10.09 10.58 -52.19
CA LYS C 27 10.94 10.80 -51.04
C LYS C 27 10.83 12.22 -50.50
N GLY C 28 10.59 12.32 -49.19
CA GLY C 28 10.48 13.61 -48.53
C GLY C 28 9.09 14.23 -48.41
N LEU C 29 8.10 13.64 -49.08
CA LEU C 29 6.78 14.26 -49.18
C LEU C 29 5.75 13.73 -48.19
N GLY C 30 6.20 12.98 -47.18
CA GLY C 30 5.31 12.57 -46.10
C GLY C 30 5.02 13.76 -45.22
N ASP C 31 4.13 13.61 -44.24
CA ASP C 31 3.80 14.70 -43.33
C ASP C 31 5.02 15.10 -42.51
N ARG C 32 5.41 16.38 -42.56
CA ARG C 32 6.64 16.81 -41.91
C ARG C 32 6.42 17.53 -40.58
N ALA C 33 7.41 17.35 -39.69
CA ALA C 33 7.42 17.98 -38.38
C ALA C 33 8.86 18.36 -38.04
N HIS C 34 9.02 19.42 -37.24
CA HIS C 34 10.32 19.86 -36.76
C HIS C 34 10.37 19.77 -35.24
N LEU C 35 11.41 19.13 -34.73
CA LEU C 35 11.61 19.04 -33.29
C LEU C 35 13.11 19.23 -33.08
N PHE C 36 13.43 20.27 -32.33
CA PHE C 36 14.78 20.82 -32.28
C PHE C 36 15.36 21.00 -33.68
N GLY C 37 16.50 20.38 -33.95
CA GLY C 37 17.13 20.53 -35.24
C GLY C 37 16.70 19.47 -36.24
N ASP C 38 15.79 18.59 -35.82
CA ASP C 38 15.47 17.42 -36.67
C ASP C 38 14.23 17.59 -37.53
N LEU C 39 14.22 16.85 -38.65
CA LEU C 39 13.06 16.78 -39.51
C LEU C 39 12.48 15.37 -39.38
N ILE C 40 11.25 15.28 -38.92
CA ILE C 40 10.54 14.01 -38.91
C ILE C 40 9.54 14.02 -40.08
N THR C 41 9.52 12.92 -40.84
CA THR C 41 8.64 12.79 -42.00
C THR C 41 7.82 11.49 -41.90
N ILE C 42 6.50 11.64 -41.81
CA ILE C 42 5.62 10.49 -41.63
C ILE C 42 5.05 10.02 -42.95
N TYR C 43 5.18 8.73 -43.23
CA TYR C 43 4.66 8.18 -44.47
C TYR C 43 3.39 7.35 -44.21
N ALA C 44 3.24 6.88 -42.98
CA ALA C 44 2.00 6.22 -42.57
C ALA C 44 1.79 6.29 -41.07
N GLY C 45 0.55 6.47 -40.66
CA GLY C 45 0.21 6.51 -39.23
C GLY C 45 -0.85 5.48 -38.90
N GLY C 46 -1.30 5.47 -37.64
CA GLY C 46 -2.29 4.51 -37.16
C GLY C 46 -3.61 4.54 -37.93
N GLU C 47 -3.94 5.67 -38.52
CA GLU C 47 -5.13 5.76 -39.34
C GLU C 47 -5.03 4.78 -40.52
N GLN C 48 -3.81 4.45 -40.92
CA GLN C 48 -3.61 3.60 -42.10
C GLN C 48 -3.52 2.12 -41.76
N THR C 49 -3.31 1.81 -40.47
CA THR C 49 -2.98 0.46 -40.04
C THR C 49 -3.87 -0.08 -38.91
N GLU C 50 -5.03 0.55 -38.69
CA GLU C 50 -5.88 0.23 -37.54
C GLU C 50 -5.06 0.34 -36.26
N ASN C 51 -4.36 1.48 -36.12
CA ASN C 51 -3.48 1.78 -34.98
C ASN C 51 -2.55 0.64 -34.57
N THR C 52 -1.99 -0.03 -35.58
CA THR C 52 -1.10 -1.17 -35.35
C THR C 52 0.36 -0.72 -35.46
N PHE C 53 0.64 0.09 -36.48
CA PHE C 53 2.00 0.56 -36.68
C PHE C 53 2.08 1.81 -37.55
N ASN C 54 3.30 2.32 -37.71
CA ASN C 54 3.54 3.53 -38.46
C ASN C 54 4.87 3.40 -39.18
N PHE C 55 5.24 4.42 -39.95
CA PHE C 55 6.50 4.41 -40.66
C PHE C 55 6.92 5.85 -40.92
N PHE C 56 8.12 6.19 -40.50
CA PHE C 56 8.57 7.57 -40.63
C PHE C 56 10.08 7.64 -40.68
N THR C 57 10.59 8.79 -41.11
CA THR C 57 12.02 9.01 -41.06
C THR C 57 12.35 10.18 -40.15
N CYS C 58 13.54 10.11 -39.57
CA CYS C 58 14.06 11.21 -38.78
CA CYS C 58 14.06 11.22 -38.79
C CYS C 58 15.44 11.57 -39.34
N GLU C 59 15.66 12.85 -39.60
CA GLU C 59 16.95 13.30 -40.11
C GLU C 59 17.29 14.66 -39.52
N GLY C 60 18.58 14.95 -39.37
CA GLY C 60 19.03 16.17 -38.71
C GLY C 60 20.52 16.37 -38.81
N PRO C 61 21.02 17.49 -38.24
CA PRO C 61 22.44 17.85 -38.33
C PRO C 61 23.28 16.94 -37.45
N LYS C 62 24.57 16.85 -37.74
CA LYS C 62 25.53 16.28 -36.81
C LYS C 62 25.36 17.08 -35.51
N GLY C 63 24.92 16.41 -34.45
CA GLY C 63 24.59 17.10 -33.23
C GLY C 63 25.00 16.33 -31.99
N GLU C 64 24.32 16.58 -30.88
CA GLU C 64 24.54 15.84 -29.65
C GLU C 64 23.30 15.01 -29.33
N VAL C 65 23.33 14.25 -28.26
CA VAL C 65 22.21 13.37 -27.93
C VAL C 65 20.89 14.11 -27.78
N ILE C 66 19.86 13.61 -28.46
CA ILE C 66 18.50 13.94 -28.06
C ILE C 66 18.37 13.44 -26.62
N PRO C 67 17.52 14.08 -25.81
CA PRO C 67 17.35 13.71 -24.39
C PRO C 67 16.99 12.24 -24.12
N ALA C 68 17.66 11.62 -23.16
CA ALA C 68 17.30 10.27 -22.69
C ALA C 68 15.82 10.17 -22.35
N HIS C 69 15.19 9.05 -22.69
CA HIS C 69 13.76 8.89 -22.44
C HIS C 69 13.35 7.44 -22.59
N SER C 70 12.09 7.17 -22.28
CA SER C 70 11.55 5.83 -22.42
C SER C 70 10.08 5.92 -22.78
N HIS C 71 9.54 4.79 -23.24
CA HIS C 71 8.13 4.66 -23.53
C HIS C 71 7.64 3.40 -22.80
N ALA C 72 6.47 3.48 -22.19
CA ALA C 72 5.98 2.38 -21.34
C ALA C 72 5.37 1.22 -22.14
N ASP C 73 4.83 1.51 -23.32
CA ASP C 73 4.07 0.53 -24.09
C ASP C 73 4.30 0.71 -25.60
N THR C 74 5.50 1.16 -25.96
CA THR C 74 5.85 1.43 -27.36
C THR C 74 7.25 0.88 -27.64
N TYR C 75 7.36 0.15 -28.74
CA TYR C 75 8.65 -0.39 -29.18
C TYR C 75 9.13 0.47 -30.33
N GLU C 76 10.43 0.58 -30.52
CA GLU C 76 10.90 1.38 -31.64
C GLU C 76 12.14 0.84 -32.39
N VAL C 77 12.15 1.07 -33.70
CA VAL C 77 13.17 0.55 -34.60
C VAL C 77 14.08 1.67 -35.11
N PHE C 78 15.39 1.44 -35.09
CA PHE C 78 16.31 2.37 -35.72
C PHE C 78 16.96 1.67 -36.90
N TYR C 79 16.64 2.09 -38.12
CA TYR C 79 17.29 1.57 -39.30
C TYR C 79 17.92 2.71 -40.07
N ILE C 80 19.26 2.74 -40.05
CA ILE C 80 19.99 3.89 -40.61
C ILE C 80 20.02 3.84 -42.12
N THR C 81 19.71 4.96 -42.77
CA THR C 81 19.77 5.05 -44.22
C THR C 81 20.85 6.03 -44.68
N GLN C 82 21.15 7.04 -43.87
CA GLN C 82 22.19 8.01 -44.20
C GLN C 82 23.05 8.38 -43.00
N GLY C 83 24.29 8.79 -43.29
CA GLY C 83 25.22 9.23 -42.27
C GLY C 83 25.58 8.13 -41.31
N ALA C 84 25.64 8.49 -40.04
CA ALA C 84 25.96 7.52 -39.01
C ALA C 84 25.28 7.97 -37.76
N VAL C 85 24.75 7.03 -36.98
CA VAL C 85 23.95 7.38 -35.81
C VAL C 85 24.31 6.47 -34.64
N ARG C 86 24.81 7.08 -33.56
CA ARG C 86 25.14 6.33 -32.36
C ARG C 86 23.89 6.15 -31.51
N LEU C 87 23.62 4.91 -31.10
CA LEU C 87 22.43 4.62 -30.32
C LEU C 87 22.84 4.13 -28.94
N PHE C 88 22.32 4.77 -27.88
CA PHE C 88 22.58 4.36 -26.50
C PHE C 88 21.32 3.73 -25.94
N VAL C 89 21.47 2.58 -25.29
CA VAL C 89 20.31 1.91 -24.73
C VAL C 89 20.61 1.13 -23.45
N GLU C 90 19.73 1.31 -22.46
CA GLU C 90 19.85 0.62 -21.17
C GLU C 90 18.75 -0.43 -21.05
N ASP C 91 19.14 -1.69 -20.86
CA ASP C 91 18.14 -2.74 -20.69
C ASP C 91 17.47 -2.66 -19.32
N LEU C 92 16.53 -3.54 -19.06
CA LEU C 92 15.78 -3.50 -17.82
C LEU C 92 16.63 -3.78 -16.58
N GLU C 93 17.74 -4.48 -16.75
CA GLU C 93 18.61 -4.82 -15.64
C GLU C 93 19.72 -3.80 -15.44
N GLY C 94 19.58 -2.64 -16.08
CA GLY C 94 20.52 -1.54 -15.91
C GLY C 94 21.81 -1.67 -16.69
N GLU C 95 21.92 -2.69 -17.53
CA GLU C 95 23.08 -2.82 -18.40
C GLU C 95 22.96 -1.82 -19.55
N GLN C 96 24.05 -1.13 -19.86
CA GLN C 96 24.04 -0.12 -20.91
C GLN C 96 24.83 -0.55 -22.14
N HIS C 97 24.35 -0.15 -23.31
CA HIS C 97 25.08 -0.38 -24.55
C HIS C 97 24.99 0.82 -25.46
N GLU C 98 26.06 1.05 -26.19
CA GLU C 98 26.00 1.99 -27.30
C GLU C 98 26.53 1.31 -28.54
N LYS C 99 26.11 1.79 -29.71
CA LYS C 99 26.72 1.35 -30.95
C LYS C 99 26.57 2.42 -32.04
N LEU C 100 27.66 2.66 -32.76
CA LEU C 100 27.58 3.49 -33.96
C LEU C 100 26.92 2.65 -35.05
N LEU C 101 25.76 3.08 -35.48
CA LEU C 101 24.98 2.42 -36.51
C LEU C 101 25.15 3.13 -37.85
N THR C 102 25.59 2.39 -38.86
CA THR C 102 25.84 2.97 -40.18
C THR C 102 24.79 2.47 -41.19
N PRO C 103 24.63 3.14 -42.35
CA PRO C 103 23.50 2.78 -43.23
C PRO C 103 23.37 1.27 -43.48
N GLY C 104 22.16 0.74 -43.27
CA GLY C 104 21.94 -0.68 -43.33
C GLY C 104 22.00 -1.35 -41.97
N ASP C 105 22.62 -0.70 -40.99
CA ASP C 105 22.61 -1.24 -39.63
C ASP C 105 21.25 -1.01 -38.96
N PHE C 106 20.96 -1.76 -37.91
CA PHE C 106 19.65 -1.77 -37.27
C PHE C 106 19.84 -1.76 -35.75
N GLY C 107 18.98 -1.02 -35.05
CA GLY C 107 18.96 -1.06 -33.60
C GLY C 107 17.53 -1.22 -33.13
N PHE C 108 17.32 -1.93 -32.01
CA PHE C 108 15.98 -2.14 -31.48
C PHE C 108 15.85 -1.80 -29.99
N VAL C 109 14.89 -0.94 -29.67
CA VAL C 109 14.67 -0.48 -28.30
C VAL C 109 13.29 -0.94 -27.83
N PRO C 110 13.26 -1.95 -26.93
CA PRO C 110 11.99 -2.44 -26.40
C PRO C 110 11.43 -1.43 -25.40
N LYS C 111 10.15 -1.57 -25.07
CA LYS C 111 9.49 -0.68 -24.11
C LYS C 111 10.19 -0.68 -22.75
N ASN C 112 9.99 0.42 -22.01
CA ASN C 112 10.55 0.60 -20.67
C ASN C 112 12.08 0.64 -20.59
N CYS C 113 12.73 0.65 -21.75
CA CYS C 113 14.18 0.80 -21.79
C CYS C 113 14.57 2.27 -22.07
N VAL C 114 15.42 2.82 -21.21
CA VAL C 114 15.91 4.19 -21.41
C VAL C 114 16.81 4.22 -22.64
N HIS C 115 16.64 5.21 -23.50
CA HIS C 115 17.45 5.29 -24.73
C HIS C 115 17.65 6.72 -25.20
N ALA C 116 18.63 6.91 -26.09
CA ALA C 116 18.94 8.20 -26.68
C ALA C 116 19.85 7.96 -27.87
N TYR C 117 19.91 8.89 -28.81
CA TYR C 117 20.80 8.72 -29.95
C TYR C 117 21.55 10.00 -30.29
N ARG C 118 22.70 9.86 -30.95
CA ARG C 118 23.41 11.02 -31.48
C ARG C 118 23.77 10.82 -32.95
N MET C 119 23.48 11.84 -33.75
CA MET C 119 23.87 11.81 -35.15
C MET C 119 25.31 12.30 -35.30
N GLU C 120 26.15 11.50 -35.95
CA GLU C 120 27.58 11.76 -35.97
C GLU C 120 28.10 12.12 -37.35
N ARG C 121 27.17 12.53 -38.22
CA ARG C 121 27.47 12.94 -39.59
C ARG C 121 26.38 13.92 -39.95
N HIS C 122 26.71 14.93 -40.76
CA HIS C 122 25.70 15.90 -41.16
C HIS C 122 24.64 15.27 -42.05
N HIS C 123 23.39 15.66 -41.81
CA HIS C 123 22.24 15.14 -42.52
C HIS C 123 22.20 13.60 -42.51
N SER C 124 22.46 13.00 -41.34
CA SER C 124 22.19 11.60 -41.12
C SER C 124 20.69 11.38 -41.24
N GLN C 125 20.27 10.13 -41.36
CA GLN C 125 18.85 9.80 -41.50
C GLN C 125 18.56 8.41 -40.93
N VAL C 126 17.42 8.29 -40.27
CA VAL C 126 17.00 7.07 -39.61
C VAL C 126 15.61 6.73 -40.11
N VAL C 127 15.39 5.47 -40.49
CA VAL C 127 14.05 4.98 -40.74
C VAL C 127 13.53 4.40 -39.44
N GLY C 128 12.32 4.80 -39.02
CA GLY C 128 11.78 4.32 -37.77
C GLY C 128 10.38 3.72 -37.83
N VAL C 129 10.11 2.86 -36.85
CA VAL C 129 8.76 2.43 -36.51
C VAL C 129 8.70 2.65 -35.00
N ALA C 130 7.56 3.13 -34.50
CA ALA C 130 7.43 3.35 -33.06
C ALA C 130 5.97 3.08 -32.69
N ALA C 131 5.70 1.88 -32.23
CA ALA C 131 4.31 1.48 -31.97
C ALA C 131 4.28 0.36 -30.97
N GLY C 132 3.10 0.13 -30.40
CA GLY C 132 2.94 -0.90 -29.41
C GLY C 132 1.48 -1.23 -29.22
N PRO C 133 1.17 -2.09 -28.24
CA PRO C 133 -0.19 -2.57 -27.98
C PRO C 133 -1.18 -1.43 -27.74
N GLY C 134 -0.71 -0.31 -27.21
CA GLY C 134 -1.58 0.82 -26.95
C GLY C 134 -1.66 1.88 -28.06
N GLY C 135 -1.17 1.53 -29.25
CA GLY C 135 -1.30 2.44 -30.38
C GLY C 135 0.03 2.88 -30.97
N THR C 136 -0.02 3.91 -31.81
CA THR C 136 1.17 4.37 -32.53
C THR C 136 1.60 5.80 -32.14
N PHE C 137 2.89 6.07 -32.27
CA PHE C 137 3.56 7.21 -31.63
C PHE C 137 3.79 8.44 -32.53
N GLU C 138 3.49 8.34 -33.82
CA GLU C 138 4.03 9.28 -34.82
C GLU C 138 3.73 10.77 -34.64
N ARG C 139 2.56 11.11 -34.11
CA ARG C 139 2.17 12.51 -33.99
C ARG C 139 2.79 13.17 -32.74
N PHE C 140 3.56 12.41 -31.97
CA PHE C 140 4.32 12.97 -30.86
C PHE C 140 5.21 14.12 -31.33
N PHE C 141 5.70 13.99 -32.56
CA PHE C 141 6.74 14.87 -33.05
C PHE C 141 6.23 16.28 -33.36
N GLU C 142 5.05 16.38 -33.98
CA GLU C 142 4.51 17.67 -34.37
C GLU C 142 3.77 18.32 -33.20
N SER C 143 3.54 17.53 -32.16
CA SER C 143 2.93 18.01 -30.93
C SER C 143 3.96 18.73 -30.07
N LEU C 144 5.02 18.02 -29.68
CA LEU C 144 6.08 18.61 -28.87
C LEU C 144 6.84 19.63 -29.72
N GLY C 145 7.10 19.25 -30.97
CA GLY C 145 7.64 20.17 -31.95
C GLY C 145 6.50 20.87 -32.67
N THR C 146 6.64 21.03 -33.98
CA THR C 146 5.63 21.72 -34.78
C THR C 146 5.49 21.06 -36.15
N PRO C 147 4.27 21.05 -36.73
CA PRO C 147 4.18 20.60 -38.11
C PRO C 147 4.94 21.55 -39.01
N ALA C 148 5.38 21.09 -40.18
CA ALA C 148 6.11 21.92 -41.12
C ALA C 148 5.54 21.74 -42.52
N GLU C 149 5.34 22.84 -43.23
CA GLU C 149 4.89 22.75 -44.61
C GLU C 149 6.10 22.71 -45.54
N GLU C 150 7.22 23.19 -45.04
CA GLU C 150 8.43 23.38 -45.83
C GLU C 150 9.23 22.08 -45.97
N LEU C 151 10.04 22.01 -47.02
CA LEU C 151 10.93 20.86 -47.21
C LEU C 151 12.27 21.12 -46.54
N GLY C 152 13.00 20.06 -46.24
CA GLY C 152 14.37 20.22 -45.75
C GLY C 152 14.53 20.27 -44.23
N LEU C 153 15.79 20.23 -43.79
CA LEU C 153 16.07 20.40 -42.38
C LEU C 153 15.58 21.78 -41.94
N PRO C 154 15.12 21.90 -40.69
CA PRO C 154 14.68 23.22 -40.22
C PRO C 154 15.83 24.23 -40.19
N VAL C 155 15.52 25.47 -40.60
CA VAL C 155 16.49 26.56 -40.58
C VAL C 155 16.81 26.94 -39.14
N ARG C 156 15.77 27.25 -38.38
CA ARG C 156 15.93 27.47 -36.94
C ARG C 156 15.41 26.25 -36.22
N PRO C 157 16.23 25.68 -35.32
CA PRO C 157 15.73 24.59 -34.48
C PRO C 157 14.46 25.01 -33.77
N PHE C 158 13.50 24.10 -33.61
CA PHE C 158 12.29 24.40 -32.85
C PHE C 158 12.41 23.85 -31.44
N VAL C 159 12.59 24.76 -30.48
CA VAL C 159 12.73 24.38 -29.09
C VAL C 159 11.37 24.51 -28.40
N PRO C 160 10.84 23.39 -27.88
CA PRO C 160 9.51 23.40 -27.26
C PRO C 160 9.53 24.16 -25.94
N GLU C 161 8.49 24.94 -25.66
CA GLU C 161 8.36 25.59 -24.37
C GLU C 161 7.99 24.56 -23.31
N PRO C 162 8.77 24.51 -22.20
CA PRO C 162 8.65 23.57 -21.09
C PRO C 162 7.23 23.10 -20.75
N GLU C 163 6.23 23.96 -20.94
CA GLU C 163 4.84 23.56 -20.69
C GLU C 163 4.42 22.42 -21.62
N LYS C 164 5.17 22.20 -22.69
CA LYS C 164 4.88 21.09 -23.58
C LYS C 164 5.52 19.80 -23.08
N PHE C 165 6.76 19.90 -22.58
CA PHE C 165 7.44 18.75 -22.00
C PHE C 165 6.65 18.19 -20.80
N ARG C 166 5.81 19.04 -20.20
CA ARG C 166 4.96 18.63 -19.10
C ARG C 166 3.63 18.07 -19.60
N THR C 167 3.09 18.65 -20.67
CA THR C 167 1.81 18.21 -21.24
C THR C 167 1.91 16.98 -22.16
N VAL C 168 2.86 17.00 -23.09
CA VAL C 168 2.95 15.94 -24.10
C VAL C 168 2.87 14.51 -23.55
N PRO C 169 3.68 14.18 -22.52
CA PRO C 169 3.65 12.81 -21.98
C PRO C 169 2.28 12.29 -21.53
N GLU C 170 1.37 13.16 -21.12
CA GLU C 170 0.01 12.69 -20.79
C GLU C 170 -0.86 12.53 -22.04
N GLN C 171 -0.20 12.40 -23.18
CA GLN C 171 -0.91 12.19 -24.43
C GLN C 171 -0.18 11.20 -25.35
N TYR C 172 1.07 10.88 -25.05
CA TYR C 172 1.88 10.20 -26.08
C TYR C 172 2.77 9.01 -25.68
N ASP C 173 2.82 8.65 -24.40
CA ASP C 173 3.68 7.55 -23.94
C ASP C 173 5.16 7.87 -24.12
N VAL C 174 5.57 8.96 -23.48
CA VAL C 174 6.99 9.27 -23.29
C VAL C 174 7.26 9.58 -21.83
N ARG C 175 8.47 9.27 -21.40
CA ARG C 175 8.90 9.60 -20.06
C ARG C 175 10.34 10.09 -20.18
N PHE C 176 10.54 11.38 -19.96
CA PHE C 176 11.89 11.91 -20.09
C PHE C 176 12.70 11.58 -18.86
N ARG C 177 13.99 11.30 -19.07
CA ARG C 177 14.89 10.94 -18.00
C ARG C 177 16.09 11.88 -17.99
N PRO C 178 15.85 13.16 -17.67
CA PRO C 178 16.91 14.17 -17.68
C PRO C 178 17.96 13.87 -16.63
N ASP C 179 17.61 13.01 -15.69
CA ASP C 179 18.47 12.64 -14.59
C ASP C 179 19.43 11.52 -14.96
N HIS C 180 19.05 10.76 -15.98
CA HIS C 180 19.81 9.60 -16.43
C HIS C 180 21.22 9.95 -16.92
N GLN C 181 22.21 9.18 -16.49
CA GLN C 181 23.58 9.37 -16.92
C GLN C 181 24.03 8.20 -17.79
N TRP C 182 24.57 8.49 -18.97
CA TRP C 182 25.14 7.45 -19.81
C TRP C 182 26.57 7.12 -19.39
N HIS C 183 26.80 5.89 -18.94
CA HIS C 183 28.15 5.45 -18.62
C HIS C 183 28.67 4.41 -19.61
N THR C 184 29.02 4.86 -20.81
CA THR C 184 29.68 4.03 -21.81
C THR C 184 30.82 4.79 -22.51
N GLY C 185 30.48 5.83 -23.27
CA GLY C 185 31.49 6.66 -23.92
C GLY C 185 31.17 7.00 -25.37
N ILE D 3 13.01 -12.63 -6.80
CA ILE D 3 11.78 -13.01 -7.48
C ILE D 3 10.83 -11.80 -7.61
N GLU D 4 11.35 -10.59 -7.38
CA GLU D 4 10.53 -9.39 -7.51
C GLU D 4 10.88 -8.50 -8.71
N TYR D 5 9.86 -8.08 -9.44
CA TYR D 5 10.05 -7.29 -10.64
C TYR D 5 9.52 -5.88 -10.49
N ALA D 6 9.95 -5.01 -11.40
CA ALA D 6 9.40 -3.67 -11.53
C ALA D 6 8.77 -3.55 -12.90
N THR D 7 7.49 -3.20 -12.93
CA THR D 7 6.77 -2.94 -14.18
C THR D 7 6.27 -1.51 -14.12
N ARG D 8 5.62 -1.08 -15.20
CA ARG D 8 5.06 0.27 -15.28
C ARG D 8 3.90 0.45 -14.30
N HIS D 9 3.37 -0.66 -13.79
CA HIS D 9 2.22 -0.63 -12.90
C HIS D 9 2.62 -0.66 -11.42
N ARG D 10 3.72 -1.33 -11.12
CA ARG D 10 4.13 -1.57 -9.73
C ARG D 10 5.64 -1.53 -9.63
N ALA D 11 6.13 -0.87 -8.58
CA ALA D 11 7.55 -0.89 -8.25
C ALA D 11 7.93 -2.29 -7.78
N ARG D 12 6.99 -3.00 -7.17
CA ARG D 12 7.21 -4.37 -6.75
C ARG D 12 6.06 -5.27 -7.20
N SER D 13 6.36 -6.24 -8.07
CA SER D 13 5.33 -7.07 -8.68
C SER D 13 5.87 -8.48 -8.95
N PHE D 14 5.00 -9.49 -8.98
CA PHE D 14 5.45 -10.84 -9.38
C PHE D 14 5.12 -11.17 -10.84
N ILE D 15 4.58 -10.18 -11.54
CA ILE D 15 4.37 -10.23 -12.98
C ILE D 15 5.59 -9.67 -13.72
N PRO D 16 6.27 -10.51 -14.52
CA PRO D 16 7.42 -10.03 -15.30
C PRO D 16 7.06 -8.85 -16.18
N PRO D 17 7.98 -7.87 -16.33
CA PRO D 17 7.76 -6.69 -17.18
C PRO D 17 7.88 -7.06 -18.66
N GLU D 18 8.79 -7.98 -18.98
CA GLU D 18 8.96 -8.40 -20.36
C GLU D 18 8.01 -9.54 -20.73
N PRO D 19 7.34 -9.41 -21.89
CA PRO D 19 6.39 -10.39 -22.40
C PRO D 19 7.09 -11.67 -22.84
N GLY D 20 6.30 -12.72 -23.10
CA GLY D 20 6.83 -13.98 -23.57
C GLY D 20 7.48 -14.83 -22.50
N LYS D 21 7.50 -14.30 -21.27
CA LYS D 21 8.12 -14.99 -20.15
C LYS D 21 7.06 -15.74 -19.34
N PRO D 22 7.33 -17.02 -19.01
CA PRO D 22 6.40 -17.79 -18.17
C PRO D 22 6.66 -17.49 -16.71
N TYR D 23 5.60 -17.52 -15.90
CA TYR D 23 5.75 -17.21 -14.48
C TYR D 23 4.71 -17.94 -13.64
N PHE D 24 4.99 -18.00 -12.34
CA PHE D 24 4.07 -18.54 -11.34
C PHE D 24 3.91 -17.49 -10.26
N ILE D 25 2.70 -17.40 -9.72
CA ILE D 25 2.44 -16.49 -8.61
C ILE D 25 1.60 -17.20 -7.56
N GLU D 26 2.13 -17.32 -6.34
CA GLU D 26 1.36 -17.90 -5.25
C GLU D 26 0.11 -17.10 -4.96
N LYS D 27 -0.84 -17.78 -4.33
CA LYS D 27 -2.08 -17.20 -3.86
C LYS D 27 -1.88 -15.83 -3.19
N GLY D 28 -2.63 -14.84 -3.68
CA GLY D 28 -2.66 -13.52 -3.07
C GLY D 28 -1.68 -12.49 -3.60
N LEU D 29 -0.66 -12.95 -4.33
CA LEU D 29 0.50 -12.11 -4.62
C LEU D 29 0.51 -11.45 -6.00
N GLY D 30 -0.64 -11.43 -6.68
CA GLY D 30 -0.75 -10.67 -7.91
C GLY D 30 -0.78 -9.19 -7.60
N ASP D 31 -0.74 -8.34 -8.64
CA ASP D 31 -0.84 -6.87 -8.44
C ASP D 31 -2.16 -6.58 -7.76
N ARG D 32 -2.13 -5.79 -6.68
CA ARG D 32 -3.33 -5.60 -5.87
C ARG D 32 -3.90 -4.20 -6.01
N ALA D 33 -5.22 -4.09 -5.90
CA ALA D 33 -5.88 -2.80 -5.96
C ALA D 33 -7.11 -2.83 -5.06
N HIS D 34 -7.42 -1.69 -4.44
CA HIS D 34 -8.63 -1.54 -3.63
C HIS D 34 -9.68 -0.72 -4.34
N LEU D 35 -10.93 -1.18 -4.29
CA LEU D 35 -12.08 -0.41 -4.77
C LEU D 35 -13.26 -0.69 -3.85
N PHE D 36 -13.78 0.36 -3.23
CA PHE D 36 -14.71 0.25 -2.11
C PHE D 36 -14.16 -0.76 -1.12
N GLY D 37 -15.00 -1.67 -0.64
CA GLY D 37 -14.55 -2.66 0.33
C GLY D 37 -13.82 -3.82 -0.29
N ASP D 38 -13.75 -3.84 -1.63
CA ASP D 38 -13.23 -4.99 -2.36
C ASP D 38 -11.73 -4.91 -2.70
N LEU D 39 -11.09 -6.07 -2.66
CA LEU D 39 -9.69 -6.22 -3.08
C LEU D 39 -9.62 -6.92 -4.43
N ILE D 40 -9.01 -6.25 -5.42
CA ILE D 40 -8.84 -6.84 -6.74
C ILE D 40 -7.39 -7.32 -6.87
N THR D 41 -7.21 -8.55 -7.33
CA THR D 41 -5.86 -9.10 -7.50
C THR D 41 -5.65 -9.57 -8.94
N ILE D 42 -4.66 -8.98 -9.61
CA ILE D 42 -4.39 -9.26 -11.00
C ILE D 42 -3.21 -10.20 -11.18
N TYR D 43 -3.46 -11.38 -11.77
CA TYR D 43 -2.41 -12.35 -12.03
C TYR D 43 -1.84 -12.29 -13.47
N ALA D 44 -2.65 -11.85 -14.43
CA ALA D 44 -2.18 -11.65 -15.81
C ALA D 44 -2.93 -10.47 -16.40
N GLY D 45 -2.22 -9.64 -17.15
CA GLY D 45 -2.84 -8.52 -17.83
C GLY D 45 -2.57 -8.55 -19.31
N GLY D 46 -3.05 -7.52 -20.02
CA GLY D 46 -2.91 -7.42 -21.48
C GLY D 46 -1.46 -7.51 -21.90
N GLU D 47 -0.58 -6.98 -21.05
CA GLU D 47 0.87 -7.08 -21.25
C GLU D 47 1.35 -8.52 -21.43
N GLN D 48 0.59 -9.47 -20.88
CA GLN D 48 0.94 -10.89 -20.94
C GLN D 48 0.39 -11.60 -22.16
N THR D 49 -0.67 -11.05 -22.75
CA THR D 49 -1.46 -11.78 -23.75
C THR D 49 -1.75 -11.04 -25.06
N GLU D 50 -0.85 -10.14 -25.46
CA GLU D 50 -1.06 -9.28 -26.63
C GLU D 50 -2.39 -8.56 -26.57
N ASN D 51 -2.77 -8.12 -25.37
CA ASN D 51 -4.03 -7.40 -25.15
C ASN D 51 -5.28 -8.20 -25.47
N THR D 52 -5.20 -9.52 -25.34
CA THR D 52 -6.31 -10.40 -25.67
C THR D 52 -7.20 -10.71 -24.48
N PHE D 53 -6.58 -11.07 -23.37
CA PHE D 53 -7.37 -11.38 -22.19
C PHE D 53 -6.59 -11.11 -20.91
N ASN D 54 -7.27 -11.28 -19.78
CA ASN D 54 -6.65 -11.08 -18.48
C ASN D 54 -7.13 -12.15 -17.51
N PHE D 55 -6.74 -12.03 -16.25
CA PHE D 55 -7.19 -12.99 -15.25
C PHE D 55 -6.98 -12.39 -13.87
N PHE D 56 -8.06 -12.28 -13.10
CA PHE D 56 -7.95 -11.60 -11.82
C PHE D 56 -8.94 -12.18 -10.82
N THR D 57 -8.74 -11.85 -9.56
CA THR D 57 -9.75 -12.19 -8.57
C THR D 57 -10.30 -10.94 -7.95
N CYS D 58 -11.56 -11.03 -7.58
CA CYS D 58 -12.21 -9.97 -6.82
CA CYS D 58 -12.19 -9.97 -6.79
C CYS D 58 -12.79 -10.60 -5.54
N GLU D 59 -12.37 -10.07 -4.39
CA GLU D 59 -12.87 -10.59 -3.11
C GLU D 59 -13.23 -9.44 -2.19
N GLY D 60 -14.17 -9.67 -1.28
CA GLY D 60 -14.67 -8.60 -0.44
C GLY D 60 -15.56 -9.03 0.70
N PRO D 61 -15.91 -8.07 1.57
CA PRO D 61 -16.76 -8.32 2.73
C PRO D 61 -18.20 -8.50 2.29
N LYS D 62 -19.00 -9.10 3.16
CA LYS D 62 -20.39 -9.32 2.87
C LYS D 62 -21.12 -8.01 2.67
N GLY D 63 -21.97 -7.94 1.66
CA GLY D 63 -23.00 -6.93 1.60
C GLY D 63 -22.82 -5.78 0.64
N GLU D 64 -23.96 -5.28 0.17
CA GLU D 64 -24.06 -4.07 -0.63
C GLU D 64 -23.58 -4.22 -2.08
N VAL D 65 -24.56 -4.33 -2.96
CA VAL D 65 -24.32 -4.44 -4.39
C VAL D 65 -23.49 -3.28 -4.93
N ILE D 66 -22.47 -3.60 -5.74
CA ILE D 66 -21.71 -2.58 -6.44
C ILE D 66 -22.58 -1.82 -7.46
N PRO D 67 -22.20 -0.57 -7.80
CA PRO D 67 -23.01 0.21 -8.74
C PRO D 67 -23.32 -0.52 -10.07
N ALA D 68 -24.58 -0.52 -10.47
CA ALA D 68 -24.94 -1.05 -11.78
C ALA D 68 -24.14 -0.33 -12.86
N HIS D 69 -23.67 -1.08 -13.85
CA HIS D 69 -22.85 -0.49 -14.91
C HIS D 69 -22.88 -1.40 -16.11
N SER D 70 -22.29 -0.96 -17.21
CA SER D 70 -22.16 -1.81 -18.39
C SER D 70 -20.85 -1.49 -19.11
N HIS D 71 -20.54 -2.30 -20.11
CA HIS D 71 -19.30 -2.20 -20.86
C HIS D 71 -19.68 -2.32 -22.32
N ALA D 72 -19.09 -1.47 -23.15
CA ALA D 72 -19.52 -1.41 -24.54
C ALA D 72 -18.84 -2.47 -25.41
N ASP D 73 -17.60 -2.81 -25.09
CA ASP D 73 -16.81 -3.75 -25.89
C ASP D 73 -16.10 -4.81 -25.04
N THR D 74 -16.69 -5.19 -23.91
CA THR D 74 -16.00 -6.05 -22.95
C THR D 74 -16.95 -7.13 -22.42
N TYR D 75 -16.51 -8.39 -22.50
CA TYR D 75 -17.27 -9.51 -21.98
C TYR D 75 -16.73 -9.90 -20.61
N GLU D 76 -17.62 -10.25 -19.68
CA GLU D 76 -17.22 -10.57 -18.32
C GLU D 76 -17.57 -11.97 -17.87
N VAL D 77 -16.59 -12.60 -17.24
CA VAL D 77 -16.81 -13.88 -16.57
C VAL D 77 -16.83 -13.69 -15.04
N PHE D 78 -17.78 -14.33 -14.36
CA PHE D 78 -17.80 -14.42 -12.91
C PHE D 78 -17.73 -15.92 -12.54
N TYR D 79 -16.60 -16.35 -11.99
CA TYR D 79 -16.49 -17.72 -11.52
C TYR D 79 -16.17 -17.72 -10.03
N ILE D 80 -17.15 -18.18 -9.25
CA ILE D 80 -17.09 -18.08 -7.79
C ILE D 80 -16.11 -19.06 -7.19
N THR D 81 -15.23 -18.57 -6.32
CA THR D 81 -14.33 -19.46 -5.63
C THR D 81 -14.58 -19.57 -4.11
N GLN D 82 -15.04 -18.51 -3.46
CA GLN D 82 -15.50 -18.62 -2.05
C GLN D 82 -16.75 -17.81 -1.77
N GLY D 83 -17.42 -18.16 -0.68
CA GLY D 83 -18.58 -17.43 -0.25
C GLY D 83 -19.72 -17.68 -1.20
N ALA D 84 -20.48 -16.63 -1.46
CA ALA D 84 -21.63 -16.72 -2.33
C ALA D 84 -21.87 -15.32 -2.86
N VAL D 85 -22.06 -15.21 -4.16
CA VAL D 85 -22.13 -13.92 -4.81
C VAL D 85 -23.39 -13.89 -5.66
N ARG D 86 -24.21 -12.87 -5.46
CA ARG D 86 -25.46 -12.75 -6.22
C ARG D 86 -25.20 -11.86 -7.44
N LEU D 87 -25.37 -12.42 -8.64
CA LEU D 87 -25.11 -11.68 -9.87
C LEU D 87 -26.40 -11.21 -10.49
N PHE D 88 -26.45 -9.93 -10.84
CA PHE D 88 -27.62 -9.31 -11.43
C PHE D 88 -27.26 -8.87 -12.84
N VAL D 89 -28.18 -9.07 -13.77
CA VAL D 89 -27.90 -8.72 -15.15
C VAL D 89 -29.19 -8.52 -15.96
N GLU D 90 -29.22 -7.43 -16.72
CA GLU D 90 -30.34 -7.14 -17.60
C GLU D 90 -29.94 -7.58 -18.98
N ASP D 91 -30.78 -8.36 -19.65
CA ASP D 91 -30.48 -8.76 -21.03
C ASP D 91 -30.73 -7.60 -22.02
N LEU D 92 -30.43 -7.82 -23.29
CA LEU D 92 -30.58 -6.77 -24.29
C LEU D 92 -32.04 -6.42 -24.57
N GLU D 93 -32.95 -7.31 -24.20
CA GLU D 93 -34.38 -7.08 -24.43
C GLU D 93 -35.05 -6.41 -23.24
N GLY D 94 -34.27 -6.10 -22.21
CA GLY D 94 -34.80 -5.44 -21.03
C GLY D 94 -35.15 -6.35 -19.86
N GLU D 95 -35.13 -7.67 -20.06
CA GLU D 95 -35.47 -8.58 -18.95
C GLU D 95 -34.33 -8.71 -17.92
N GLN D 96 -34.70 -8.76 -16.65
CA GLN D 96 -33.70 -8.83 -15.59
C GLN D 96 -33.55 -10.25 -15.07
N HIS D 97 -32.32 -10.61 -14.72
CA HIS D 97 -32.00 -11.93 -14.21
C HIS D 97 -31.08 -11.80 -13.02
N GLU D 98 -31.32 -12.60 -11.99
CA GLU D 98 -30.44 -12.66 -10.82
C GLU D 98 -30.19 -14.11 -10.35
N LYS D 99 -28.97 -14.44 -9.95
CA LYS D 99 -28.66 -15.80 -9.49
C LYS D 99 -27.65 -15.75 -8.35
N LEU D 100 -27.97 -16.43 -7.25
CA LEU D 100 -26.96 -16.63 -6.20
C LEU D 100 -25.97 -17.69 -6.69
N LEU D 101 -24.72 -17.28 -6.88
CA LEU D 101 -23.71 -18.16 -7.42
C LEU D 101 -22.81 -18.62 -6.27
N THR D 102 -22.62 -19.94 -6.17
CA THR D 102 -21.79 -20.51 -5.12
C THR D 102 -20.47 -21.03 -5.72
N PRO D 103 -19.48 -21.44 -4.90
CA PRO D 103 -18.20 -21.81 -5.53
C PRO D 103 -18.31 -22.92 -6.56
N GLY D 104 -17.76 -22.68 -7.75
CA GLY D 104 -17.89 -23.61 -8.87
C GLY D 104 -18.97 -23.17 -9.83
N ASP D 105 -19.87 -22.28 -9.38
CA ASP D 105 -20.87 -21.71 -10.27
C ASP D 105 -20.26 -20.65 -11.20
N PHE D 106 -20.90 -20.45 -12.35
CA PHE D 106 -20.36 -19.58 -13.40
C PHE D 106 -21.43 -18.60 -13.87
N GLY D 107 -21.04 -17.36 -14.11
CA GLY D 107 -21.93 -16.37 -14.66
C GLY D 107 -21.25 -15.63 -15.81
N PHE D 108 -21.99 -15.34 -16.87
CA PHE D 108 -21.41 -14.65 -18.02
C PHE D 108 -22.17 -13.37 -18.37
N VAL D 109 -21.44 -12.26 -18.50
CA VAL D 109 -22.05 -10.95 -18.78
C VAL D 109 -21.44 -10.39 -20.06
N PRO D 110 -22.22 -10.42 -21.16
CA PRO D 110 -21.80 -9.98 -22.50
C PRO D 110 -21.82 -8.46 -22.59
N LYS D 111 -21.19 -7.89 -23.61
CA LYS D 111 -21.13 -6.43 -23.76
C LYS D 111 -22.55 -5.85 -23.84
N ASN D 112 -22.69 -4.62 -23.35
CA ASN D 112 -23.94 -3.86 -23.44
C ASN D 112 -25.05 -4.35 -22.50
N CYS D 113 -24.70 -5.30 -21.64
CA CYS D 113 -25.63 -5.75 -20.60
C CYS D 113 -25.32 -5.11 -19.26
N VAL D 114 -26.32 -4.41 -18.73
CA VAL D 114 -26.23 -3.75 -17.43
C VAL D 114 -26.12 -4.82 -16.36
N HIS D 115 -25.14 -4.68 -15.46
CA HIS D 115 -24.95 -5.71 -14.46
C HIS D 115 -24.40 -5.19 -13.14
N ALA D 116 -24.61 -5.99 -12.09
CA ALA D 116 -24.11 -5.72 -10.76
C ALA D 116 -23.97 -7.06 -10.02
N TYR D 117 -23.24 -7.03 -8.90
CA TYR D 117 -23.11 -8.20 -8.05
C TYR D 117 -23.16 -7.80 -6.57
N ARG D 118 -23.62 -8.72 -5.73
CA ARG D 118 -23.58 -8.51 -4.29
C ARG D 118 -22.90 -9.71 -3.61
N MET D 119 -21.96 -9.42 -2.72
CA MET D 119 -21.32 -10.47 -1.95
C MET D 119 -22.11 -10.76 -0.68
N GLU D 120 -22.56 -12.01 -0.55
CA GLU D 120 -23.46 -12.36 0.55
C GLU D 120 -22.84 -13.26 1.63
N ARG D 121 -21.52 -13.42 1.57
CA ARG D 121 -20.78 -14.06 2.64
C ARG D 121 -19.50 -13.26 2.77
N HIS D 122 -18.97 -13.18 4.00
CA HIS D 122 -17.73 -12.46 4.22
C HIS D 122 -16.57 -13.16 3.54
N HIS D 123 -15.69 -12.36 2.95
CA HIS D 123 -14.57 -12.84 2.14
C HIS D 123 -15.05 -13.82 1.07
N SER D 124 -16.09 -13.44 0.33
CA SER D 124 -16.47 -14.16 -0.89
C SER D 124 -15.41 -13.81 -1.91
N GLN D 125 -15.17 -14.69 -2.88
CA GLN D 125 -14.16 -14.39 -3.90
C GLN D 125 -14.64 -14.86 -5.26
N VAL D 126 -14.30 -14.08 -6.29
CA VAL D 126 -14.72 -14.32 -7.66
C VAL D 126 -13.49 -14.31 -8.56
N VAL D 127 -13.39 -15.30 -9.44
CA VAL D 127 -12.35 -15.30 -10.48
C VAL D 127 -12.96 -14.59 -11.68
N GLY D 128 -12.18 -13.73 -12.33
CA GLY D 128 -12.75 -12.91 -13.40
C GLY D 128 -11.88 -12.80 -14.65
N VAL D 129 -12.55 -12.68 -15.79
CA VAL D 129 -11.90 -12.30 -17.01
C VAL D 129 -12.75 -11.18 -17.59
N ALA D 130 -12.11 -10.11 -18.02
CA ALA D 130 -12.83 -8.93 -18.49
C ALA D 130 -12.09 -8.41 -19.71
N ALA D 131 -12.57 -8.76 -20.90
CA ALA D 131 -11.87 -8.42 -22.12
C ALA D 131 -12.83 -8.47 -23.30
N GLY D 132 -12.31 -8.11 -24.46
CA GLY D 132 -13.13 -7.99 -25.66
C GLY D 132 -12.33 -7.42 -26.81
N PRO D 133 -13.00 -7.19 -27.95
CA PRO D 133 -12.36 -6.74 -29.19
C PRO D 133 -11.41 -5.57 -28.95
N GLY D 134 -11.82 -4.60 -28.15
CA GLY D 134 -10.97 -3.45 -27.85
C GLY D 134 -10.13 -3.49 -26.60
N GLY D 135 -9.61 -4.67 -26.23
CA GLY D 135 -8.60 -4.75 -25.18
C GLY D 135 -9.07 -5.29 -23.85
N THR D 136 -8.23 -5.16 -22.82
CA THR D 136 -8.51 -5.78 -21.54
C THR D 136 -8.70 -4.74 -20.42
N PHE D 137 -9.48 -5.13 -19.42
CA PHE D 137 -10.13 -4.18 -18.53
C PHE D 137 -9.46 -4.03 -17.15
N GLU D 138 -8.43 -4.84 -16.90
CA GLU D 138 -7.97 -5.07 -15.52
C GLU D 138 -7.50 -3.82 -14.73
N ARG D 139 -6.83 -2.87 -15.39
CA ARG D 139 -6.28 -1.70 -14.68
C ARG D 139 -7.32 -0.65 -14.34
N PHE D 140 -8.59 -0.90 -14.70
CA PHE D 140 -9.69 -0.04 -14.30
C PHE D 140 -9.76 0.08 -12.78
N PHE D 141 -9.65 -1.06 -12.11
CA PHE D 141 -9.78 -1.12 -10.65
C PHE D 141 -8.83 -0.18 -9.88
N GLU D 142 -7.54 -0.19 -10.21
CA GLU D 142 -6.60 0.68 -9.51
C GLU D 142 -6.73 2.12 -10.02
N SER D 143 -7.38 2.29 -11.17
CA SER D 143 -7.58 3.63 -11.72
C SER D 143 -8.70 4.33 -10.97
N LEU D 144 -9.92 3.82 -11.10
CA LEU D 144 -11.03 4.32 -10.28
C LEU D 144 -10.70 4.20 -8.78
N GLY D 145 -10.22 3.04 -8.35
CA GLY D 145 -9.83 2.84 -6.97
C GLY D 145 -8.38 3.28 -6.75
N THR D 146 -7.58 2.41 -6.10
CA THR D 146 -6.18 2.69 -5.84
C THR D 146 -5.39 1.39 -5.79
N PRO D 147 -4.11 1.44 -6.20
CA PRO D 147 -3.25 0.26 -6.06
C PRO D 147 -2.93 0.03 -4.59
N ALA D 148 -2.55 -1.20 -4.20
CA ALA D 148 -2.30 -1.53 -2.81
C ALA D 148 -1.06 -2.38 -2.62
N GLU D 149 -0.26 -2.05 -1.60
CA GLU D 149 0.89 -2.88 -1.29
C GLU D 149 0.55 -3.97 -0.29
N GLU D 150 -0.27 -3.66 0.70
CA GLU D 150 -0.67 -4.62 1.72
C GLU D 150 -1.40 -5.85 1.13
N LEU D 151 -1.39 -6.96 1.86
CA LEU D 151 -2.26 -8.10 1.55
C LEU D 151 -3.56 -7.93 2.35
N GLY D 152 -4.60 -8.67 1.98
CA GLY D 152 -5.83 -8.66 2.76
C GLY D 152 -6.88 -7.69 2.27
N LEU D 153 -8.10 -7.83 2.77
CA LEU D 153 -9.18 -6.92 2.42
C LEU D 153 -8.80 -5.51 2.86
N PRO D 154 -9.30 -4.48 2.14
CA PRO D 154 -8.94 -3.13 2.60
C PRO D 154 -9.47 -2.89 4.01
N VAL D 155 -8.59 -2.41 4.88
CA VAL D 155 -8.98 -2.02 6.24
C VAL D 155 -10.22 -1.14 6.20
N ARG D 156 -10.19 -0.11 5.36
CA ARG D 156 -11.36 0.74 5.14
C ARG D 156 -11.64 0.97 3.64
N PRO D 157 -12.93 0.96 3.26
CA PRO D 157 -13.36 1.10 1.86
C PRO D 157 -12.70 2.29 1.17
N PHE D 158 -12.27 2.13 -0.07
CA PHE D 158 -11.75 3.24 -0.83
C PHE D 158 -12.87 3.82 -1.68
N VAL D 159 -13.35 5.01 -1.29
CA VAL D 159 -14.41 5.68 -2.02
C VAL D 159 -13.84 6.74 -2.97
N PRO D 160 -13.91 6.46 -4.29
CA PRO D 160 -13.33 7.37 -5.29
C PRO D 160 -14.04 8.72 -5.26
N GLU D 161 -13.29 9.80 -5.44
CA GLU D 161 -13.91 11.12 -5.51
C GLU D 161 -14.72 11.21 -6.79
N PRO D 162 -15.92 11.82 -6.72
CA PRO D 162 -16.87 11.93 -7.83
C PRO D 162 -16.22 12.24 -9.18
N GLU D 163 -15.13 13.00 -9.14
CA GLU D 163 -14.39 13.37 -10.33
C GLU D 163 -13.85 12.15 -11.08
N LYS D 164 -13.61 11.07 -10.33
CA LYS D 164 -13.07 9.86 -10.93
C LYS D 164 -14.15 9.14 -11.75
N PHE D 165 -15.38 9.11 -11.25
CA PHE D 165 -16.50 8.54 -12.00
C PHE D 165 -16.70 9.23 -13.36
N ARG D 166 -16.23 10.47 -13.49
CA ARG D 166 -16.33 11.19 -14.75
C ARG D 166 -15.18 10.86 -15.70
N THR D 167 -13.97 10.77 -15.16
CA THR D 167 -12.78 10.62 -15.97
C THR D 167 -12.39 9.17 -16.30
N VAL D 168 -12.72 8.23 -15.41
CA VAL D 168 -12.40 6.82 -15.70
C VAL D 168 -13.09 6.24 -16.95
N PRO D 169 -14.40 6.46 -17.16
CA PRO D 169 -14.99 5.90 -18.37
C PRO D 169 -14.37 6.42 -19.67
N GLU D 170 -13.80 7.62 -19.66
CA GLU D 170 -13.17 8.12 -20.89
C GLU D 170 -11.87 7.37 -21.17
N GLN D 171 -11.43 6.54 -20.23
CA GLN D 171 -10.24 5.72 -20.44
C GLN D 171 -10.47 4.19 -20.34
N TYR D 172 -11.48 3.76 -19.60
CA TYR D 172 -11.79 2.33 -19.54
C TYR D 172 -13.25 2.08 -19.91
N ASP D 173 -13.48 0.99 -20.62
CA ASP D 173 -14.80 0.67 -21.15
C ASP D 173 -15.82 0.38 -20.05
N VAL D 174 -16.27 1.43 -19.36
CA VAL D 174 -17.36 1.33 -18.40
C VAL D 174 -18.33 2.49 -18.51
N ARG D 175 -19.61 2.21 -18.42
CA ARG D 175 -20.60 3.27 -18.25
C ARG D 175 -21.41 2.97 -17.00
N PHE D 176 -21.42 3.91 -16.06
CA PHE D 176 -22.16 3.71 -14.82
C PHE D 176 -23.64 3.98 -15.04
N ARG D 177 -24.47 3.26 -14.29
CA ARG D 177 -25.91 3.44 -14.40
C ARG D 177 -26.58 3.55 -13.03
N PRO D 178 -26.31 4.66 -12.30
CA PRO D 178 -26.92 4.88 -11.00
C PRO D 178 -28.45 5.05 -11.08
N ASP D 179 -28.94 5.30 -12.29
CA ASP D 179 -30.38 5.40 -12.53
C ASP D 179 -31.05 4.03 -12.52
N HIS D 180 -30.25 2.98 -12.68
CA HIS D 180 -30.81 1.64 -12.82
C HIS D 180 -31.30 1.08 -11.48
N GLN D 181 -32.49 0.49 -11.50
CA GLN D 181 -33.04 -0.15 -10.31
C GLN D 181 -33.40 -1.61 -10.61
N TRP D 182 -33.11 -2.49 -9.65
CA TRP D 182 -33.32 -3.93 -9.87
C TRP D 182 -34.73 -4.37 -9.45
N HIS D 183 -35.59 -4.64 -10.44
CA HIS D 183 -37.02 -4.85 -10.21
C HIS D 183 -37.40 -6.29 -9.87
N THR D 184 -36.48 -7.23 -10.06
CA THR D 184 -36.62 -8.56 -9.48
C THR D 184 -36.24 -8.43 -8.00
N GLY D 185 -35.27 -7.55 -7.77
CA GLY D 185 -34.75 -7.27 -6.44
C GLY D 185 -33.33 -6.74 -6.53
N ILE E 3 2.25 33.80 37.73
CA ILE E 3 3.56 33.68 37.10
C ILE E 3 3.66 34.53 35.85
N GLU E 4 3.33 35.81 35.95
CA GLU E 4 3.42 36.70 34.80
C GLU E 4 4.85 37.18 34.56
N TYR E 5 5.15 37.63 33.35
CA TYR E 5 6.48 38.09 32.99
C TYR E 5 6.36 39.40 32.22
N ALA E 6 7.44 40.18 32.17
CA ALA E 6 7.53 41.30 31.25
C ALA E 6 8.40 40.86 30.08
N THR E 7 7.97 41.17 28.87
CA THR E 7 8.74 40.77 27.69
C THR E 7 8.85 41.96 26.79
N ARG E 8 9.55 41.80 25.67
CA ARG E 8 9.68 42.87 24.70
C ARG E 8 8.35 43.22 24.02
N HIS E 9 7.32 42.39 24.22
CA HIS E 9 6.03 42.56 23.53
C HIS E 9 4.90 43.01 24.48
N ARG E 10 4.94 42.56 25.72
CA ARG E 10 3.90 42.90 26.70
C ARG E 10 4.52 43.15 28.07
N ALA E 11 3.95 44.10 28.82
CA ALA E 11 4.36 44.32 30.20
C ALA E 11 3.90 43.16 31.07
N ARG E 12 2.73 42.61 30.75
CA ARG E 12 2.24 41.41 31.42
C ARG E 12 1.98 40.32 30.38
N SER E 13 2.84 39.30 30.38
CA SER E 13 2.69 38.16 29.48
C SER E 13 2.94 36.85 30.23
N PHE E 14 2.34 35.76 29.75
CA PHE E 14 2.64 34.44 30.31
C PHE E 14 3.69 33.71 29.47
N ILE E 15 4.14 34.36 28.41
CA ILE E 15 5.27 33.90 27.62
C ILE E 15 6.55 34.42 28.26
N PRO E 16 7.45 33.51 28.70
CA PRO E 16 8.71 33.92 29.32
C PRO E 16 9.57 34.71 28.34
N PRO E 17 10.24 35.77 28.81
CA PRO E 17 11.10 36.55 27.91
C PRO E 17 12.30 35.77 27.39
N GLU E 18 12.76 34.78 28.16
CA GLU E 18 13.97 34.04 27.81
C GLU E 18 13.74 32.66 27.17
N PRO E 19 14.38 32.42 26.02
CA PRO E 19 14.35 31.13 25.31
C PRO E 19 14.85 29.97 26.16
N GLY E 20 14.41 28.76 25.85
CA GLY E 20 14.83 27.57 26.59
C GLY E 20 14.09 27.38 27.91
N LYS E 21 13.06 28.17 28.14
CA LYS E 21 12.23 28.00 29.33
C LYS E 21 10.91 27.32 28.98
N PRO E 22 10.60 26.21 29.66
CA PRO E 22 9.30 25.56 29.51
C PRO E 22 8.23 26.36 30.22
N TYR E 23 7.00 26.29 29.75
CA TYR E 23 5.89 27.05 30.34
C TYR E 23 4.51 26.51 29.96
N PHE E 24 3.51 26.79 30.80
CA PHE E 24 2.12 26.51 30.49
C PHE E 24 1.35 27.82 30.49
N ILE E 25 0.28 27.86 29.69
CA ILE E 25 -0.59 29.03 29.66
C ILE E 25 -2.04 28.56 29.66
N GLU E 26 -2.81 28.98 30.65
CA GLU E 26 -4.22 28.64 30.67
C GLU E 26 -4.96 29.25 29.49
N LYS E 27 -5.98 28.52 29.04
CA LYS E 27 -6.95 28.97 28.04
C LYS E 27 -7.17 30.49 28.03
N GLY E 28 -6.79 31.12 26.91
CA GLY E 28 -7.12 32.51 26.67
C GLY E 28 -6.07 33.53 27.10
N LEU E 29 -5.01 33.07 27.75
CA LEU E 29 -4.06 34.00 28.36
C LEU E 29 -2.75 34.16 27.59
N GLY E 30 -2.71 33.74 26.33
CA GLY E 30 -1.59 34.12 25.48
C GLY E 30 -1.62 35.62 25.23
N ASP E 31 -0.60 36.16 24.55
CA ASP E 31 -0.62 37.60 24.24
C ASP E 31 -1.80 37.87 23.32
N ARG E 32 -2.55 38.94 23.60
CA ARG E 32 -3.78 39.20 22.86
C ARG E 32 -3.68 40.40 21.93
N ALA E 33 -4.35 40.29 20.78
CA ALA E 33 -4.47 41.40 19.82
C ALA E 33 -5.86 41.45 19.20
N HIS E 34 -6.33 42.66 18.88
CA HIS E 34 -7.58 42.80 18.14
C HIS E 34 -7.27 43.22 16.70
N LEU E 35 -8.06 42.71 15.76
CA LEU E 35 -7.98 43.11 14.37
C LEU E 35 -9.35 42.93 13.78
N PHE E 36 -9.99 44.05 13.46
CA PHE E 36 -11.41 44.07 13.15
C PHE E 36 -12.15 43.44 14.33
N GLY E 37 -13.09 42.55 14.05
CA GLY E 37 -13.85 41.91 15.12
C GLY E 37 -13.16 40.72 15.75
N ASP E 38 -11.96 40.36 15.25
CA ASP E 38 -11.29 39.17 15.75
C ASP E 38 -10.33 39.40 16.93
N LEU E 39 -10.23 38.36 17.76
CA LEU E 39 -9.26 38.30 18.84
C LEU E 39 -8.16 37.32 18.46
N ILE E 40 -6.92 37.80 18.43
CA ILE E 40 -5.79 36.89 18.19
C ILE E 40 -5.04 36.65 19.51
N THR E 41 -4.70 35.39 19.75
CA THR E 41 -4.05 35.03 21.01
C THR E 41 -2.79 34.22 20.73
N ILE E 42 -1.65 34.78 21.09
CA ILE E 42 -0.36 34.17 20.80
C ILE E 42 0.14 33.37 21.98
N TYR E 43 0.46 32.10 21.76
CA TYR E 43 0.92 31.25 22.86
C TYR E 43 2.41 30.97 22.79
N ALA E 44 2.96 31.10 21.59
CA ALA E 44 4.40 30.96 21.39
C ALA E 44 4.77 31.71 20.11
N GLY E 45 5.81 32.54 20.20
CA GLY E 45 6.27 33.31 19.05
C GLY E 45 7.67 32.86 18.65
N GLY E 46 8.26 33.53 17.66
CA GLY E 46 9.57 33.15 17.16
C GLY E 46 10.68 33.07 18.21
N GLU E 47 10.56 33.88 19.27
CA GLU E 47 11.54 33.93 20.35
C GLU E 47 11.71 32.61 21.06
N GLN E 48 10.68 31.77 20.97
CA GLN E 48 10.66 30.52 21.71
C GLN E 48 11.22 29.38 20.88
N THR E 49 11.29 29.58 19.56
CA THR E 49 11.65 28.46 18.69
C THR E 49 12.87 28.71 17.81
N GLU E 50 13.67 29.73 18.15
CA GLU E 50 14.78 30.19 17.31
C GLU E 50 14.25 30.58 15.94
N ASN E 51 13.06 31.18 15.93
CA ASN E 51 12.41 31.63 14.71
C ASN E 51 12.03 30.55 13.71
N THR E 52 11.76 29.34 14.23
CA THR E 52 11.27 28.25 13.39
C THR E 52 9.75 28.36 13.19
N PHE E 53 8.99 28.34 14.28
CA PHE E 53 7.53 28.36 14.17
C PHE E 53 6.87 29.13 15.32
N ASN E 54 5.55 29.28 15.22
CA ASN E 54 4.77 29.94 16.26
C ASN E 54 3.50 29.15 16.56
N PHE E 55 2.66 29.68 17.45
CA PHE E 55 1.40 29.01 17.74
C PHE E 55 0.41 30.00 18.31
N PHE E 56 -0.72 30.14 17.64
CA PHE E 56 -1.71 31.14 18.03
C PHE E 56 -3.13 30.69 17.65
N THR E 57 -4.11 31.38 18.22
CA THR E 57 -5.50 31.11 17.90
C THR E 57 -6.12 32.37 17.36
N CYS E 58 -7.18 32.20 16.60
CA CYS E 58 -7.92 33.35 16.12
CA CYS E 58 -7.93 33.35 16.11
C CYS E 58 -9.41 33.06 16.26
N GLU E 59 -10.13 34.00 16.88
CA GLU E 59 -11.55 33.79 17.13
C GLU E 59 -12.34 35.08 16.94
N GLY E 60 -13.60 34.96 16.53
CA GLY E 60 -14.37 36.11 16.16
C GLY E 60 -15.86 35.84 16.05
N PRO E 61 -16.65 36.90 15.84
CA PRO E 61 -18.10 36.78 15.65
C PRO E 61 -18.37 36.25 14.26
N LYS E 62 -19.62 35.89 13.95
CA LYS E 62 -19.96 35.54 12.58
C LYS E 62 -19.76 36.81 11.74
N GLY E 63 -19.13 36.70 10.58
CA GLY E 63 -18.83 37.90 9.84
C GLY E 63 -18.60 37.78 8.35
N GLU E 64 -18.05 38.84 7.75
CA GLU E 64 -17.75 38.86 6.33
C GLU E 64 -16.37 38.27 6.04
N VAL E 65 -16.15 37.92 4.78
CA VAL E 65 -14.84 37.47 4.32
C VAL E 65 -13.81 38.55 4.65
N ILE E 66 -12.71 38.14 5.25
CA ILE E 66 -11.62 39.04 5.54
C ILE E 66 -10.84 39.41 4.28
N PRO E 67 -10.05 40.52 4.31
CA PRO E 67 -9.33 40.93 3.10
C PRO E 67 -8.40 39.83 2.55
N ALA E 68 -8.62 39.47 1.28
CA ALA E 68 -7.78 38.50 0.62
C ALA E 68 -6.32 38.93 0.71
N HIS E 69 -5.41 37.96 0.83
CA HIS E 69 -3.99 38.28 0.95
C HIS E 69 -3.15 37.07 0.61
N SER E 70 -1.82 37.26 0.60
CA SER E 70 -0.88 36.21 0.23
C SER E 70 0.37 36.38 1.05
N HIS E 71 1.17 35.34 1.17
CA HIS E 71 2.42 35.45 1.91
C HIS E 71 3.53 34.92 1.02
N ALA E 72 4.63 35.66 0.94
CA ALA E 72 5.73 35.34 0.05
C ALA E 72 6.63 34.22 0.56
N ASP E 73 6.94 34.25 1.86
CA ASP E 73 7.81 33.24 2.47
C ASP E 73 7.15 32.46 3.61
N THR E 74 5.83 32.59 3.74
CA THR E 74 5.15 32.08 4.94
C THR E 74 4.02 31.08 4.65
N TYR E 75 4.08 29.93 5.32
CA TYR E 75 3.05 28.88 5.19
C TYR E 75 2.08 28.96 6.37
N GLU E 76 0.79 28.80 6.09
CA GLU E 76 -0.22 28.95 7.14
C GLU E 76 -1.12 27.73 7.37
N VAL E 77 -1.32 27.43 8.64
CA VAL E 77 -2.21 26.36 9.06
C VAL E 77 -3.50 26.94 9.61
N PHE E 78 -4.63 26.38 9.18
CA PHE E 78 -5.94 26.64 9.78
C PHE E 78 -6.48 25.33 10.38
N TYR E 79 -6.55 25.25 11.70
CA TYR E 79 -7.16 24.10 12.37
C TYR E 79 -8.30 24.58 13.24
N ILE E 80 -9.52 24.27 12.81
CA ILE E 80 -10.71 24.77 13.49
C ILE E 80 -10.97 24.05 14.82
N THR E 81 -11.14 24.81 15.90
CA THR E 81 -11.49 24.22 17.19
C THR E 81 -12.94 24.51 17.64
N GLN E 82 -13.54 25.56 17.08
CA GLN E 82 -14.89 25.99 17.46
C GLN E 82 -15.65 26.60 16.27
N GLY E 83 -16.97 26.48 16.28
CA GLY E 83 -17.79 27.11 15.26
C GLY E 83 -17.62 26.48 13.89
N ALA E 84 -17.56 27.33 12.87
CA ALA E 84 -17.35 26.87 11.49
C ALA E 84 -16.77 28.00 10.67
N VAL E 85 -15.71 27.68 9.92
CA VAL E 85 -14.93 28.66 9.20
C VAL E 85 -14.76 28.23 7.74
N ARG E 86 -15.16 29.10 6.81
CA ARG E 86 -14.97 28.82 5.38
C ARG E 86 -13.63 29.36 4.93
N LEU E 87 -12.77 28.47 4.45
CA LEU E 87 -11.45 28.86 3.96
C LEU E 87 -11.49 29.02 2.43
N PHE E 88 -11.12 30.22 1.96
CA PHE E 88 -10.99 30.47 0.52
C PHE E 88 -9.51 30.46 0.13
N VAL E 89 -9.15 29.64 -0.85
CA VAL E 89 -7.77 29.59 -1.28
C VAL E 89 -7.62 29.49 -2.81
N GLU E 90 -6.62 30.19 -3.34
CA GLU E 90 -6.31 30.12 -4.76
C GLU E 90 -4.91 29.55 -4.95
N ASP E 91 -4.80 28.49 -5.73
CA ASP E 91 -3.50 27.83 -5.93
C ASP E 91 -2.60 28.58 -6.93
N LEU E 92 -1.47 27.97 -7.26
CA LEU E 92 -0.52 28.59 -8.17
C LEU E 92 -1.03 28.59 -9.61
N GLU E 93 -1.74 27.53 -10.01
CA GLU E 93 -2.30 27.45 -11.37
C GLU E 93 -3.48 28.41 -11.58
N GLY E 94 -3.90 29.10 -10.53
CA GLY E 94 -5.01 30.03 -10.64
C GLY E 94 -6.36 29.43 -10.26
N GLU E 95 -6.34 28.16 -9.85
CA GLU E 95 -7.56 27.44 -9.46
C GLU E 95 -8.08 27.89 -8.08
N GLN E 96 -9.39 28.08 -7.97
CA GLN E 96 -10.01 28.55 -6.72
C GLN E 96 -10.81 27.48 -5.95
N HIS E 97 -10.36 27.15 -4.73
CA HIS E 97 -11.06 26.20 -3.87
C HIS E 97 -11.66 26.87 -2.63
N GLU E 98 -12.82 26.39 -2.18
CA GLU E 98 -13.43 26.84 -0.93
C GLU E 98 -13.87 25.61 -0.14
N LYS E 99 -13.88 25.72 1.20
CA LYS E 99 -14.39 24.63 2.04
C LYS E 99 -14.79 25.12 3.42
N LEU E 100 -15.99 24.74 3.84
CA LEU E 100 -16.44 25.00 5.21
C LEU E 100 -15.74 24.01 6.13
N LEU E 101 -14.85 24.52 6.99
CA LEU E 101 -14.13 23.66 7.91
C LEU E 101 -14.77 23.71 9.30
N THR E 102 -15.05 22.53 9.83
CA THR E 102 -15.71 22.39 11.13
C THR E 102 -14.68 21.87 12.12
N PRO E 103 -14.95 21.98 13.44
CA PRO E 103 -13.89 21.63 14.41
C PRO E 103 -13.23 20.27 14.16
N GLY E 104 -11.90 20.29 14.15
CA GLY E 104 -11.14 19.11 13.81
C GLY E 104 -10.76 19.07 12.33
N ASP E 105 -11.37 19.93 11.51
CA ASP E 105 -10.96 20.03 10.10
C ASP E 105 -9.69 20.90 9.96
N PHE E 106 -8.96 20.66 8.88
CA PHE E 106 -7.65 21.28 8.70
C PHE E 106 -7.54 21.93 7.32
N GLY E 107 -7.05 23.17 7.31
CA GLY E 107 -6.75 23.88 6.09
C GLY E 107 -5.27 24.25 6.03
N PHE E 108 -4.69 24.22 4.84
CA PHE E 108 -3.28 24.58 4.65
C PHE E 108 -3.09 25.48 3.43
N VAL E 109 -2.56 26.67 3.68
CA VAL E 109 -2.32 27.68 2.65
C VAL E 109 -0.82 27.91 2.45
N PRO E 110 -0.25 27.35 1.36
CA PRO E 110 1.18 27.49 1.05
C PRO E 110 1.52 28.92 0.65
N LYS E 111 2.80 29.27 0.71
CA LYS E 111 3.26 30.62 0.35
C LYS E 111 2.83 30.98 -1.06
N ASN E 112 2.62 32.27 -1.29
CA ASN E 112 2.20 32.79 -2.61
C ASN E 112 0.83 32.31 -3.09
N CYS E 113 0.10 31.61 -2.22
CA CYS E 113 -1.29 31.29 -2.51
C CYS E 113 -2.19 32.34 -1.89
N VAL E 114 -3.04 32.94 -2.70
CA VAL E 114 -3.99 33.94 -2.22
C VAL E 114 -5.01 33.20 -1.36
N HIS E 115 -5.44 33.83 -0.28
CA HIS E 115 -6.38 33.19 0.63
C HIS E 115 -7.15 34.18 1.51
N ALA E 116 -8.31 33.71 1.97
CA ALA E 116 -9.18 34.48 2.87
C ALA E 116 -10.02 33.50 3.70
N TYR E 117 -10.51 33.95 4.84
CA TYR E 117 -11.49 33.14 5.59
C TYR E 117 -12.73 33.94 5.97
N ARG E 118 -13.80 33.22 6.30
CA ARG E 118 -15.00 33.85 6.83
C ARG E 118 -15.56 32.98 7.95
N MET E 119 -15.78 33.59 9.11
CA MET E 119 -16.37 32.88 10.24
C MET E 119 -17.88 32.85 10.14
N GLU E 120 -18.44 31.63 10.13
CA GLU E 120 -19.87 31.44 9.87
C GLU E 120 -20.69 31.02 11.12
N ARG E 121 -20.05 31.07 12.28
CA ARG E 121 -20.77 30.83 13.53
C ARG E 121 -20.25 31.85 14.53
N HIS E 122 -21.07 32.18 15.53
CA HIS E 122 -20.63 33.13 16.52
C HIS E 122 -19.54 32.50 17.35
N HIS E 123 -18.47 33.26 17.58
CA HIS E 123 -17.32 32.80 18.35
C HIS E 123 -16.73 31.49 17.82
N SER E 124 -16.50 31.46 16.51
CA SER E 124 -15.73 30.39 15.93
C SER E 124 -14.27 30.63 16.30
N GLN E 125 -13.46 29.58 16.22
CA GLN E 125 -12.08 29.70 16.66
C GLN E 125 -11.21 28.83 15.76
N VAL E 126 -10.04 29.36 15.41
CA VAL E 126 -9.09 28.69 14.53
C VAL E 126 -7.75 28.62 15.24
N VAL E 127 -7.10 27.45 15.20
CA VAL E 127 -5.72 27.35 15.67
C VAL E 127 -4.79 27.59 14.49
N GLY E 128 -3.79 28.45 14.68
CA GLY E 128 -2.91 28.79 13.58
C GLY E 128 -1.41 28.57 13.83
N VAL E 129 -0.72 28.24 12.75
CA VAL E 129 0.74 28.36 12.69
C VAL E 129 1.03 29.15 11.40
N ALA E 130 1.94 30.12 11.50
CA ALA E 130 2.30 30.93 10.35
C ALA E 130 3.79 31.20 10.37
N ALA E 131 4.54 30.42 9.60
CA ALA E 131 6.00 30.57 9.58
C ALA E 131 6.59 30.12 8.23
N GLY E 132 7.92 30.20 8.12
CA GLY E 132 8.63 29.79 6.93
C GLY E 132 10.12 30.09 7.01
N PRO E 133 10.82 30.07 5.86
CA PRO E 133 12.24 30.42 5.83
C PRO E 133 12.46 31.88 6.21
N GLY E 134 11.46 32.72 5.96
CA GLY E 134 11.55 34.11 6.35
C GLY E 134 11.40 34.31 7.86
N GLY E 135 10.91 33.29 8.54
CA GLY E 135 10.70 33.39 9.98
C GLY E 135 9.24 33.39 10.35
N THR E 136 8.92 34.01 11.48
CA THR E 136 7.58 33.86 12.06
C THR E 136 6.74 35.15 12.02
N PHE E 137 5.43 34.97 11.93
CA PHE E 137 4.49 35.99 11.46
C PHE E 137 3.60 36.61 12.57
N GLU E 138 3.64 36.03 13.77
CA GLU E 138 2.60 36.29 14.78
C GLU E 138 2.39 37.74 15.23
N ARG E 139 3.46 38.55 15.24
CA ARG E 139 3.33 39.91 15.74
C ARG E 139 2.70 40.85 14.71
N PHE E 140 2.33 40.31 13.55
CA PHE E 140 1.63 41.06 12.51
C PHE E 140 0.32 41.64 13.03
N PHE E 141 -0.45 40.78 13.71
CA PHE E 141 -1.81 41.12 14.10
C PHE E 141 -1.90 42.34 15.02
N GLU E 142 -1.04 42.40 16.04
CA GLU E 142 -1.04 43.54 16.95
C GLU E 142 -0.43 44.78 16.27
N SER E 143 0.43 44.53 15.29
CA SER E 143 1.05 45.61 14.52
C SER E 143 0.01 46.35 13.69
N LEU E 144 -0.66 45.62 12.80
CA LEU E 144 -1.75 46.20 11.99
C LEU E 144 -2.94 46.53 12.87
N GLY E 145 -3.29 45.61 13.77
CA GLY E 145 -4.38 45.87 14.68
C GLY E 145 -3.85 46.55 15.92
N THR E 146 -4.34 46.14 17.09
CA THR E 146 -3.80 46.63 18.35
C THR E 146 -3.52 45.49 19.32
N PRO E 147 -2.48 45.65 20.15
CA PRO E 147 -2.42 44.72 21.28
C PRO E 147 -3.61 45.01 22.18
N ALA E 148 -3.98 44.06 23.03
CA ALA E 148 -5.15 44.21 23.87
C ALA E 148 -4.88 43.56 25.19
N GLU E 149 -5.29 44.23 26.25
CA GLU E 149 -5.09 43.73 27.59
C GLU E 149 -6.37 42.98 28.02
N GLU E 150 -7.49 43.35 27.42
CA GLU E 150 -8.79 42.74 27.69
C GLU E 150 -8.83 41.26 27.33
N LEU E 151 -9.70 40.51 28.00
CA LEU E 151 -10.00 39.14 27.61
C LEU E 151 -11.24 39.16 26.73
N GLY E 152 -11.46 38.08 25.98
CA GLY E 152 -12.69 37.93 25.22
C GLY E 152 -12.71 38.66 23.90
N LEU E 153 -13.82 38.54 23.18
CA LEU E 153 -13.92 39.11 21.86
C LEU E 153 -13.90 40.64 21.95
N PRO E 154 -13.39 41.30 20.90
CA PRO E 154 -13.48 42.77 20.89
C PRO E 154 -14.95 43.15 20.93
N VAL E 155 -15.32 44.02 21.87
CA VAL E 155 -16.72 44.45 21.97
C VAL E 155 -17.12 45.22 20.72
N ARG E 156 -16.12 45.85 20.12
CA ARG E 156 -16.31 46.64 18.91
C ARG E 156 -15.08 46.40 18.07
N PRO E 157 -15.23 46.35 16.75
CA PRO E 157 -14.10 45.95 15.92
C PRO E 157 -12.96 46.96 15.97
N PHE E 158 -11.71 46.51 15.93
CA PHE E 158 -10.61 47.45 15.79
C PHE E 158 -10.37 47.71 14.31
N VAL E 159 -10.75 48.90 13.87
CA VAL E 159 -10.55 49.32 12.49
C VAL E 159 -9.23 50.09 12.37
N PRO E 160 -8.23 49.48 11.72
CA PRO E 160 -6.90 50.11 11.68
C PRO E 160 -6.86 51.37 10.82
N GLU E 161 -6.00 52.32 11.19
CA GLU E 161 -5.71 53.47 10.34
C GLU E 161 -5.18 52.96 9.00
N PRO E 162 -5.75 53.43 7.88
CA PRO E 162 -5.37 52.93 6.55
C PRO E 162 -3.90 53.17 6.20
N GLU E 163 -3.21 53.97 7.01
CA GLU E 163 -1.78 54.18 6.86
C GLU E 163 -1.01 52.91 7.22
N LYS E 164 -1.57 52.14 8.15
CA LYS E 164 -0.97 50.88 8.58
C LYS E 164 -1.04 49.83 7.47
N PHE E 165 -2.05 49.93 6.62
CA PHE E 165 -2.14 49.07 5.44
C PHE E 165 -0.99 49.35 4.46
N ARG E 166 -0.38 50.53 4.56
CA ARG E 166 0.84 50.85 3.83
C ARG E 166 2.07 50.45 4.63
N THR E 167 2.10 50.87 5.89
CA THR E 167 3.21 50.58 6.80
C THR E 167 3.52 49.09 6.92
N VAL E 168 2.54 48.35 7.45
CA VAL E 168 2.68 46.92 7.80
C VAL E 168 3.41 46.01 6.81
N PRO E 169 3.07 46.09 5.51
CA PRO E 169 3.68 45.12 4.59
C PRO E 169 5.20 45.24 4.42
N GLU E 170 5.81 46.34 4.85
CA GLU E 170 7.26 46.44 4.77
C GLU E 170 7.95 45.74 5.94
N GLN E 171 7.15 45.16 6.83
CA GLN E 171 7.72 44.47 7.99
C GLN E 171 7.26 43.02 8.23
N TYR E 172 6.20 42.56 7.58
CA TYR E 172 5.57 41.31 8.05
C TYR E 172 5.33 40.13 7.09
N ASP E 173 5.59 40.31 5.81
CA ASP E 173 5.31 39.31 4.78
C ASP E 173 3.81 39.08 4.60
N VAL E 174 3.09 40.17 4.37
CA VAL E 174 1.72 40.10 3.89
C VAL E 174 1.54 41.07 2.72
N ARG E 175 0.91 40.58 1.65
CA ARG E 175 0.51 41.46 0.57
C ARG E 175 -0.99 41.35 0.42
N PHE E 176 -1.68 42.50 0.42
CA PHE E 176 -3.13 42.49 0.30
C PHE E 176 -3.55 42.48 -1.17
N ARG E 177 -4.70 41.88 -1.46
CA ARG E 177 -5.25 41.87 -2.81
C ARG E 177 -6.71 42.32 -2.80
N PRO E 178 -6.94 43.63 -2.62
CA PRO E 178 -8.30 44.18 -2.60
C PRO E 178 -8.94 44.02 -3.99
N ASP E 179 -8.08 43.84 -4.99
CA ASP E 179 -8.53 43.58 -6.35
C ASP E 179 -9.11 42.17 -6.48
N HIS E 180 -8.59 41.23 -5.68
CA HIS E 180 -8.99 39.84 -5.79
C HIS E 180 -10.48 39.65 -5.51
N GLN E 181 -11.08 38.68 -6.19
CA GLN E 181 -12.47 38.31 -5.94
C GLN E 181 -12.66 36.82 -6.17
N TRP E 182 -13.41 36.19 -5.27
CA TRP E 182 -13.59 34.74 -5.29
C TRP E 182 -14.71 34.32 -6.22
N HIS E 183 -14.41 33.41 -7.14
CA HIS E 183 -15.37 32.85 -8.09
C HIS E 183 -16.67 32.46 -7.40
N THR E 184 -16.53 31.68 -6.33
CA THR E 184 -17.61 30.91 -5.75
C THR E 184 -18.53 31.67 -4.78
N GLY E 185 -18.77 31.10 -3.61
CA GLY E 185 -19.65 31.68 -2.62
C GLY E 185 -20.20 30.64 -1.65
N ILE F 3 -9.89 14.69 -2.58
CA ILE F 3 -8.92 13.97 -3.39
C ILE F 3 -7.90 13.19 -2.56
N GLU F 4 -7.91 11.86 -2.69
CA GLU F 4 -6.84 11.04 -2.10
C GLU F 4 -5.61 11.09 -3.01
N TYR F 5 -4.43 10.92 -2.43
CA TYR F 5 -3.18 10.93 -3.19
C TYR F 5 -2.37 9.76 -2.71
N ALA F 6 -1.28 9.46 -3.42
CA ALA F 6 -0.27 8.54 -2.93
C ALA F 6 0.98 9.35 -2.72
N THR F 7 1.80 8.97 -1.74
CA THR F 7 2.98 9.75 -1.39
C THR F 7 4.07 8.79 -0.96
N ARG F 8 5.28 9.30 -0.74
CA ARG F 8 6.34 8.45 -0.22
C ARG F 8 6.05 7.94 1.18
N HIS F 9 4.94 8.40 1.78
CA HIS F 9 4.56 7.97 3.12
C HIS F 9 3.32 7.05 3.13
N ARG F 10 2.32 7.35 2.31
CA ARG F 10 1.10 6.54 2.27
C ARG F 10 0.66 6.22 0.84
N ALA F 11 0.08 5.05 0.64
CA ALA F 11 -0.59 4.76 -0.63
C ALA F 11 -1.85 5.62 -0.74
N ARG F 12 -2.51 5.80 0.40
CA ARG F 12 -3.70 6.65 0.50
C ARG F 12 -3.43 7.81 1.47
N SER F 13 -3.51 9.04 0.98
CA SER F 13 -3.21 10.20 1.83
C SER F 13 -3.91 11.44 1.30
N PHE F 14 -4.31 12.33 2.20
CA PHE F 14 -4.93 13.58 1.78
C PHE F 14 -3.94 14.73 1.74
N ILE F 15 -2.69 14.41 2.07
CA ILE F 15 -1.58 15.34 1.92
C ILE F 15 -0.99 15.20 0.51
N PRO F 16 -0.99 16.29 -0.26
CA PRO F 16 -0.45 16.26 -1.63
C PRO F 16 1.04 15.99 -1.65
N PRO F 17 1.49 15.12 -2.59
CA PRO F 17 2.89 14.76 -2.82
C PRO F 17 3.77 15.99 -3.04
N GLU F 18 3.29 16.93 -3.84
CA GLU F 18 4.09 18.09 -4.24
C GLU F 18 3.83 19.35 -3.41
N PRO F 19 4.91 19.99 -2.92
CA PRO F 19 4.87 21.25 -2.18
C PRO F 19 4.15 22.36 -2.95
N GLY F 20 3.71 23.39 -2.23
CA GLY F 20 3.07 24.53 -2.86
C GLY F 20 1.61 24.33 -3.22
N LYS F 21 1.02 23.20 -2.82
CA LYS F 21 -0.38 22.95 -3.13
C LYS F 21 -1.28 23.11 -1.91
N PRO F 22 -2.28 24.00 -2.00
CA PRO F 22 -3.25 24.21 -0.92
C PRO F 22 -4.17 23.01 -0.80
N TYR F 23 -4.59 22.66 0.41
CA TYR F 23 -5.41 21.47 0.59
C TYR F 23 -6.21 21.51 1.89
N PHE F 24 -7.28 20.71 1.90
CA PHE F 24 -8.10 20.56 3.09
C PHE F 24 -8.13 19.09 3.50
N ILE F 25 -8.10 18.84 4.81
CA ILE F 25 -8.30 17.49 5.31
C ILE F 25 -9.41 17.51 6.38
N GLU F 26 -10.41 16.66 6.20
CA GLU F 26 -11.51 16.57 7.14
C GLU F 26 -11.03 15.88 8.40
N LYS F 27 -11.72 16.19 9.49
CA LYS F 27 -11.43 15.65 10.82
C LYS F 27 -11.04 14.17 10.82
N GLY F 28 -9.83 13.90 11.31
CA GLY F 28 -9.36 12.53 11.46
C GLY F 28 -8.63 11.95 10.27
N LEU F 29 -8.68 12.63 9.13
CA LEU F 29 -8.21 12.03 7.88
C LEU F 29 -6.75 12.35 7.51
N GLY F 30 -5.97 12.87 8.46
CA GLY F 30 -4.54 13.05 8.20
C GLY F 30 -3.82 11.70 8.19
N ASP F 31 -2.52 11.70 7.92
CA ASP F 31 -1.75 10.46 7.94
C ASP F 31 -1.75 9.94 9.37
N ARG F 32 -2.10 8.66 9.55
CA ARG F 32 -2.22 8.13 10.90
C ARG F 32 -1.11 7.14 11.30
N ALA F 33 -0.83 7.10 12.60
CA ALA F 33 0.10 6.13 13.17
C ALA F 33 -0.38 5.68 14.53
N HIS F 34 0.13 4.53 14.99
CA HIS F 34 -0.13 4.04 16.34
C HIS F 34 1.15 3.86 17.14
N LEU F 35 1.15 4.36 18.37
CA LEU F 35 2.28 4.19 19.27
C LEU F 35 1.73 4.06 20.69
N PHE F 36 1.86 2.85 21.24
CA PHE F 36 1.10 2.44 22.43
C PHE F 36 -0.39 2.54 22.16
N GLY F 37 -1.15 3.01 23.14
CA GLY F 37 -2.58 3.16 22.99
C GLY F 37 -2.95 4.41 22.23
N ASP F 38 -1.93 5.20 21.86
CA ASP F 38 -2.18 6.52 21.28
C ASP F 38 -2.26 6.51 19.75
N LEU F 39 -3.21 7.29 19.23
CA LEU F 39 -3.35 7.52 17.79
C LEU F 39 -2.73 8.87 17.45
N ILE F 40 -1.81 8.87 16.49
CA ILE F 40 -1.20 10.12 16.04
C ILE F 40 -1.66 10.40 14.62
N THR F 41 -2.04 11.64 14.34
CA THR F 41 -2.56 11.98 13.01
C THR F 41 -1.80 13.17 12.46
N ILE F 42 -1.19 13.00 11.29
CA ILE F 42 -0.38 14.08 10.71
C ILE F 42 -1.13 14.85 9.61
N TYR F 43 -1.26 16.17 9.80
CA TYR F 43 -1.98 16.99 8.83
C TYR F 43 -1.03 17.72 7.88
N ALA F 44 0.17 18.04 8.38
CA ALA F 44 1.20 18.71 7.56
C ALA F 44 2.61 18.31 8.01
N GLY F 45 3.43 17.88 7.05
CA GLY F 45 4.79 17.44 7.34
C GLY F 45 5.85 18.41 6.84
N GLY F 46 7.11 17.99 6.88
CA GLY F 46 8.21 18.82 6.43
C GLY F 46 8.09 19.19 4.96
N GLU F 47 7.66 18.21 4.15
CA GLU F 47 7.50 18.39 2.72
C GLU F 47 6.61 19.58 2.35
N GLN F 48 5.75 19.99 3.28
CA GLN F 48 4.78 21.05 3.01
C GLN F 48 5.31 22.44 3.36
N THR F 49 6.35 22.51 4.19
CA THR F 49 6.75 23.79 4.78
C THR F 49 8.23 24.16 4.56
N GLU F 50 8.85 23.54 3.56
CA GLU F 50 10.30 23.63 3.35
C GLU F 50 11.00 23.19 4.64
N ASN F 51 10.51 22.08 5.20
CA ASN F 51 10.99 21.53 6.47
C ASN F 51 11.11 22.55 7.61
N THR F 52 10.13 23.43 7.73
CA THR F 52 10.14 24.44 8.81
C THR F 52 9.28 24.06 10.02
N PHE F 53 8.06 23.56 9.77
CA PHE F 53 7.22 23.08 10.86
C PHE F 53 6.31 21.94 10.44
N ASN F 54 5.57 21.41 11.42
CA ASN F 54 4.55 20.40 11.13
C ASN F 54 3.27 20.74 11.89
N PHE F 55 2.28 19.86 11.79
CA PHE F 55 1.04 20.01 12.53
C PHE F 55 0.38 18.67 12.65
N PHE F 56 0.17 18.22 13.87
CA PHE F 56 -0.39 16.90 14.10
C PHE F 56 -1.21 16.88 15.38
N THR F 57 -2.00 15.82 15.53
CA THR F 57 -2.75 15.60 16.75
C THR F 57 -2.36 14.27 17.34
N CYS F 58 -2.38 14.23 18.67
CA CYS F 58 -2.15 12.99 19.39
C CYS F 58 -3.34 12.74 20.32
N GLU F 59 -4.01 11.60 20.13
CA GLU F 59 -5.15 11.23 20.96
C GLU F 59 -5.06 9.79 21.45
N GLY F 60 -5.63 9.51 22.63
CA GLY F 60 -5.53 8.18 23.20
C GLY F 60 -6.39 7.99 24.44
N PRO F 61 -6.34 6.79 25.03
CA PRO F 61 -7.19 6.51 26.19
C PRO F 61 -6.55 7.02 27.47
N LYS F 62 -7.31 6.92 28.55
CA LYS F 62 -6.78 7.23 29.87
C LYS F 62 -5.68 6.22 30.17
N GLY F 63 -4.44 6.68 30.26
CA GLY F 63 -3.33 5.76 30.45
C GLY F 63 -2.36 6.15 31.56
N GLU F 64 -1.13 5.68 31.42
CA GLU F 64 -0.08 6.10 32.33
C GLU F 64 0.90 7.01 31.60
N VAL F 65 1.77 7.67 32.36
CA VAL F 65 2.77 8.55 31.79
C VAL F 65 3.58 7.82 30.72
N ILE F 66 3.67 8.41 29.54
CA ILE F 66 4.47 7.84 28.46
C ILE F 66 5.96 7.96 28.83
N PRO F 67 6.84 7.20 28.15
CA PRO F 67 8.26 7.26 28.49
C PRO F 67 8.85 8.69 28.48
N ALA F 68 9.60 9.04 29.52
CA ALA F 68 10.25 10.35 29.55
C ALA F 68 11.27 10.45 28.43
N HIS F 69 11.47 11.64 27.88
CA HIS F 69 12.40 11.81 26.76
C HIS F 69 12.80 13.27 26.55
N SER F 70 13.65 13.48 25.55
CA SER F 70 14.10 14.82 25.19
C SER F 70 14.34 14.89 23.69
N HIS F 71 14.39 16.11 23.17
CA HIS F 71 14.82 16.33 21.81
C HIS F 71 15.84 17.46 21.88
N ALA F 72 16.92 17.35 21.12
CA ALA F 72 18.01 18.32 21.23
C ALA F 72 17.86 19.49 20.25
N ASP F 73 17.03 19.30 19.22
CA ASP F 73 16.93 20.28 18.16
C ASP F 73 15.48 20.72 17.98
N THR F 74 14.56 20.04 18.65
CA THR F 74 13.15 20.20 18.38
C THR F 74 12.38 20.85 19.52
N TYR F 75 11.58 21.86 19.19
CA TYR F 75 10.67 22.50 20.14
C TYR F 75 9.27 21.92 20.03
N GLU F 76 8.67 21.59 21.17
CA GLU F 76 7.37 20.91 21.18
C GLU F 76 6.24 21.77 21.75
N VAL F 77 5.14 21.80 21.01
CA VAL F 77 3.91 22.42 21.48
C VAL F 77 2.91 21.34 21.92
N PHE F 78 2.22 21.57 23.03
CA PHE F 78 1.06 20.77 23.44
C PHE F 78 -0.16 21.70 23.61
N TYR F 79 -1.14 21.57 22.73
CA TYR F 79 -2.38 22.35 22.87
C TYR F 79 -3.59 21.41 22.98
N ILE F 80 -4.24 21.41 24.14
CA ILE F 80 -5.29 20.42 24.42
C ILE F 80 -6.62 20.75 23.74
N THR F 81 -7.21 19.78 23.05
CA THR F 81 -8.50 19.98 22.41
C THR F 81 -9.64 19.12 23.00
N GLN F 82 -9.30 18.00 23.62
CA GLN F 82 -10.32 17.14 24.23
C GLN F 82 -9.77 16.55 25.51
N GLY F 83 -10.63 16.29 26.48
CA GLY F 83 -10.20 15.53 27.65
C GLY F 83 -9.34 16.36 28.57
N ALA F 84 -8.32 15.73 29.15
CA ALA F 84 -7.39 16.41 30.05
C ALA F 84 -6.06 15.68 30.06
N VAL F 85 -4.97 16.43 29.95
CA VAL F 85 -3.65 15.86 29.79
C VAL F 85 -2.66 16.50 30.77
N ARG F 86 -2.04 15.69 31.62
CA ARG F 86 -1.01 16.20 32.55
C ARG F 86 0.32 16.27 31.84
N LEU F 87 0.91 17.46 31.78
CA LEU F 87 2.21 17.61 31.11
C LEU F 87 3.31 17.67 32.14
N PHE F 88 4.31 16.79 31.99
CA PHE F 88 5.47 16.84 32.86
C PHE F 88 6.66 17.43 32.13
N VAL F 89 7.31 18.41 32.75
CA VAL F 89 8.49 19.02 32.15
C VAL F 89 9.56 19.40 33.18
N GLU F 90 10.82 19.12 32.86
CA GLU F 90 11.94 19.55 33.67
C GLU F 90 12.76 20.59 32.92
N ASP F 91 12.92 21.77 33.49
CA ASP F 91 13.65 22.84 32.83
C ASP F 91 15.16 22.59 32.73
N LEU F 92 15.89 23.49 32.08
CA LEU F 92 17.35 23.39 31.97
C LEU F 92 18.06 23.34 33.33
N GLU F 93 17.59 24.14 34.29
CA GLU F 93 18.18 24.15 35.65
C GLU F 93 17.75 22.93 36.48
N GLY F 94 17.16 21.93 35.83
CA GLY F 94 16.84 20.68 36.50
C GLY F 94 15.59 20.65 37.37
N GLU F 95 14.89 21.78 37.46
CA GLU F 95 13.64 21.83 38.22
C GLU F 95 12.46 21.22 37.44
N GLN F 96 11.55 20.57 38.15
CA GLN F 96 10.42 19.91 37.51
C GLN F 96 9.10 20.65 37.64
N HIS F 97 8.29 20.57 36.57
CA HIS F 97 6.98 21.20 36.54
C HIS F 97 5.92 20.24 35.99
N GLU F 98 4.72 20.30 36.55
CA GLU F 98 3.59 19.57 36.01
C GLU F 98 2.36 20.44 36.02
N LYS F 99 1.48 20.25 35.02
CA LYS F 99 0.15 20.87 35.06
C LYS F 99 -0.87 20.00 34.34
N LEU F 100 -2.08 19.94 34.89
CA LEU F 100 -3.18 19.30 34.20
C LEU F 100 -3.73 20.29 33.18
N LEU F 101 -3.54 20.00 31.90
CA LEU F 101 -4.00 20.92 30.85
C LEU F 101 -5.37 20.48 30.32
N THR F 102 -6.29 21.44 30.27
CA THR F 102 -7.65 21.18 29.82
C THR F 102 -7.86 21.87 28.47
N PRO F 103 -8.94 21.52 27.72
CA PRO F 103 -9.01 22.02 26.34
C PRO F 103 -8.90 23.53 26.25
N GLY F 104 -8.00 24.00 25.39
CA GLY F 104 -7.75 25.42 25.28
C GLY F 104 -6.46 25.84 25.99
N ASP F 105 -6.03 25.05 26.98
CA ASP F 105 -4.73 25.25 27.62
C ASP F 105 -3.54 24.79 26.74
N PHE F 106 -2.40 25.41 27.02
CA PHE F 106 -1.20 25.30 26.21
C PHE F 106 0.02 24.94 27.06
N GLY F 107 0.87 24.06 26.54
CA GLY F 107 2.15 23.78 27.18
C GLY F 107 3.26 23.84 26.14
N PHE F 108 4.42 24.34 26.55
CA PHE F 108 5.57 24.47 25.63
C PHE F 108 6.83 23.78 26.15
N VAL F 109 7.39 22.88 25.34
CA VAL F 109 8.59 22.15 25.74
C VAL F 109 9.77 22.49 24.83
N PRO F 110 10.77 23.20 25.37
CA PRO F 110 12.00 23.57 24.65
C PRO F 110 12.96 22.39 24.53
N LYS F 111 13.87 22.45 23.55
CA LYS F 111 14.88 21.42 23.35
C LYS F 111 15.69 21.17 24.62
N ASN F 112 16.14 19.92 24.78
CA ASN F 112 16.93 19.49 25.94
C ASN F 112 16.18 19.54 27.26
N CYS F 113 14.86 19.72 27.20
CA CYS F 113 14.05 19.65 28.40
C CYS F 113 13.34 18.31 28.48
N VAL F 114 13.55 17.60 29.58
CA VAL F 114 12.97 16.28 29.77
C VAL F 114 11.47 16.44 29.98
N HIS F 115 10.68 15.67 29.24
CA HIS F 115 9.25 15.79 29.35
C HIS F 115 8.53 14.48 29.16
N ALA F 116 7.28 14.47 29.60
CA ALA F 116 6.38 13.36 29.36
C ALA F 116 4.97 13.89 29.59
N TYR F 117 3.97 13.13 29.15
CA TYR F 117 2.59 13.51 29.43
C TYR F 117 1.81 12.30 29.88
N ARG F 118 0.60 12.54 30.37
CA ARG F 118 -0.31 11.46 30.71
C ARG F 118 -1.73 11.91 30.47
N MET F 119 -2.49 11.08 29.75
CA MET F 119 -3.87 11.38 29.43
C MET F 119 -4.77 10.97 30.57
N GLU F 120 -5.52 11.92 31.12
CA GLU F 120 -6.29 11.64 32.32
C GLU F 120 -7.80 11.52 32.06
N ARG F 121 -8.20 11.65 30.80
CA ARG F 121 -9.55 11.32 30.37
C ARG F 121 -9.47 10.37 29.17
N HIS F 122 -10.52 9.61 28.92
N HIS F 122 -10.52 9.59 28.93
CA HIS F 122 -10.54 8.71 27.77
CA HIS F 122 -10.55 8.70 27.77
C HIS F 122 -10.76 9.49 26.49
C HIS F 122 -10.74 9.51 26.49
N HIS F 123 -9.96 9.17 25.47
CA HIS F 123 -9.95 9.92 24.22
C HIS F 123 -9.61 11.40 24.44
N SER F 124 -8.60 11.65 25.25
CA SER F 124 -8.00 12.98 25.32
C SER F 124 -7.33 13.26 23.98
N GLN F 125 -7.19 14.53 23.62
CA GLN F 125 -6.57 14.86 22.35
C GLN F 125 -5.68 16.08 22.51
N VAL F 126 -4.49 16.01 21.94
CA VAL F 126 -3.52 17.10 21.97
C VAL F 126 -3.20 17.54 20.54
N VAL F 127 -3.19 18.84 20.28
CA VAL F 127 -2.65 19.35 19.03
C VAL F 127 -1.17 19.62 19.26
N GLY F 128 -0.32 19.19 18.33
CA GLY F 128 1.11 19.40 18.49
C GLY F 128 1.78 20.00 17.26
N VAL F 129 2.88 20.69 17.51
CA VAL F 129 3.84 21.06 16.48
C VAL F 129 5.19 20.66 17.04
N ALA F 130 6.01 19.99 16.24
CA ALA F 130 7.33 19.57 16.72
C ALA F 130 8.37 19.87 15.66
N ALA F 131 9.10 20.97 15.85
CA ALA F 131 10.07 21.42 14.86
C ALA F 131 11.20 22.23 15.47
N GLY F 132 12.29 22.36 14.72
CA GLY F 132 13.42 23.17 15.14
C GLY F 132 14.27 23.53 13.95
N PRO F 133 15.45 24.12 14.21
CA PRO F 133 16.39 24.53 13.16
C PRO F 133 16.85 23.33 12.36
N GLY F 134 16.91 22.17 13.02
CA GLY F 134 17.25 20.92 12.35
C GLY F 134 16.04 20.11 11.91
N GLY F 135 15.06 20.78 11.31
CA GLY F 135 13.95 20.10 10.65
C GLY F 135 12.77 19.65 11.50
N THR F 136 11.93 18.79 10.91
CA THR F 136 10.69 18.37 11.55
C THR F 136 10.67 16.90 11.99
N PHE F 137 9.67 16.55 12.79
CA PHE F 137 9.74 15.40 13.68
C PHE F 137 8.62 14.36 13.46
N GLU F 138 7.59 14.74 12.70
CA GLU F 138 6.34 14.00 12.65
C GLU F 138 6.42 12.52 12.23
N ARG F 139 7.43 12.16 11.45
CA ARG F 139 7.51 10.79 10.94
C ARG F 139 8.09 9.83 11.97
N PHE F 140 8.51 10.36 13.11
CA PHE F 140 8.99 9.56 14.23
C PHE F 140 7.97 8.50 14.67
N PHE F 141 6.72 8.91 14.80
CA PHE F 141 5.70 8.06 15.42
C PHE F 141 5.43 6.78 14.65
N GLU F 142 5.37 6.87 13.32
CA GLU F 142 5.07 5.68 12.53
C GLU F 142 6.30 4.79 12.36
N SER F 143 7.45 5.34 12.73
CA SER F 143 8.72 4.61 12.74
C SER F 143 8.91 3.81 14.02
N LEU F 144 8.92 4.49 15.17
CA LEU F 144 8.99 3.78 16.45
C LEU F 144 7.73 2.92 16.61
N GLY F 145 6.60 3.47 16.20
CA GLY F 145 5.35 2.72 16.25
C GLY F 145 5.04 2.09 14.90
N THR F 146 3.86 2.38 14.36
CA THR F 146 3.46 1.88 13.05
C THR F 146 2.45 2.78 12.35
N PRO F 147 2.59 2.94 11.03
CA PRO F 147 1.50 3.61 10.32
C PRO F 147 0.25 2.75 10.41
N ALA F 148 -0.91 3.37 10.27
CA ALA F 148 -2.17 2.67 10.41
C ALA F 148 -3.12 3.21 9.38
N GLU F 149 -4.03 2.34 8.91
CA GLU F 149 -5.00 2.76 7.91
C GLU F 149 -6.35 2.95 8.58
N GLU F 150 -6.56 2.22 9.67
CA GLU F 150 -7.78 2.32 10.45
C GLU F 150 -8.01 3.76 10.93
N LEU F 151 -9.26 4.10 11.20
CA LEU F 151 -9.61 5.33 11.90
C LEU F 151 -9.85 4.95 13.36
N GLY F 152 -9.77 5.93 14.25
CA GLY F 152 -10.08 5.69 15.65
C GLY F 152 -8.89 5.20 16.44
N LEU F 153 -9.05 5.07 17.76
CA LEU F 153 -7.96 4.61 18.61
C LEU F 153 -7.60 3.18 18.26
N PRO F 154 -6.33 2.81 18.53
CA PRO F 154 -5.93 1.41 18.37
C PRO F 154 -6.70 0.53 19.35
N VAL F 155 -7.31 -0.55 18.85
CA VAL F 155 -8.11 -1.45 19.67
C VAL F 155 -7.28 -1.99 20.83
N ARG F 156 -5.99 -2.20 20.57
CA ARG F 156 -5.05 -2.57 21.60
C ARG F 156 -3.71 -1.95 21.23
N PRO F 157 -2.96 -1.48 22.22
CA PRO F 157 -1.74 -0.70 21.99
C PRO F 157 -0.72 -1.38 21.07
N PHE F 158 0.04 -0.58 20.33
CA PHE F 158 1.14 -1.11 19.55
C PHE F 158 2.42 -0.95 20.37
N VAL F 159 2.97 -2.09 20.78
CA VAL F 159 4.19 -2.10 21.58
C VAL F 159 5.36 -2.37 20.63
N PRO F 160 6.29 -1.40 20.50
CA PRO F 160 7.43 -1.66 19.60
C PRO F 160 8.40 -2.69 20.19
N GLU F 161 9.03 -3.47 19.33
CA GLU F 161 10.10 -4.38 19.71
C GLU F 161 11.27 -3.60 20.33
N PRO F 162 12.11 -4.29 21.14
CA PRO F 162 13.23 -3.57 21.76
C PRO F 162 14.22 -3.01 20.73
N GLU F 163 14.25 -3.59 19.53
CA GLU F 163 15.18 -3.16 18.48
C GLU F 163 14.75 -1.84 17.85
N LYS F 164 13.44 -1.56 17.88
CA LYS F 164 12.92 -0.30 17.38
C LYS F 164 13.38 0.82 18.30
N PHE F 165 13.26 0.59 19.60
CA PHE F 165 13.61 1.57 20.62
C PHE F 165 15.05 2.08 20.52
N ARG F 166 15.92 1.34 19.82
CA ARG F 166 17.32 1.75 19.64
C ARG F 166 17.62 2.33 18.25
N THR F 167 17.02 1.74 17.21
CA THR F 167 17.22 2.25 15.85
C THR F 167 16.48 3.57 15.55
N VAL F 168 15.39 3.86 16.25
CA VAL F 168 14.62 5.08 15.90
C VAL F 168 15.34 6.43 16.13
N PRO F 169 16.03 6.62 17.28
CA PRO F 169 16.67 7.94 17.47
C PRO F 169 17.84 8.20 16.52
N GLU F 170 18.26 7.16 15.80
CA GLU F 170 19.27 7.31 14.75
C GLU F 170 18.72 8.18 13.62
N GLN F 171 17.41 8.34 13.57
CA GLN F 171 16.77 9.06 12.47
C GLN F 171 15.88 10.25 12.88
N TYR F 172 15.52 10.38 14.16
CA TYR F 172 14.41 11.28 14.50
C TYR F 172 14.54 12.28 15.66
N ASP F 173 15.72 12.41 16.26
CA ASP F 173 15.93 13.39 17.33
C ASP F 173 15.01 13.15 18.54
N VAL F 174 15.11 11.95 19.11
CA VAL F 174 14.46 11.63 20.37
C VAL F 174 15.50 10.94 21.22
N ARG F 175 15.75 11.45 22.43
CA ARG F 175 16.53 10.64 23.35
C ARG F 175 15.69 10.27 24.55
N PHE F 176 15.41 8.98 24.68
CA PHE F 176 14.60 8.50 25.79
C PHE F 176 15.40 8.52 27.07
N ARG F 177 14.72 8.68 28.20
CA ARG F 177 15.36 8.69 29.51
C ARG F 177 14.66 7.68 30.41
N PRO F 178 15.04 6.40 30.30
CA PRO F 178 14.35 5.33 31.04
C PRO F 178 14.67 5.37 32.53
N ASP F 179 15.47 6.36 32.91
CA ASP F 179 15.93 6.52 34.28
C ASP F 179 15.19 7.62 35.01
N HIS F 180 14.68 8.59 34.25
CA HIS F 180 14.14 9.83 34.79
C HIS F 180 13.08 9.63 35.88
N GLN F 181 13.12 10.50 36.89
CA GLN F 181 12.14 10.46 37.97
C GLN F 181 11.29 11.72 37.98
N TRP F 182 9.97 11.53 38.09
CA TRP F 182 9.08 12.67 38.26
C TRP F 182 8.75 12.91 39.75
N HIS F 183 9.11 14.09 40.25
CA HIS F 183 8.82 14.49 41.64
C HIS F 183 7.33 14.64 41.86
N THR F 184 6.55 14.58 40.78
CA THR F 184 5.09 14.73 40.81
C THR F 184 4.66 16.04 41.49
N GLY F 185 3.97 15.91 42.61
CA GLY F 185 3.40 17.06 43.30
C GLY F 185 2.19 16.65 44.12
N ILE G 3 -36.65 34.29 9.34
CA ILE G 3 -35.98 33.29 10.17
C ILE G 3 -36.42 33.44 11.62
N GLU G 4 -36.76 34.65 12.03
CA GLU G 4 -37.04 34.96 13.43
C GLU G 4 -38.51 34.89 13.82
N TYR G 5 -38.77 34.80 15.12
CA TYR G 5 -40.12 34.77 15.67
C TYR G 5 -40.23 35.79 16.81
N ALA G 6 -41.45 36.27 17.04
CA ALA G 6 -41.76 37.00 18.27
C ALA G 6 -42.50 36.02 19.17
N THR G 7 -42.04 35.88 20.41
CA THR G 7 -42.71 34.99 21.37
C THR G 7 -42.98 35.70 22.69
N ARG G 8 -43.61 34.99 23.63
CA ARG G 8 -43.98 35.59 24.91
C ARG G 8 -42.76 36.00 25.75
N HIS G 9 -41.58 35.57 25.33
CA HIS G 9 -40.35 35.91 26.06
C HIS G 9 -39.49 36.99 25.40
N ARG G 10 -39.48 37.02 24.07
CA ARG G 10 -38.55 37.89 23.36
C ARG G 10 -39.19 38.58 22.15
N ALA G 11 -38.88 39.86 21.96
CA ALA G 11 -39.28 40.57 20.75
C ALA G 11 -38.80 39.81 19.53
N ARG G 12 -37.59 39.27 19.61
CA ARG G 12 -37.11 38.31 18.63
C ARG G 12 -36.39 37.13 19.29
N SER G 13 -36.67 35.94 18.78
CA SER G 13 -36.10 34.71 19.31
C SER G 13 -36.08 33.74 18.15
N PHE G 14 -35.23 32.72 18.22
CA PHE G 14 -35.24 31.67 17.20
C PHE G 14 -36.01 30.46 17.72
N ILE G 15 -36.54 30.61 18.93
CA ILE G 15 -37.46 29.64 19.51
C ILE G 15 -38.89 29.98 19.08
N PRO G 16 -39.50 29.14 18.22
CA PRO G 16 -40.89 29.30 17.77
C PRO G 16 -41.81 29.37 18.97
N PRO G 17 -42.83 30.24 18.93
CA PRO G 17 -43.70 30.50 20.08
C PRO G 17 -44.66 29.34 20.39
N GLU G 18 -45.01 28.55 19.38
CA GLU G 18 -45.93 27.42 19.58
C GLU G 18 -45.26 26.04 19.43
N PRO G 19 -45.72 25.06 20.23
CA PRO G 19 -45.18 23.70 20.21
C PRO G 19 -45.58 22.94 18.95
N GLY G 20 -44.94 21.80 18.73
CA GLY G 20 -45.19 21.01 17.52
C GLY G 20 -44.24 21.39 16.41
N LYS G 21 -43.59 22.54 16.55
CA LYS G 21 -42.71 23.06 15.52
C LYS G 21 -41.26 22.65 15.71
N PRO G 22 -40.68 22.00 14.69
CA PRO G 22 -39.26 21.66 14.65
C PRO G 22 -38.45 22.91 14.34
N TYR G 23 -37.26 23.03 14.94
CA TYR G 23 -36.42 24.19 14.69
C TYR G 23 -34.94 23.92 14.91
N PHE G 24 -34.12 24.80 14.35
CA PHE G 24 -32.68 24.75 14.52
C PHE G 24 -32.22 26.11 15.03
N ILE G 25 -31.29 26.12 15.98
CA ILE G 25 -30.70 27.38 16.42
C ILE G 25 -29.17 27.25 16.37
N GLU G 26 -28.52 28.08 15.57
CA GLU G 26 -27.07 28.09 15.48
C GLU G 26 -26.45 28.48 16.82
N LYS G 27 -25.22 28.00 17.01
CA LYS G 27 -24.40 28.31 18.18
C LYS G 27 -24.58 29.75 18.69
N GLY G 28 -25.14 29.88 19.89
CA GLY G 28 -25.19 31.15 20.59
C GLY G 28 -26.53 31.87 20.54
N LEU G 29 -27.35 31.56 19.54
CA LEU G 29 -28.50 32.41 19.22
C LEU G 29 -29.80 32.05 19.93
N GLY G 30 -29.70 31.28 21.02
CA GLY G 30 -30.86 31.00 21.84
C GLY G 30 -31.19 32.20 22.69
N ASP G 31 -32.31 32.17 23.41
CA ASP G 31 -32.67 33.29 24.28
C ASP G 31 -31.58 33.53 25.30
N ARG G 32 -31.03 34.74 25.31
CA ARG G 32 -29.91 35.04 26.19
C ARG G 32 -30.35 35.80 27.44
N ALA G 33 -29.65 35.53 28.53
CA ALA G 33 -29.85 36.21 29.80
C ALA G 33 -28.50 36.43 30.45
N HIS G 34 -28.38 37.48 31.26
CA HIS G 34 -27.17 37.67 32.04
C HIS G 34 -27.53 37.57 33.51
N LEU G 35 -26.72 36.85 34.26
CA LEU G 35 -26.86 36.74 35.71
C LEU G 35 -25.45 36.82 36.24
N PHE G 36 -25.18 37.88 37.01
CA PHE G 36 -23.82 38.23 37.41
C PHE G 36 -22.94 38.28 36.17
N GLY G 37 -21.78 37.63 36.20
CA GLY G 37 -20.88 37.66 35.06
C GLY G 37 -21.16 36.56 34.04
N ASP G 38 -22.19 35.76 34.26
CA ASP G 38 -22.45 34.62 33.38
C ASP G 38 -23.51 34.89 32.32
N LEU G 39 -23.36 34.23 31.17
CA LEU G 39 -24.36 34.23 30.12
C LEU G 39 -25.12 32.90 30.12
N ILE G 40 -26.44 32.98 30.21
CA ILE G 40 -27.30 31.81 30.07
C ILE G 40 -28.02 31.88 28.74
N THR G 41 -27.96 30.79 27.95
CA THR G 41 -28.57 30.74 26.62
C THR G 41 -29.54 29.56 26.53
N ILE G 42 -30.82 29.86 26.34
CA ILE G 42 -31.85 28.84 26.31
C ILE G 42 -32.15 28.39 24.87
N TYR G 43 -32.11 27.08 24.64
CA TYR G 43 -32.37 26.56 23.30
C TYR G 43 -33.76 25.93 23.21
N ALA G 44 -34.22 25.41 24.34
CA ALA G 44 -35.60 24.90 24.46
C ALA G 44 -36.11 25.08 25.89
N GLY G 45 -37.39 25.40 26.02
CA GLY G 45 -37.98 25.62 27.33
C GLY G 45 -39.22 24.75 27.50
N GLY G 46 -39.87 24.86 28.66
CA GLY G 46 -41.06 24.07 28.96
C GLY G 46 -42.12 24.09 27.87
N GLU G 47 -42.29 25.26 27.26
CA GLU G 47 -43.28 25.45 26.20
C GLU G 47 -43.04 24.50 25.04
N GLN G 48 -41.84 23.96 24.96
CA GLN G 48 -41.48 23.07 23.84
C GLN G 48 -41.71 21.60 24.16
N THR G 49 -41.72 21.26 25.45
CA THR G 49 -41.74 19.85 25.87
C THR G 49 -42.90 19.53 26.81
N GLU G 50 -43.99 20.28 26.71
CA GLU G 50 -45.11 20.18 27.65
C GLU G 50 -44.63 20.26 29.08
N ASN G 51 -43.72 21.21 29.34
CA ASN G 51 -43.23 21.46 30.70
C ASN G 51 -42.58 20.22 31.32
N THR G 52 -41.85 19.48 30.50
CA THR G 52 -41.18 18.25 30.92
C THR G 52 -39.68 18.44 31.11
N PHE G 53 -39.03 19.09 30.14
CA PHE G 53 -37.60 19.36 30.26
C PHE G 53 -37.18 20.59 29.47
N ASN G 54 -35.98 21.07 29.76
CA ASN G 54 -35.42 22.21 29.06
C ASN G 54 -34.01 21.90 28.58
N PHE G 55 -33.44 22.81 27.81
CA PHE G 55 -32.05 22.69 27.36
C PHE G 55 -31.40 24.07 27.26
N PHE G 56 -30.29 24.24 27.98
CA PHE G 56 -29.65 25.55 27.99
C PHE G 56 -28.15 25.41 28.22
N THR G 57 -27.45 26.52 27.98
CA THR G 57 -26.03 26.57 28.28
C THR G 57 -25.76 27.68 29.26
N CYS G 58 -24.74 27.47 30.07
CA CYS G 58 -24.26 28.51 30.95
CA CYS G 58 -24.26 28.50 30.97
C CYS G 58 -22.77 28.69 30.72
N GLU G 59 -22.36 29.92 30.48
CA GLU G 59 -20.94 30.23 30.29
C GLU G 59 -20.54 31.53 31.00
N GLY G 60 -19.28 31.62 31.42
CA GLY G 60 -18.83 32.72 32.25
C GLY G 60 -17.32 32.84 32.31
N PRO G 61 -16.82 33.86 33.01
CA PRO G 61 -15.37 34.03 33.13
C PRO G 61 -14.86 33.17 34.28
N LYS G 62 -13.54 32.96 34.33
CA LYS G 62 -12.92 32.27 35.43
C LYS G 62 -13.22 33.07 36.68
N GLY G 63 -13.84 32.43 37.67
CA GLY G 63 -14.39 33.21 38.75
C GLY G 63 -14.46 32.51 40.08
N GLU G 64 -15.39 32.96 40.91
CA GLU G 64 -15.62 32.36 42.22
C GLU G 64 -16.86 31.47 42.16
N VAL G 65 -17.04 30.66 43.18
CA VAL G 65 -18.26 29.87 43.30
C VAL G 65 -19.50 30.75 43.16
N ILE G 66 -20.43 30.34 42.31
CA ILE G 66 -21.77 30.91 42.36
C ILE G 66 -22.33 30.51 43.73
N PRO G 67 -23.25 31.30 44.28
CA PRO G 67 -23.72 31.00 45.63
C PRO G 67 -24.39 29.64 45.78
N ALA G 68 -24.04 28.90 46.82
CA ALA G 68 -24.68 27.63 47.15
C ALA G 68 -26.20 27.76 47.19
N HIS G 69 -26.90 26.75 46.70
CA HIS G 69 -28.35 26.73 46.68
C HIS G 69 -28.86 25.30 46.50
N SER G 70 -30.18 25.14 46.45
CA SER G 70 -30.78 23.85 46.20
C SER G 70 -32.13 24.04 45.53
N HIS G 71 -32.70 22.96 45.00
CA HIS G 71 -34.03 23.01 44.41
C HIS G 71 -34.83 21.85 44.99
N ALA G 72 -36.10 22.10 45.31
CA ALA G 72 -36.87 21.08 46.02
C ALA G 72 -37.49 20.04 45.10
N ASP G 73 -37.86 20.44 43.89
CA ASP G 73 -38.55 19.56 42.96
C ASP G 73 -37.92 19.60 41.56
N THR G 74 -36.61 19.85 41.52
CA THR G 74 -35.89 20.01 40.25
C THR G 74 -34.55 19.29 40.24
N TYR G 75 -34.35 18.46 39.22
CA TYR G 75 -33.09 17.74 39.04
C TYR G 75 -32.25 18.45 38.01
N GLU G 76 -30.93 18.46 38.22
N GLU G 76 -30.94 18.56 38.23
CA GLU G 76 -30.02 19.23 37.38
CA GLU G 76 -30.14 19.24 37.22
C GLU G 76 -28.81 18.50 36.80
C GLU G 76 -28.85 18.55 36.79
N VAL G 77 -28.54 18.73 35.52
CA VAL G 77 -27.41 18.14 34.85
C VAL G 77 -26.29 19.18 34.62
N PHE G 78 -25.05 18.80 34.90
CA PHE G 78 -23.89 19.58 34.47
C PHE G 78 -23.04 18.80 33.48
N TYR G 79 -23.03 19.21 32.21
CA TYR G 79 -22.18 18.55 31.22
C TYR G 79 -21.27 19.60 30.61
N ILE G 80 -19.98 19.49 30.91
CA ILE G 80 -19.03 20.53 30.55
C ILE G 80 -18.68 20.49 29.07
N THR G 81 -18.71 21.65 28.41
CA THR G 81 -18.36 21.71 26.98
C THR G 81 -17.08 22.53 26.71
N GLN G 82 -16.82 23.53 27.56
CA GLN G 82 -15.60 24.34 27.44
C GLN G 82 -14.99 24.63 28.81
N GLY G 83 -13.67 24.81 28.84
CA GLY G 83 -12.97 25.17 30.06
C GLY G 83 -12.95 24.04 31.07
N ALA G 84 -13.11 24.40 32.34
CA ALA G 84 -13.07 23.39 33.42
C ALA G 84 -13.89 23.92 34.56
N VAL G 85 -14.76 23.08 35.11
CA VAL G 85 -15.73 23.57 36.09
C VAL G 85 -15.71 22.65 37.31
N ARG G 86 -15.48 23.25 38.47
CA ARG G 86 -15.47 22.50 39.71
C ARG G 86 -16.90 22.46 40.27
N LEU G 87 -17.46 21.26 40.40
CA LEU G 87 -18.79 21.10 40.97
C LEU G 87 -18.68 20.68 42.43
N PHE G 88 -19.39 21.39 43.30
CA PHE G 88 -19.50 21.03 44.72
C PHE G 88 -20.90 20.55 45.00
N VAL G 89 -21.02 19.42 45.68
CA VAL G 89 -22.36 18.90 46.00
C VAL G 89 -22.37 18.20 47.35
N GLU G 90 -23.45 18.40 48.10
CA GLU G 90 -23.63 17.72 49.37
C GLU G 90 -24.81 16.77 49.25
N ASP G 91 -24.64 15.51 49.67
CA ASP G 91 -25.74 14.57 49.64
C ASP G 91 -26.75 14.80 50.77
N LEU G 92 -27.74 13.92 50.86
CA LEU G 92 -28.75 14.01 51.91
C LEU G 92 -28.21 13.49 53.24
N GLU G 93 -27.10 12.76 53.19
CA GLU G 93 -26.40 12.31 54.39
C GLU G 93 -25.47 13.41 54.91
N GLY G 94 -25.43 14.54 54.20
CA GLY G 94 -24.60 15.66 54.60
C GLY G 94 -23.15 15.58 54.16
N GLU G 95 -22.79 14.51 53.46
CA GLU G 95 -21.44 14.35 52.92
C GLU G 95 -21.21 15.23 51.68
N GLN G 96 -20.08 15.93 51.66
CA GLN G 96 -19.77 16.86 50.58
C GLN G 96 -18.77 16.30 49.57
N HIS G 97 -19.02 16.54 48.29
CA HIS G 97 -18.15 16.04 47.23
C HIS G 97 -17.81 17.13 46.24
N GLU G 98 -16.55 17.15 45.78
CA GLU G 98 -16.11 18.08 44.75
C GLU G 98 -15.38 17.35 43.62
N LYS G 99 -15.48 17.88 42.41
CA LYS G 99 -14.64 17.38 41.32
C LYS G 99 -14.50 18.40 40.21
N LEU G 100 -13.27 18.58 39.73
CA LEU G 100 -13.05 19.35 38.52
C LEU G 100 -13.57 18.52 37.34
N LEU G 101 -14.62 19.03 36.71
CA LEU G 101 -15.18 18.45 35.51
C LEU G 101 -14.57 19.15 34.29
N THR G 102 -14.02 18.35 33.39
CA THR G 102 -13.43 18.87 32.16
C THR G 102 -14.38 18.53 30.99
N PRO G 103 -14.18 19.15 29.80
CA PRO G 103 -15.19 18.94 28.74
C PRO G 103 -15.48 17.47 28.39
N GLY G 104 -16.77 17.13 28.34
CA GLY G 104 -17.20 15.74 28.19
C GLY G 104 -17.49 15.06 29.53
N ASP G 105 -17.07 15.67 30.65
CA ASP G 105 -17.40 15.10 31.97
C ASP G 105 -18.81 15.51 32.39
N PHE G 106 -19.39 14.75 33.32
CA PHE G 106 -20.80 14.90 33.67
C PHE G 106 -20.97 14.96 35.19
N GLY G 107 -21.80 15.87 35.68
CA GLY G 107 -22.17 15.87 37.08
C GLY G 107 -23.68 15.89 37.21
N PHE G 108 -24.20 15.21 38.22
CA PHE G 108 -25.65 15.19 38.43
C PHE G 108 -26.04 15.61 39.85
N VAL G 109 -26.99 16.52 39.95
CA VAL G 109 -27.40 17.02 41.27
C VAL G 109 -28.89 16.80 41.45
N PRO G 110 -29.25 15.84 42.30
CA PRO G 110 -30.67 15.54 42.55
C PRO G 110 -31.30 16.61 43.44
N LYS G 111 -32.63 16.60 43.51
CA LYS G 111 -33.36 17.60 44.28
C LYS G 111 -32.93 17.56 45.74
N ASN G 112 -33.08 18.69 46.42
CA ASN G 112 -32.74 18.82 47.84
C ASN G 112 -31.24 18.71 48.18
N CYS G 113 -30.41 18.43 47.18
CA CYS G 113 -28.96 18.45 47.39
C CYS G 113 -28.38 19.85 47.17
N VAL G 114 -27.63 20.33 48.17
CA VAL G 114 -27.00 21.65 48.09
C VAL G 114 -25.82 21.60 47.13
N HIS G 115 -25.75 22.55 46.20
CA HIS G 115 -24.72 22.52 45.18
C HIS G 115 -24.17 23.91 44.83
N ALA G 116 -22.91 23.97 44.44
CA ALA G 116 -22.32 25.19 43.87
C ALA G 116 -21.26 24.84 42.82
N TYR G 117 -20.97 25.78 41.92
CA TYR G 117 -19.92 25.55 40.92
C TYR G 117 -18.94 26.70 40.75
N ARG G 118 -17.67 26.35 40.48
CA ARG G 118 -16.67 27.38 40.20
C ARG G 118 -15.99 27.19 38.83
N MET G 119 -16.16 28.17 37.94
CA MET G 119 -15.51 28.14 36.64
C MET G 119 -14.02 28.45 36.77
N GLU G 120 -13.19 27.48 36.42
CA GLU G 120 -11.76 27.60 36.69
C GLU G 120 -10.90 27.86 35.46
N ARG G 121 -11.54 28.25 34.36
CA ARG G 121 -10.86 28.64 33.14
C ARG G 121 -11.70 29.76 32.54
N HIS G 122 -11.07 30.67 31.80
CA HIS G 122 -11.83 31.75 31.18
C HIS G 122 -12.72 31.26 30.05
N HIS G 123 -13.97 31.72 30.08
CA HIS G 123 -15.00 31.28 29.14
C HIS G 123 -15.23 29.76 29.18
N SER G 124 -15.40 29.24 30.39
CA SER G 124 -15.88 27.86 30.53
C SER G 124 -17.35 27.81 30.09
N GLN G 125 -17.86 26.62 29.81
CA GLN G 125 -19.24 26.50 29.35
C GLN G 125 -19.82 25.19 29.89
N VAL G 126 -21.05 25.24 30.38
CA VAL G 126 -21.71 24.06 30.92
C VAL G 126 -23.03 23.88 30.19
N VAL G 127 -23.28 22.68 29.69
CA VAL G 127 -24.59 22.39 29.11
C VAL G 127 -25.46 21.95 30.27
N GLY G 128 -26.71 22.41 30.29
CA GLY G 128 -27.56 22.15 31.44
C GLY G 128 -28.97 21.67 31.10
N VAL G 129 -29.54 20.93 32.05
CA VAL G 129 -30.97 20.62 32.05
C VAL G 129 -31.40 20.71 33.50
N ALA G 130 -32.52 21.38 33.74
CA ALA G 130 -33.04 21.54 35.08
C ALA G 130 -34.53 21.39 34.99
N ALA G 131 -35.02 20.26 35.52
CA ALA G 131 -36.44 19.94 35.45
C ALA G 131 -36.74 18.82 36.44
N GLY G 132 -38.01 18.51 36.58
CA GLY G 132 -38.46 17.48 37.50
C GLY G 132 -39.96 17.57 37.72
N PRO G 133 -40.46 16.86 38.74
CA PRO G 133 -41.86 16.98 39.15
C PRO G 133 -42.09 18.36 39.74
N GLY G 134 -42.40 19.31 38.87
CA GLY G 134 -42.60 20.69 39.26
C GLY G 134 -42.53 21.55 38.02
N GLY G 135 -41.97 20.98 36.95
CA GLY G 135 -41.87 21.69 35.69
C GLY G 135 -40.46 22.16 35.41
N THR G 136 -40.34 23.10 34.46
CA THR G 136 -39.03 23.48 33.98
C THR G 136 -38.55 24.83 34.53
N PHE G 137 -37.24 24.98 34.58
CA PHE G 137 -36.58 25.99 35.39
C PHE G 137 -36.07 27.21 34.61
N GLU G 138 -36.00 27.09 33.29
CA GLU G 138 -35.14 27.95 32.46
C GLU G 138 -35.25 29.47 32.65
N ARG G 139 -36.47 29.99 32.84
CA ARG G 139 -36.64 31.43 32.92
C ARG G 139 -36.30 32.01 34.29
N PHE G 140 -35.82 31.17 35.20
CA PHE G 140 -35.30 31.66 36.46
C PHE G 140 -34.16 32.66 36.20
N PHE G 141 -33.33 32.34 35.22
CA PHE G 141 -32.11 33.10 34.98
C PHE G 141 -32.40 34.54 34.57
N GLU G 142 -33.28 34.74 33.59
CA GLU G 142 -33.62 36.10 33.14
C GLU G 142 -34.50 36.84 34.14
N SER G 143 -35.14 36.11 35.05
CA SER G 143 -36.01 36.73 36.04
C SER G 143 -35.17 37.35 37.16
N LEU G 144 -34.39 36.53 37.84
CA LEU G 144 -33.46 37.02 38.86
C LEU G 144 -32.38 37.93 38.24
N GLY G 145 -31.93 37.58 37.05
CA GLY G 145 -30.96 38.38 36.32
C GLY G 145 -31.65 39.31 35.35
N THR G 146 -31.24 39.27 34.09
CA THR G 146 -31.88 40.10 33.06
C THR G 146 -31.72 39.52 31.65
N PRO G 147 -32.80 39.56 30.86
CA PRO G 147 -32.74 39.09 29.47
C PRO G 147 -31.71 39.90 28.70
N ALA G 148 -31.16 39.35 27.63
CA ALA G 148 -30.14 40.07 26.88
C ALA G 148 -30.32 39.91 25.37
N GLU G 149 -30.02 40.96 24.63
CA GLU G 149 -30.10 40.93 23.17
C GLU G 149 -28.69 40.77 22.63
N GLU G 150 -27.71 41.27 23.37
CA GLU G 150 -26.31 41.19 22.94
C GLU G 150 -25.78 39.76 22.96
N LEU G 151 -24.78 39.49 22.12
CA LEU G 151 -24.11 38.19 22.14
C LEU G 151 -22.96 38.30 23.11
N GLY G 152 -22.44 37.14 23.52
CA GLY G 152 -21.21 37.09 24.30
C GLY G 152 -21.35 37.36 25.77
N LEU G 153 -20.26 37.20 26.50
CA LEU G 153 -20.29 37.38 27.95
C LEU G 153 -20.68 38.83 28.31
N PRO G 154 -21.37 39.00 29.46
CA PRO G 154 -21.82 40.36 29.77
C PRO G 154 -20.61 41.24 30.01
N VAL G 155 -20.66 42.47 29.47
CA VAL G 155 -19.58 43.42 29.71
C VAL G 155 -19.45 43.72 31.19
N ARG G 156 -20.54 44.18 31.81
CA ARG G 156 -20.58 44.32 33.28
C ARG G 156 -21.45 43.23 33.89
N PRO G 157 -21.00 42.67 35.02
CA PRO G 157 -21.83 41.75 35.79
C PRO G 157 -23.20 42.37 36.05
N PHE G 158 -24.26 41.60 35.95
CA PHE G 158 -25.57 42.06 36.39
C PHE G 158 -25.80 41.55 37.80
N VAL G 159 -25.58 42.43 38.77
CA VAL G 159 -25.90 42.08 40.15
C VAL G 159 -27.35 42.44 40.40
N PRO G 160 -28.19 41.44 40.68
CA PRO G 160 -29.59 41.70 41.01
C PRO G 160 -29.70 42.35 42.39
N GLU G 161 -30.71 43.19 42.60
CA GLU G 161 -30.94 43.77 43.92
C GLU G 161 -31.49 42.69 44.85
N PRO G 162 -31.22 42.81 46.16
CA PRO G 162 -31.66 41.79 47.12
C PRO G 162 -33.18 41.62 47.19
N GLU G 163 -33.95 42.46 46.50
CA GLU G 163 -35.40 42.34 46.49
C GLU G 163 -35.92 41.39 45.39
N LYS G 164 -35.14 41.26 44.32
CA LYS G 164 -35.41 40.22 43.33
C LYS G 164 -35.13 38.89 44.00
N PHE G 165 -34.03 38.84 44.74
CA PHE G 165 -33.62 37.67 45.52
C PHE G 165 -34.68 37.21 46.51
N ARG G 166 -35.71 38.02 46.73
CA ARG G 166 -36.83 37.64 47.58
C ARG G 166 -38.03 37.17 46.77
N THR G 167 -38.38 37.93 45.74
CA THR G 167 -39.49 37.56 44.85
C THR G 167 -39.28 36.22 44.17
N VAL G 168 -38.09 36.01 43.62
CA VAL G 168 -37.78 34.82 42.80
C VAL G 168 -37.93 33.43 43.46
N PRO G 169 -37.30 33.20 44.63
CA PRO G 169 -37.33 31.85 45.23
C PRO G 169 -38.72 31.23 45.42
N GLU G 170 -39.72 32.06 45.65
CA GLU G 170 -41.08 31.60 45.91
C GLU G 170 -41.84 31.37 44.62
N GLN G 171 -41.16 31.58 43.49
CA GLN G 171 -41.80 31.44 42.18
C GLN G 171 -40.94 30.71 41.14
N TYR G 172 -39.82 30.12 41.58
CA TYR G 172 -38.98 29.41 40.63
C TYR G 172 -38.33 28.11 41.12
N ASP G 173 -38.40 27.88 42.43
CA ASP G 173 -37.80 26.70 43.07
C ASP G 173 -36.29 26.79 43.15
N VAL G 174 -35.82 27.83 43.83
CA VAL G 174 -34.43 27.93 44.24
C VAL G 174 -34.45 28.21 45.72
N ARG G 175 -33.51 27.64 46.46
CA ARG G 175 -33.36 27.94 47.87
C ARG G 175 -31.92 28.32 48.13
N PHE G 176 -31.68 29.62 48.21
CA PHE G 176 -30.33 30.11 48.43
C PHE G 176 -29.84 29.72 49.82
N ARG G 177 -28.57 29.36 49.90
CA ARG G 177 -27.99 28.91 51.14
C ARG G 177 -26.66 29.61 51.39
N PRO G 178 -26.71 30.94 51.65
CA PRO G 178 -25.49 31.74 51.75
C PRO G 178 -24.68 31.45 52.99
N ASP G 179 -25.21 30.63 53.91
CA ASP G 179 -24.48 30.29 55.12
C ASP G 179 -23.73 28.97 54.95
N HIS G 180 -23.83 28.40 53.76
CA HIS G 180 -23.22 27.10 53.50
C HIS G 180 -21.70 27.18 53.33
N GLN G 181 -21.00 26.25 53.96
CA GLN G 181 -19.54 26.20 53.93
C GLN G 181 -19.10 24.88 53.35
N TRP G 182 -18.20 24.93 52.37
CA TRP G 182 -17.66 23.70 51.79
C TRP G 182 -16.41 23.26 52.53
N HIS G 183 -16.40 22.05 53.06
CA HIS G 183 -15.19 21.47 53.61
C HIS G 183 -14.55 20.52 52.62
N THR G 184 -14.26 21.03 51.44
CA THR G 184 -13.57 20.28 50.39
C THR G 184 -12.34 21.09 49.95
N GLY G 185 -12.51 22.41 49.86
CA GLY G 185 -11.43 23.30 49.47
C GLY G 185 -11.88 24.75 49.35
N ILE H 3 -15.80 4.72 41.82
CA ILE H 3 -17.11 4.57 42.44
C ILE H 3 -18.08 3.75 41.58
N GLU H 4 -17.73 2.47 41.39
CA GLU H 4 -18.46 1.59 40.47
C GLU H 4 -19.61 0.84 41.14
N TYR H 5 -20.70 0.64 40.39
CA TYR H 5 -21.87 -0.07 40.92
C TYR H 5 -22.40 -1.14 39.94
N ALA H 6 -23.11 -2.13 40.49
CA ALA H 6 -24.00 -2.96 39.70
C ALA H 6 -25.38 -2.34 39.75
N THR H 7 -26.12 -2.41 38.66
CA THR H 7 -27.45 -1.81 38.57
C THR H 7 -28.31 -2.76 37.78
N ARG H 8 -29.59 -2.45 37.58
CA ARG H 8 -30.44 -3.33 36.82
C ARG H 8 -30.09 -3.33 35.33
N HIS H 9 -29.19 -2.42 34.94
CA HIS H 9 -28.87 -2.18 33.52
C HIS H 9 -27.47 -2.66 33.16
N ARG H 10 -26.55 -2.61 34.12
CA ARG H 10 -25.16 -2.95 33.86
C ARG H 10 -24.53 -3.63 35.07
N ALA H 11 -23.66 -4.61 34.81
CA ALA H 11 -22.82 -5.19 35.84
C ALA H 11 -21.86 -4.14 36.42
N ARG H 12 -21.22 -3.37 35.54
CA ARG H 12 -20.38 -2.24 35.96
C ARG H 12 -20.94 -0.92 35.42
N SER H 13 -21.27 0.00 36.32
CA SER H 13 -21.84 1.29 35.93
C SER H 13 -21.35 2.38 36.86
N PHE H 14 -21.32 3.61 36.38
CA PHE H 14 -21.04 4.75 37.26
C PHE H 14 -22.28 5.55 37.61
N ILE H 15 -23.43 5.12 37.10
CA ILE H 15 -24.71 5.69 37.54
C ILE H 15 -25.09 4.92 38.80
N PRO H 16 -25.26 5.63 39.93
CA PRO H 16 -25.68 4.93 41.15
C PRO H 16 -27.14 4.47 41.09
N PRO H 17 -27.42 3.27 41.63
CA PRO H 17 -28.77 2.69 41.67
C PRO H 17 -29.75 3.46 42.53
N GLU H 18 -29.33 3.95 43.70
CA GLU H 18 -30.22 4.75 44.54
C GLU H 18 -30.51 6.13 43.94
N PRO H 19 -31.80 6.45 43.73
CA PRO H 19 -32.16 7.82 43.34
C PRO H 19 -31.82 8.79 44.46
N GLY H 20 -31.57 10.06 44.13
CA GLY H 20 -31.24 11.06 45.14
C GLY H 20 -29.77 11.09 45.54
N LYS H 21 -28.96 10.26 44.88
CA LYS H 21 -27.52 10.30 45.03
C LYS H 21 -26.90 11.20 43.96
N PRO H 22 -26.14 12.20 44.39
CA PRO H 22 -25.35 13.05 43.48
C PRO H 22 -24.15 12.28 43.01
N TYR H 23 -23.71 12.49 41.77
CA TYR H 23 -22.64 11.69 41.22
C TYR H 23 -21.96 12.37 40.04
N PHE H 24 -20.70 12.00 39.79
CA PHE H 24 -19.97 12.49 38.63
C PHE H 24 -19.62 11.31 37.74
N ILE H 25 -19.56 11.53 36.43
CA ILE H 25 -19.02 10.53 35.52
C ILE H 25 -18.07 11.19 34.52
N GLU H 26 -16.82 10.75 34.51
CA GLU H 26 -15.85 11.26 33.57
C GLU H 26 -16.22 10.91 32.14
N LYS H 27 -15.78 11.76 31.22
CA LYS H 27 -15.95 11.59 29.77
C LYS H 27 -15.94 10.13 29.30
N GLY H 28 -17.06 9.67 28.74
CA GLY H 28 -17.13 8.36 28.10
C GLY H 28 -17.54 7.19 28.99
N LEU H 29 -17.72 7.44 30.29
CA LEU H 29 -17.94 6.33 31.21
C LEU H 29 -19.39 6.15 31.68
N GLY H 30 -20.34 6.76 30.99
CA GLY H 30 -21.75 6.46 31.22
C GLY H 30 -22.04 5.07 30.66
N ASP H 31 -23.26 4.54 30.85
CA ASP H 31 -23.57 3.22 30.30
C ASP H 31 -23.51 3.33 28.78
N ARG H 32 -22.93 2.32 28.13
CA ARG H 32 -22.66 2.40 26.70
C ARG H 32 -23.46 1.36 25.93
N ALA H 33 -23.92 1.75 24.75
CA ALA H 33 -24.69 0.85 23.88
C ALA H 33 -24.23 1.03 22.43
N HIS H 34 -24.38 -0.02 21.63
CA HIS H 34 -24.04 0.04 20.22
C HIS H 34 -25.29 -0.13 19.40
N LEU H 35 -25.45 0.69 18.37
CA LEU H 35 -26.56 0.57 17.43
C LEU H 35 -26.02 1.04 16.09
N PHE H 36 -25.98 0.10 15.13
CA PHE H 36 -25.27 0.32 13.87
C PHE H 36 -23.82 0.61 14.16
N GLY H 37 -23.29 1.67 13.55
CA GLY H 37 -21.91 2.06 13.80
C GLY H 37 -21.79 3.03 14.96
N ASP H 38 -22.93 3.35 15.58
CA ASP H 38 -22.94 4.41 16.58
C ASP H 38 -22.76 3.95 18.04
N LEU H 39 -22.11 4.80 18.81
CA LEU H 39 -21.94 4.57 20.22
C LEU H 39 -22.83 5.52 21.00
N ILE H 40 -23.73 4.96 21.82
CA ILE H 40 -24.57 5.80 22.67
C ILE H 40 -24.12 5.67 24.11
N THR H 41 -23.95 6.81 24.81
CA THR H 41 -23.46 6.80 26.20
C THR H 41 -24.47 7.54 27.11
N ILE H 42 -25.02 6.82 28.08
CA ILE H 42 -26.08 7.36 28.94
C ILE H 42 -25.52 7.81 30.27
N TYR H 43 -25.68 9.09 30.59
CA TYR H 43 -25.15 9.62 31.84
C TYR H 43 -26.23 9.71 32.93
N ALA H 44 -27.48 9.87 32.49
CA ALA H 44 -28.60 9.91 33.42
C ALA H 44 -29.84 9.39 32.73
N GLY H 45 -30.63 8.59 33.45
CA GLY H 45 -31.90 8.12 32.91
C GLY H 45 -33.08 8.44 33.82
N GLY H 46 -34.23 7.82 33.51
CA GLY H 46 -35.46 8.01 34.28
C GLY H 46 -35.36 7.73 35.77
N GLU H 47 -34.61 6.69 36.13
CA GLU H 47 -34.41 6.38 37.55
C GLU H 47 -33.85 7.57 38.33
N GLN H 48 -33.10 8.43 37.64
CA GLN H 48 -32.42 9.54 38.30
C GLN H 48 -33.29 10.80 38.40
N THR H 49 -34.34 10.86 37.58
CA THR H 49 -35.11 12.07 37.42
C THR H 49 -36.61 11.89 37.67
N GLU H 50 -36.97 10.80 38.34
CA GLU H 50 -38.37 10.45 38.52
C GLU H 50 -39.07 10.39 37.17
N ASN H 51 -38.42 9.75 36.20
CA ASN H 51 -38.93 9.58 34.85
C ASN H 51 -39.27 10.88 34.14
N THR H 52 -38.53 11.93 34.43
CA THR H 52 -38.79 13.23 33.81
C THR H 52 -37.90 13.51 32.58
N PHE H 53 -36.62 13.21 32.70
CA PHE H 53 -35.69 13.41 31.59
C PHE H 53 -34.46 12.52 31.75
N ASN H 54 -33.66 12.49 30.70
CA ASN H 54 -32.41 11.75 30.67
C ASN H 54 -31.31 12.61 30.08
N PHE H 55 -30.14 12.02 29.88
CA PHE H 55 -29.03 12.73 29.27
C PHE H 55 -28.07 11.72 28.71
N PHE H 56 -27.78 11.84 27.42
CA PHE H 56 -26.96 10.85 26.73
C PHE H 56 -26.21 11.50 25.57
N THR H 57 -25.12 10.88 25.14
CA THR H 57 -24.45 11.33 23.93
C THR H 57 -24.53 10.24 22.86
N CYS H 58 -24.47 10.67 21.61
CA CYS H 58 -24.46 9.73 20.50
C CYS H 58 -23.30 10.09 19.58
N GLU H 59 -22.41 9.13 19.34
CA GLU H 59 -21.23 9.39 18.49
C GLU H 59 -20.97 8.24 17.52
N GLY H 60 -20.35 8.55 16.38
CA GLY H 60 -20.14 7.56 15.35
C GLY H 60 -19.32 8.03 14.18
N PRO H 61 -19.02 7.12 13.24
CA PRO H 61 -18.20 7.44 12.07
C PRO H 61 -18.97 8.32 11.11
N LYS H 62 -18.26 8.87 10.11
CA LYS H 62 -18.93 9.48 8.97
C LYS H 62 -19.69 8.36 8.31
N GLY H 63 -20.98 8.55 8.09
CA GLY H 63 -21.82 7.47 7.57
C GLY H 63 -23.07 7.96 6.86
N GLU H 64 -24.09 7.11 6.84
CA GLU H 64 -25.32 7.39 6.14
C GLU H 64 -26.46 7.68 7.10
N VAL H 65 -27.53 8.26 6.56
CA VAL H 65 -28.69 8.61 7.38
C VAL H 65 -29.23 7.43 8.19
N ILE H 66 -29.56 7.68 9.46
CA ILE H 66 -30.21 6.66 10.30
C ILE H 66 -31.62 6.43 9.73
N PRO H 67 -32.25 5.30 10.08
CA PRO H 67 -33.62 5.09 9.58
C PRO H 67 -34.55 6.23 9.99
N ALA H 68 -35.34 6.78 9.07
CA ALA H 68 -36.30 7.82 9.42
C ALA H 68 -37.29 7.28 10.45
N HIS H 69 -37.71 8.11 11.40
CA HIS H 69 -38.57 7.61 12.47
C HIS H 69 -39.27 8.74 13.22
N SER H 70 -40.18 8.35 14.13
CA SER H 70 -40.92 9.33 14.92
C SER H 70 -41.13 8.83 16.34
N HIS H 71 -41.49 9.75 17.23
CA HIS H 71 -41.83 9.43 18.61
C HIS H 71 -43.17 10.12 18.89
N ALA H 72 -44.08 9.42 19.56
CA ALA H 72 -45.44 9.91 19.70
C ALA H 72 -45.66 10.64 21.02
N ASP H 73 -44.80 10.37 21.99
CA ASP H 73 -44.90 11.01 23.30
C ASP H 73 -43.60 11.71 23.69
N THR H 74 -42.63 11.70 22.78
CA THR H 74 -41.25 12.04 23.15
C THR H 74 -40.65 13.16 22.31
N TYR H 75 -40.14 14.16 23.01
CA TYR H 75 -39.44 15.28 22.38
C TYR H 75 -37.94 15.03 22.42
N GLU H 76 -37.22 15.42 21.37
CA GLU H 76 -35.79 15.15 21.29
C GLU H 76 -34.91 16.36 20.98
N VAL H 77 -33.80 16.46 21.71
CA VAL H 77 -32.79 17.48 21.49
C VAL H 77 -31.61 16.91 20.70
N PHE H 78 -31.12 17.68 19.73
CA PHE H 78 -29.83 17.39 19.10
C PHE H 78 -28.89 18.58 19.34
N TYR H 79 -27.87 18.38 20.16
CA TYR H 79 -26.89 19.43 20.41
C TYR H 79 -25.48 18.95 20.07
N ILE H 80 -24.91 19.51 19.02
CA ILE H 80 -23.66 19.00 18.49
C ILE H 80 -22.47 19.40 19.36
N THR H 81 -21.60 18.45 19.69
CA THR H 81 -20.39 18.75 20.47
C THR H 81 -19.12 18.46 19.66
N GLN H 82 -19.23 17.59 18.66
CA GLN H 82 -18.09 17.23 17.83
C GLN H 82 -18.52 16.98 16.38
N GLY H 83 -17.60 17.21 15.44
CA GLY H 83 -17.83 16.92 14.04
C GLY H 83 -18.92 17.78 13.41
N ALA H 84 -19.75 17.14 12.61
CA ALA H 84 -20.82 17.85 11.92
C ALA H 84 -21.92 16.86 11.61
N VAL H 85 -23.14 17.21 11.97
CA VAL H 85 -24.26 16.29 11.85
C VAL H 85 -25.41 16.97 11.13
N ARG H 86 -25.87 16.36 10.04
CA ARG H 86 -27.01 16.89 9.30
C ARG H 86 -28.29 16.30 9.87
N LEU H 87 -29.23 17.15 10.25
CA LEU H 87 -30.46 16.69 10.86
C LEU H 87 -31.60 16.92 9.90
N PHE H 88 -32.36 15.87 9.62
CA PHE H 88 -33.51 15.94 8.72
C PHE H 88 -34.79 15.87 9.54
N VAL H 89 -35.71 16.81 9.33
CA VAL H 89 -36.96 16.82 10.07
C VAL H 89 -38.14 17.19 9.17
N GLU H 90 -39.32 16.64 9.49
CA GLU H 90 -40.55 16.93 8.74
C GLU H 90 -41.59 17.44 9.72
N ASP H 91 -42.09 18.65 9.51
CA ASP H 91 -43.07 19.22 10.46
C ASP H 91 -44.42 18.53 10.40
N LEU H 92 -45.32 18.87 11.32
CA LEU H 92 -46.63 18.24 11.38
C LEU H 92 -47.49 18.49 10.14
N GLU H 93 -46.93 19.23 9.17
CA GLU H 93 -47.64 19.60 7.96
C GLU H 93 -46.95 19.08 6.70
N GLY H 94 -45.92 18.25 6.87
CA GLY H 94 -45.25 17.63 5.74
C GLY H 94 -44.10 18.42 5.14
N GLU H 95 -43.86 19.64 5.64
CA GLU H 95 -42.76 20.44 5.12
C GLU H 95 -41.42 19.95 5.66
N GLN H 96 -40.50 19.69 4.74
CA GLN H 96 -39.24 19.08 5.09
C GLN H 96 -38.11 20.11 5.23
N HIS H 97 -37.28 19.91 6.24
CA HIS H 97 -36.16 20.80 6.53
C HIS H 97 -34.90 20.01 6.86
N GLU H 98 -33.76 20.54 6.46
CA GLU H 98 -32.49 19.90 6.82
C GLU H 98 -31.49 20.97 7.22
N LYS H 99 -30.50 20.58 8.01
CA LYS H 99 -29.45 21.52 8.37
C LYS H 99 -28.19 20.84 8.88
N LEU H 100 -27.05 21.27 8.36
CA LEU H 100 -25.77 20.84 8.91
C LEU H 100 -25.56 21.59 10.22
N LEU H 101 -25.62 20.84 11.32
CA LEU H 101 -25.39 21.39 12.64
C LEU H 101 -23.93 21.10 13.02
N THR H 102 -23.22 22.16 13.43
CA THR H 102 -21.82 22.05 13.83
C THR H 102 -21.75 22.26 15.34
N PRO H 103 -20.61 21.97 15.99
CA PRO H 103 -20.65 22.02 17.45
C PRO H 103 -21.16 23.35 18.05
N GLY H 104 -22.08 23.22 18.99
CA GLY H 104 -22.70 24.37 19.58
C GLY H 104 -24.04 24.65 18.94
N ASP H 105 -24.25 24.16 17.72
CA ASP H 105 -25.55 24.28 17.06
C ASP H 105 -26.59 23.38 17.73
N PHE H 106 -27.87 23.73 17.54
CA PHE H 106 -28.97 23.06 18.23
C PHE H 106 -30.08 22.62 17.29
N GLY H 107 -30.65 21.44 17.56
CA GLY H 107 -31.80 20.97 16.81
C GLY H 107 -32.87 20.43 17.73
N PHE H 108 -34.12 20.78 17.47
CA PHE H 108 -35.21 20.28 18.30
C PHE H 108 -36.29 19.58 17.48
N VAL H 109 -36.57 18.34 17.86
CA VAL H 109 -37.55 17.54 17.14
C VAL H 109 -38.71 17.22 18.06
N PRO H 110 -39.84 17.91 17.85
CA PRO H 110 -41.02 17.70 18.70
C PRO H 110 -41.70 16.39 18.33
N LYS H 111 -42.51 15.84 19.24
CA LYS H 111 -43.18 14.56 19.03
C LYS H 111 -43.94 14.54 17.70
N ASN H 112 -44.07 13.34 17.14
CA ASN H 112 -44.84 13.11 15.90
C ASN H 112 -44.22 13.66 14.61
N CYS H 113 -43.18 14.48 14.73
CA CYS H 113 -42.41 14.88 13.55
C CYS H 113 -41.40 13.79 13.21
N VAL H 114 -41.44 13.34 11.96
CA VAL H 114 -40.53 12.31 11.49
C VAL H 114 -39.16 12.93 11.19
N HIS H 115 -38.10 12.22 11.56
CA HIS H 115 -36.76 12.78 11.50
C HIS H 115 -35.68 11.71 11.35
N ALA H 116 -34.48 12.16 11.02
CA ALA H 116 -33.29 11.31 10.99
C ALA H 116 -32.08 12.22 10.91
N TYR H 117 -30.89 11.65 11.05
CA TYR H 117 -29.67 12.44 11.00
C TYR H 117 -28.57 11.72 10.25
N ARG H 118 -27.57 12.45 9.81
CA ARG H 118 -26.41 11.85 9.18
C ARG H 118 -25.14 12.49 9.72
N MET H 119 -24.20 11.66 10.17
CA MET H 119 -22.94 12.18 10.65
C MET H 119 -22.02 12.43 9.47
N GLU H 120 -21.57 13.68 9.32
CA GLU H 120 -20.78 14.03 8.13
C GLU H 120 -19.28 14.23 8.40
N ARG H 121 -18.84 13.84 9.60
CA ARG H 121 -17.43 13.84 9.95
C ARG H 121 -17.18 12.63 10.81
N HIS H 122 -15.99 12.04 10.72
CA HIS H 122 -15.67 10.89 11.56
C HIS H 122 -15.67 11.27 13.03
N HIS H 123 -16.26 10.40 13.85
CA HIS H 123 -16.35 10.62 15.29
C HIS H 123 -17.01 11.94 15.61
N SER H 124 -18.11 12.22 14.90
CA SER H 124 -18.98 13.32 15.27
C SER H 124 -19.67 12.97 16.58
N GLN H 125 -20.19 13.98 17.28
CA GLN H 125 -20.86 13.72 18.54
C GLN H 125 -22.09 14.59 18.75
N VAL H 126 -23.12 14.00 19.33
CA VAL H 126 -24.38 14.69 19.59
C VAL H 126 -24.78 14.44 21.04
N VAL H 127 -25.05 15.52 21.79
CA VAL H 127 -25.66 15.43 23.10
C VAL H 127 -27.18 15.36 22.92
N GLY H 128 -27.84 14.46 23.64
CA GLY H 128 -29.28 14.33 23.49
C GLY H 128 -30.08 14.25 24.78
N VAL H 129 -31.33 14.67 24.67
CA VAL H 129 -32.35 14.43 25.68
C VAL H 129 -33.58 14.01 24.89
N ALA H 130 -34.22 12.95 25.35
CA ALA H 130 -35.37 12.40 24.66
C ALA H 130 -36.34 12.01 25.75
N ALA H 131 -37.43 12.75 25.84
CA ALA H 131 -38.36 12.59 26.95
C ALA H 131 -39.67 13.33 26.67
N GLY H 132 -40.64 13.11 27.55
CA GLY H 132 -41.96 13.68 27.36
C GLY H 132 -42.91 13.09 28.38
N PRO H 133 -44.22 13.34 28.19
CA PRO H 133 -45.25 12.82 29.10
C PRO H 133 -45.27 11.30 29.14
N GLY H 134 -44.78 10.63 28.09
CA GLY H 134 -44.76 9.19 28.06
C GLY H 134 -43.55 8.53 28.72
N GLY H 135 -42.70 9.32 29.37
CA GLY H 135 -41.51 8.79 30.02
C GLY H 135 -40.23 9.13 29.29
N THR H 136 -39.14 8.45 29.65
CA THR H 136 -37.82 8.75 29.09
C THR H 136 -37.30 7.59 28.21
N PHE H 137 -36.50 7.95 27.21
CA PHE H 137 -36.27 7.10 26.04
C PHE H 137 -34.96 6.31 26.07
N GLU H 138 -34.12 6.53 27.08
CA GLU H 138 -32.69 6.18 26.98
C GLU H 138 -32.34 4.72 26.71
N ARG H 139 -33.12 3.80 27.29
CA ARG H 139 -32.77 2.38 27.23
C ARG H 139 -33.15 1.72 25.92
N PHE H 140 -33.80 2.50 25.05
CA PHE H 140 -34.11 2.06 23.69
C PHE H 140 -32.85 1.57 22.93
N PHE H 141 -31.75 2.31 23.06
CA PHE H 141 -30.54 2.03 22.27
C PHE H 141 -29.93 0.65 22.54
N GLU H 142 -29.84 0.26 23.80
CA GLU H 142 -29.27 -1.05 24.12
C GLU H 142 -30.27 -2.19 23.84
N SER H 143 -31.53 -1.84 23.65
CA SER H 143 -32.59 -2.82 23.39
C SER H 143 -32.63 -3.20 21.90
N LEU H 144 -32.84 -2.20 21.04
CA LEU H 144 -32.77 -2.41 19.60
C LEU H 144 -31.33 -2.77 19.22
N GLY H 145 -30.37 -2.07 19.81
CA GLY H 145 -28.96 -2.41 19.64
C GLY H 145 -28.51 -3.44 20.66
N THR H 146 -27.31 -3.23 21.22
CA THR H 146 -26.77 -4.08 22.27
C THR H 146 -26.03 -3.19 23.29
N PRO H 147 -25.98 -3.63 24.57
CA PRO H 147 -25.13 -2.90 25.51
C PRO H 147 -23.67 -3.23 25.24
N ALA H 148 -22.74 -2.39 25.70
CA ALA H 148 -21.32 -2.59 25.42
C ALA H 148 -20.46 -2.31 26.63
N GLU H 149 -19.54 -3.21 26.92
CA GLU H 149 -18.63 -3.07 28.06
C GLU H 149 -17.40 -2.28 27.67
N GLU H 150 -16.99 -2.43 26.42
CA GLU H 150 -15.77 -1.79 25.92
C GLU H 150 -15.97 -0.29 25.72
N LEU H 151 -14.87 0.45 25.68
CA LEU H 151 -14.91 1.85 25.31
C LEU H 151 -14.76 2.00 23.79
N GLY H 152 -15.10 3.17 23.27
CA GLY H 152 -14.86 3.48 21.86
C GLY H 152 -15.96 3.07 20.91
N LEU H 153 -15.85 3.52 19.66
CA LEU H 153 -16.79 3.13 18.62
C LEU H 153 -16.83 1.61 18.43
N PRO H 154 -18.01 1.07 18.14
CA PRO H 154 -18.10 -0.38 17.88
C PRO H 154 -17.22 -0.76 16.70
N VAL H 155 -16.41 -1.79 16.90
CA VAL H 155 -15.48 -2.27 15.88
C VAL H 155 -16.25 -2.84 14.70
N ARG H 156 -17.40 -3.42 14.98
CA ARG H 156 -18.30 -3.92 13.94
C ARG H 156 -19.68 -3.30 14.17
N PRO H 157 -20.31 -2.82 13.09
CA PRO H 157 -21.67 -2.30 13.22
C PRO H 157 -22.58 -3.35 13.84
N PHE H 158 -23.47 -2.95 14.76
CA PHE H 158 -24.46 -3.89 15.24
C PHE H 158 -25.74 -3.64 14.47
N VAL H 159 -26.06 -4.58 13.57
CA VAL H 159 -27.29 -4.48 12.80
C VAL H 159 -28.36 -5.35 13.46
N PRO H 160 -29.46 -4.72 13.89
CA PRO H 160 -30.53 -5.47 14.56
C PRO H 160 -31.23 -6.42 13.58
N GLU H 161 -31.67 -7.56 14.08
CA GLU H 161 -32.51 -8.48 13.33
C GLU H 161 -33.87 -7.82 13.07
N PRO H 162 -34.46 -8.05 11.89
CA PRO H 162 -35.72 -7.39 11.51
C PRO H 162 -36.85 -7.60 12.52
N GLU H 163 -36.78 -8.67 13.30
CA GLU H 163 -37.77 -8.92 14.35
C GLU H 163 -37.75 -7.81 15.41
N LYS H 164 -36.54 -7.39 15.79
CA LYS H 164 -36.36 -6.36 16.80
C LYS H 164 -37.01 -5.04 16.37
N PHE H 165 -36.95 -4.72 15.08
CA PHE H 165 -37.62 -3.54 14.55
C PHE H 165 -39.14 -3.61 14.72
N ARG H 166 -39.65 -4.81 14.95
CA ARG H 166 -41.07 -5.01 15.17
C ARG H 166 -41.37 -5.00 16.67
N THR H 167 -40.58 -5.74 17.45
CA THR H 167 -40.78 -5.85 18.89
C THR H 167 -40.43 -4.59 19.73
N VAL H 168 -39.35 -3.90 19.41
CA VAL H 168 -38.91 -2.73 20.20
C VAL H 168 -39.94 -1.57 20.36
N PRO H 169 -40.66 -1.20 19.29
CA PRO H 169 -41.72 -0.19 19.43
C PRO H 169 -42.85 -0.56 20.41
N GLU H 170 -42.91 -1.83 20.82
CA GLU H 170 -43.93 -2.24 21.78
C GLU H 170 -43.52 -1.78 23.17
N GLN H 171 -42.23 -1.51 23.35
CA GLN H 171 -41.72 -1.08 24.64
C GLN H 171 -41.10 0.32 24.65
N TYR H 172 -40.90 0.94 23.48
CA TYR H 172 -40.04 2.14 23.46
C TYR H 172 -40.42 3.44 22.74
N ASP H 173 -41.62 3.59 22.22
CA ASP H 173 -42.03 4.86 21.60
C ASP H 173 -41.12 5.30 20.44
N VAL H 174 -40.90 4.38 19.51
CA VAL H 174 -40.29 4.64 18.22
C VAL H 174 -41.26 4.11 17.19
N ARG H 175 -41.48 4.89 16.14
CA ARG H 175 -42.27 4.42 15.02
C ARG H 175 -41.48 4.63 13.74
N PHE H 176 -41.03 3.53 13.13
CA PHE H 176 -40.20 3.60 11.95
C PHE H 176 -40.96 3.96 10.67
N ARG H 177 -40.24 4.55 9.72
CA ARG H 177 -40.81 4.93 8.43
C ARG H 177 -39.82 4.51 7.35
N PRO H 178 -39.83 3.21 6.99
CA PRO H 178 -38.82 2.62 6.10
C PRO H 178 -38.97 3.06 4.66
N ASP H 179 -40.10 3.66 4.32
CA ASP H 179 -40.33 4.11 2.94
C ASP H 179 -40.43 5.62 2.88
N HIS H 180 -40.12 6.28 3.99
CA HIS H 180 -40.11 7.73 4.05
C HIS H 180 -39.08 8.34 3.09
N GLN H 181 -39.42 9.46 2.46
CA GLN H 181 -38.49 10.07 1.51
C GLN H 181 -38.10 11.50 1.87
N TRP H 182 -36.79 11.74 1.94
CA TRP H 182 -36.26 13.09 2.18
C TRP H 182 -35.92 13.78 0.84
N HIS H 183 -36.52 14.94 0.60
CA HIS H 183 -36.28 15.67 -0.63
C HIS H 183 -35.68 17.04 -0.36
N THR H 184 -34.71 17.08 0.55
CA THR H 184 -34.13 18.35 0.99
C THR H 184 -32.63 18.43 0.67
N GLY H 185 -32.00 17.28 0.47
CA GLY H 185 -30.58 17.23 0.18
C GLY H 185 -30.27 17.45 -1.29
N ILE I 3 1.67 -44.92 2.80
CA ILE I 3 1.93 -46.14 3.56
C ILE I 3 0.63 -46.73 4.10
N GLU I 4 0.24 -47.87 3.53
CA GLU I 4 -1.05 -48.49 3.85
C GLU I 4 -0.98 -49.42 5.07
N TYR I 5 -2.10 -49.54 5.76
CA TYR I 5 -2.21 -50.41 6.92
C TYR I 5 -3.45 -51.25 6.73
N ALA I 6 -3.57 -52.30 7.54
CA ALA I 6 -4.80 -53.08 7.62
C ALA I 6 -5.36 -52.89 9.02
N THR I 7 -6.67 -52.76 9.11
CA THR I 7 -7.31 -52.50 10.39
C THR I 7 -8.51 -53.42 10.56
N ARG I 8 -9.22 -53.23 11.67
CA ARG I 8 -10.48 -53.90 11.90
C ARG I 8 -11.48 -53.63 10.77
N HIS I 9 -11.34 -52.45 10.16
CA HIS I 9 -12.33 -52.00 9.18
C HIS I 9 -11.92 -52.18 7.71
N ARG I 10 -10.65 -51.95 7.39
CA ARG I 10 -10.19 -52.05 6.00
C ARG I 10 -8.96 -52.93 5.86
N ALA I 11 -8.91 -53.71 4.79
CA ALA I 11 -7.71 -54.45 4.45
C ALA I 11 -6.62 -53.45 4.12
N ARG I 12 -7.05 -52.36 3.48
CA ARG I 12 -6.16 -51.28 3.08
C ARG I 12 -6.70 -49.93 3.57
N SER I 13 -5.93 -49.27 4.43
CA SER I 13 -6.33 -47.97 4.97
C SER I 13 -5.10 -47.16 5.30
N PHE I 14 -5.25 -45.83 5.29
CA PHE I 14 -4.18 -44.95 5.72
C PHE I 14 -4.34 -44.58 7.19
N ILE I 15 -5.41 -45.07 7.79
CA ILE I 15 -5.63 -44.94 9.22
C ILE I 15 -4.94 -46.11 9.93
N PRO I 16 -3.92 -45.81 10.74
CA PRO I 16 -3.20 -46.87 11.45
C PRO I 16 -4.12 -47.55 12.47
N PRO I 17 -3.98 -48.87 12.64
CA PRO I 17 -4.85 -49.59 13.58
C PRO I 17 -4.52 -49.28 15.04
N GLU I 18 -3.27 -48.95 15.32
CA GLU I 18 -2.82 -48.66 16.68
C GLU I 18 -2.88 -47.17 17.03
N PRO I 19 -3.65 -46.82 18.09
CA PRO I 19 -3.73 -45.45 18.62
C PRO I 19 -2.38 -44.92 19.13
N GLY I 20 -2.31 -43.61 19.35
CA GLY I 20 -1.06 -42.98 19.74
C GLY I 20 -0.08 -42.80 18.59
N LYS I 21 -0.51 -43.12 17.37
CA LYS I 21 0.29 -42.81 16.20
C LYS I 21 -0.31 -41.64 15.43
N PRO I 22 0.52 -40.63 15.13
CA PRO I 22 0.11 -39.55 14.25
C PRO I 22 0.12 -40.04 12.81
N TYR I 23 -0.75 -39.48 11.96
CA TYR I 23 -0.74 -39.88 10.56
C TYR I 23 -1.24 -38.77 9.65
N PHE I 24 -0.78 -38.83 8.40
CA PHE I 24 -1.23 -37.92 7.36
C PHE I 24 -2.08 -38.72 6.39
N ILE I 25 -3.17 -38.13 5.90
CA ILE I 25 -3.88 -38.74 4.79
C ILE I 25 -4.13 -37.72 3.68
N GLU I 26 -3.83 -38.10 2.43
CA GLU I 26 -4.06 -37.22 1.29
C GLU I 26 -5.53 -37.21 0.88
N LYS I 27 -5.93 -36.09 0.28
CA LYS I 27 -7.29 -35.84 -0.21
C LYS I 27 -7.93 -37.08 -0.81
N GLY I 28 -9.11 -37.45 -0.33
CA GLY I 28 -9.83 -38.58 -0.87
C GLY I 28 -9.51 -39.95 -0.26
N LEU I 29 -8.36 -40.06 0.41
CA LEU I 29 -7.82 -41.39 0.76
C LEU I 29 -8.21 -41.96 2.13
N GLY I 30 -9.14 -41.31 2.83
CA GLY I 30 -9.71 -41.92 4.04
C GLY I 30 -10.48 -43.19 3.71
N ASP I 31 -11.03 -43.86 4.73
CA ASP I 31 -11.86 -45.05 4.53
C ASP I 31 -13.15 -44.62 3.85
N ARG I 32 -13.50 -45.31 2.76
CA ARG I 32 -14.63 -44.89 1.94
C ARG I 32 -15.86 -45.77 2.09
N ALA I 33 -17.04 -45.17 1.91
CA ALA I 33 -18.32 -45.88 1.94
C ALA I 33 -19.29 -45.25 0.95
N HIS I 34 -20.14 -46.07 0.33
CA HIS I 34 -21.23 -45.53 -0.48
C HIS I 34 -22.54 -45.75 0.25
N LEU I 35 -23.42 -44.77 0.15
CA LEU I 35 -24.75 -44.82 0.74
C LEU I 35 -25.60 -43.93 -0.14
N PHE I 36 -26.63 -44.52 -0.75
CA PHE I 36 -27.35 -43.84 -1.83
C PHE I 36 -26.32 -43.37 -2.86
N GLY I 37 -26.44 -42.12 -3.33
CA GLY I 37 -25.49 -41.62 -4.30
C GLY I 37 -24.30 -40.94 -3.67
N ASP I 38 -24.28 -40.90 -2.34
CA ASP I 38 -23.24 -40.19 -1.59
C ASP I 38 -21.98 -41.01 -1.29
N LEU I 39 -20.86 -40.32 -1.25
CA LEU I 39 -19.59 -40.91 -0.87
C LEU I 39 -19.18 -40.36 0.51
N ILE I 40 -19.06 -41.25 1.50
CA ILE I 40 -18.58 -40.85 2.82
C ILE I 40 -17.15 -41.34 2.99
N THR I 41 -16.30 -40.44 3.50
CA THR I 41 -14.87 -40.70 3.63
C THR I 41 -14.40 -40.42 5.07
N ILE I 42 -13.87 -41.44 5.73
CA ILE I 42 -13.53 -41.31 7.15
C ILE I 42 -12.04 -41.12 7.34
N TYR I 43 -11.66 -40.03 8.01
CA TYR I 43 -10.24 -39.74 8.21
C TYR I 43 -9.80 -40.06 9.65
N ALA I 44 -10.77 -40.07 10.57
CA ALA I 44 -10.51 -40.39 11.98
C ALA I 44 -11.77 -40.98 12.57
N GLY I 45 -11.60 -42.10 13.28
CA GLY I 45 -12.70 -42.73 13.97
C GLY I 45 -12.49 -42.76 15.47
N GLY I 46 -13.40 -43.40 16.20
CA GLY I 46 -13.32 -43.51 17.65
C GLY I 46 -12.00 -44.09 18.14
N GLU I 47 -11.47 -45.04 17.37
CA GLU I 47 -10.23 -45.74 17.73
C GLU I 47 -9.03 -44.80 17.87
N GLN I 48 -9.07 -43.66 17.20
CA GLN I 48 -7.92 -42.76 17.18
C GLN I 48 -7.97 -41.80 18.36
N THR I 49 -9.16 -41.57 18.88
CA THR I 49 -9.36 -40.53 19.91
C THR I 49 -9.90 -41.04 21.25
N GLU I 50 -9.71 -42.33 21.54
CA GLU I 50 -10.35 -42.96 22.72
C GLU I 50 -11.85 -42.71 22.71
N ASN I 51 -12.45 -42.78 21.52
CA ASN I 51 -13.89 -42.70 21.35
C ASN I 51 -14.55 -41.37 21.70
N THR I 52 -13.80 -40.27 21.62
CA THR I 52 -14.40 -38.98 21.93
C THR I 52 -15.01 -38.28 20.69
N PHE I 53 -14.28 -38.28 19.58
CA PHE I 53 -14.82 -37.66 18.35
C PHE I 53 -14.31 -38.35 17.09
N ASN I 54 -14.90 -38.01 15.95
CA ASN I 54 -14.43 -38.50 14.66
C ASN I 54 -14.27 -37.36 13.66
N PHE I 55 -13.91 -37.69 12.41
CA PHE I 55 -13.79 -36.69 11.34
C PHE I 55 -14.02 -37.34 9.99
N PHE I 56 -15.06 -36.90 9.31
CA PHE I 56 -15.35 -37.45 8.00
C PHE I 56 -15.90 -36.39 7.03
N THR I 57 -15.88 -36.71 5.74
CA THR I 57 -16.52 -35.88 4.74
C THR I 57 -17.62 -36.67 4.07
N CYS I 58 -18.63 -35.95 3.60
CA CYS I 58 -19.73 -36.54 2.84
C CYS I 58 -19.84 -35.75 1.52
N GLU I 59 -19.78 -36.45 0.39
CA GLU I 59 -19.85 -35.83 -0.95
C GLU I 59 -20.93 -36.50 -1.75
N GLY I 60 -21.57 -35.75 -2.65
CA GLY I 60 -22.63 -36.33 -3.44
C GLY I 60 -23.14 -35.48 -4.58
N PRO I 61 -24.00 -36.06 -5.42
CA PRO I 61 -24.52 -35.29 -6.56
C PRO I 61 -25.67 -34.41 -6.10
N LYS I 62 -26.13 -33.54 -6.99
CA LYS I 62 -27.35 -32.79 -6.77
C LYS I 62 -28.41 -33.87 -6.60
N GLY I 63 -29.17 -33.81 -5.52
CA GLY I 63 -30.12 -34.87 -5.22
C GLY I 63 -31.33 -34.37 -4.47
N GLU I 64 -32.17 -35.30 -4.02
CA GLU I 64 -33.31 -34.94 -3.20
C GLU I 64 -32.96 -35.09 -1.73
N VAL I 65 -33.86 -34.64 -0.85
CA VAL I 65 -33.62 -34.72 0.59
C VAL I 65 -33.34 -36.15 1.04
N ILE I 66 -32.39 -36.31 1.96
CA ILE I 66 -32.10 -37.62 2.53
C ILE I 66 -33.21 -37.98 3.54
N PRO I 67 -33.29 -39.28 3.95
CA PRO I 67 -34.27 -39.62 5.00
C PRO I 67 -34.14 -38.73 6.25
N ALA I 68 -35.20 -38.00 6.56
CA ALA I 68 -35.29 -37.28 7.83
C ALA I 68 -35.04 -38.26 8.98
N HIS I 69 -34.12 -37.91 9.88
CA HIS I 69 -33.77 -38.79 10.98
C HIS I 69 -33.32 -38.03 12.24
N SER I 70 -32.98 -38.77 13.29
CA SER I 70 -32.51 -38.19 14.53
C SER I 70 -31.55 -39.13 15.24
N HIS I 71 -30.79 -38.58 16.18
CA HIS I 71 -29.86 -39.37 16.98
C HIS I 71 -30.11 -39.06 18.46
N ALA I 72 -30.19 -40.11 19.28
CA ALA I 72 -30.51 -39.94 20.70
C ALA I 72 -29.34 -39.33 21.46
N ASP I 73 -28.13 -39.82 21.15
CA ASP I 73 -26.95 -39.49 21.94
C ASP I 73 -25.82 -38.85 21.15
N THR I 74 -26.13 -38.30 19.99
CA THR I 74 -25.08 -37.83 19.09
C THR I 74 -25.33 -36.42 18.59
N TYR I 75 -24.30 -35.59 18.65
CA TYR I 75 -24.34 -34.23 18.12
C TYR I 75 -23.66 -34.21 16.77
N GLU I 76 -24.20 -33.45 15.82
CA GLU I 76 -23.63 -33.45 14.47
C GLU I 76 -23.24 -32.08 13.94
N VAL I 77 -22.02 -32.01 13.43
CA VAL I 77 -21.53 -30.82 12.75
C VAL I 77 -21.74 -30.95 11.24
N PHE I 78 -22.18 -29.85 10.61
CA PHE I 78 -22.19 -29.74 9.14
C PHE I 78 -21.36 -28.53 8.73
N TYR I 79 -20.20 -28.77 8.12
CA TYR I 79 -19.34 -27.70 7.63
C TYR I 79 -19.17 -27.88 6.12
N ILE I 80 -19.68 -26.93 5.34
CA ILE I 80 -19.67 -27.04 3.91
C ILE I 80 -18.30 -26.66 3.34
N THR I 81 -17.76 -27.49 2.46
CA THR I 81 -16.49 -27.21 1.80
C THR I 81 -16.57 -27.08 0.29
N GLN I 82 -17.62 -27.64 -0.31
CA GLN I 82 -17.84 -27.52 -1.74
C GLN I 82 -19.33 -27.49 -2.04
N GLY I 83 -19.70 -26.76 -3.10
CA GLY I 83 -21.08 -26.70 -3.53
C GLY I 83 -22.01 -25.97 -2.58
N ALA I 84 -23.23 -26.47 -2.45
CA ALA I 84 -24.22 -25.86 -1.57
C ALA I 84 -25.18 -26.93 -1.01
N VAL I 85 -25.34 -26.96 0.30
CA VAL I 85 -26.16 -27.99 0.94
C VAL I 85 -27.26 -27.35 1.79
N ARG I 86 -28.50 -27.67 1.50
CA ARG I 86 -29.63 -27.16 2.29
C ARG I 86 -29.86 -28.04 3.50
N LEU I 87 -29.62 -27.47 4.69
CA LEU I 87 -29.83 -28.22 5.94
C LEU I 87 -31.20 -27.94 6.53
N PHE I 88 -31.94 -29.01 6.84
CA PHE I 88 -33.24 -28.90 7.50
C PHE I 88 -33.11 -29.37 8.94
N VAL I 89 -33.61 -28.58 9.89
CA VAL I 89 -33.58 -28.99 11.30
C VAL I 89 -34.89 -28.68 12.04
N GLU I 90 -35.21 -29.51 13.03
CA GLU I 90 -36.34 -29.25 13.91
C GLU I 90 -35.83 -29.23 15.34
N ASP I 91 -36.08 -28.13 16.05
CA ASP I 91 -35.67 -28.00 17.45
C ASP I 91 -36.54 -28.84 18.39
N LEU I 92 -36.21 -28.83 19.67
CA LEU I 92 -36.97 -29.57 20.67
C LEU I 92 -38.39 -29.04 20.85
N GLU I 93 -38.61 -27.77 20.53
CA GLU I 93 -39.94 -27.16 20.58
C GLU I 93 -40.75 -27.47 19.33
N GLY I 94 -40.14 -28.13 18.36
CA GLY I 94 -40.84 -28.51 17.14
C GLY I 94 -40.91 -27.40 16.09
N GLU I 95 -40.09 -26.37 16.25
CA GLU I 95 -39.97 -25.33 15.23
C GLU I 95 -38.97 -25.78 14.16
N GLN I 96 -39.39 -25.72 12.90
CA GLN I 96 -38.53 -26.14 11.81
C GLN I 96 -37.70 -24.98 11.26
N HIS I 97 -36.46 -25.28 10.90
CA HIS I 97 -35.56 -24.29 10.30
C HIS I 97 -34.81 -24.91 9.12
N GLU I 98 -34.68 -24.14 8.04
CA GLU I 98 -33.90 -24.58 6.89
C GLU I 98 -32.96 -23.45 6.48
N LYS I 99 -31.78 -23.82 5.98
CA LYS I 99 -30.85 -22.84 5.45
C LYS I 99 -29.99 -23.45 4.35
N LEU I 100 -29.72 -22.66 3.31
CA LEU I 100 -28.76 -23.07 2.29
C LEU I 100 -27.38 -22.74 2.82
N LEU I 101 -26.55 -23.76 2.97
CA LEU I 101 -25.21 -23.57 3.51
C LEU I 101 -24.18 -23.68 2.41
N THR I 102 -23.35 -22.65 2.27
CA THR I 102 -22.36 -22.56 1.20
C THR I 102 -20.98 -22.69 1.81
N PRO I 103 -19.96 -23.04 1.00
CA PRO I 103 -18.66 -23.40 1.59
C PRO I 103 -18.15 -22.41 2.63
N GLY I 104 -17.84 -22.93 3.82
CA GLY I 104 -17.40 -22.10 4.94
C GLY I 104 -18.52 -21.84 5.94
N ASP I 105 -19.76 -22.12 5.53
CA ASP I 105 -20.90 -22.06 6.45
C ASP I 105 -20.97 -23.33 7.34
N PHE I 106 -21.68 -23.20 8.45
CA PHE I 106 -21.67 -24.20 9.51
C PHE I 106 -23.09 -24.43 10.01
N GLY I 107 -23.47 -25.69 10.14
CA GLY I 107 -24.72 -26.03 10.78
C GLY I 107 -24.42 -26.96 11.94
N PHE I 108 -25.24 -26.90 12.99
CA PHE I 108 -25.06 -27.77 14.15
C PHE I 108 -26.40 -28.40 14.52
N VAL I 109 -26.42 -29.72 14.66
CA VAL I 109 -27.66 -30.43 14.96
C VAL I 109 -27.47 -31.24 16.26
N PRO I 110 -28.09 -30.78 17.36
CA PRO I 110 -27.96 -31.46 18.65
C PRO I 110 -28.75 -32.76 18.69
N LYS I 111 -28.41 -33.64 19.64
CA LYS I 111 -29.14 -34.90 19.84
C LYS I 111 -30.64 -34.67 19.99
N ASN I 112 -31.43 -35.65 19.56
CA ASN I 112 -32.90 -35.61 19.60
C ASN I 112 -33.54 -34.60 18.65
N CYS I 113 -32.72 -33.89 17.88
CA CYS I 113 -33.29 -33.00 16.88
C CYS I 113 -33.45 -33.72 15.54
N VAL I 114 -34.66 -33.67 15.01
CA VAL I 114 -34.94 -34.27 13.70
C VAL I 114 -34.32 -33.37 12.64
N HIS I 115 -33.61 -33.98 11.70
CA HIS I 115 -32.89 -33.21 10.70
C HIS I 115 -32.75 -33.98 9.39
N ALA I 116 -32.42 -33.24 8.33
CA ALA I 116 -32.20 -33.81 7.02
C ALA I 116 -31.49 -32.75 6.18
N TYR I 117 -30.80 -33.21 5.14
CA TYR I 117 -30.11 -32.29 4.24
C TYR I 117 -30.36 -32.64 2.78
N ARG I 118 -30.16 -31.66 1.91
CA ARG I 118 -30.24 -31.91 0.48
C ARG I 118 -29.08 -31.23 -0.24
N MET I 119 -28.45 -31.95 -1.15
CA MET I 119 -27.36 -31.37 -1.92
C MET I 119 -27.90 -30.64 -3.14
N GLU I 120 -27.58 -29.36 -3.26
CA GLU I 120 -28.18 -28.54 -4.31
C GLU I 120 -27.20 -28.13 -5.42
N ARG I 121 -25.96 -28.62 -5.34
CA ARG I 121 -25.00 -28.52 -6.43
C ARG I 121 -24.43 -29.91 -6.66
N HIS I 122 -23.96 -30.19 -7.86
N HIS I 122 -23.99 -30.21 -7.88
CA HIS I 122 -23.34 -31.48 -8.12
CA HIS I 122 -23.35 -31.49 -8.15
C HIS I 122 -21.98 -31.54 -7.47
C HIS I 122 -22.02 -31.53 -7.43
N HIS I 123 -21.66 -32.71 -6.90
CA HIS I 123 -20.46 -32.88 -6.09
C HIS I 123 -20.30 -31.85 -4.95
N SER I 124 -21.37 -31.63 -4.21
CA SER I 124 -21.27 -30.84 -2.98
C SER I 124 -20.51 -31.69 -1.95
N GLN I 125 -19.90 -31.03 -0.97
CA GLN I 125 -19.14 -31.72 0.06
C GLN I 125 -19.33 -31.08 1.44
N VAL I 126 -19.52 -31.94 2.44
CA VAL I 126 -19.75 -31.53 3.82
C VAL I 126 -18.71 -32.18 4.73
N VAL I 127 -18.04 -31.38 5.53
CA VAL I 127 -17.17 -31.94 6.56
C VAL I 127 -18.03 -32.20 7.79
N GLY I 128 -17.99 -33.44 8.28
CA GLY I 128 -18.79 -33.85 9.42
C GLY I 128 -17.99 -34.29 10.65
N VAL I 129 -18.62 -34.10 11.82
CA VAL I 129 -18.20 -34.73 13.06
C VAL I 129 -19.49 -35.19 13.72
N ALA I 130 -19.53 -36.44 14.16
CA ALA I 130 -20.74 -36.97 14.80
C ALA I 130 -20.38 -37.80 16.02
N ALA I 131 -20.50 -37.20 17.20
CA ALA I 131 -20.08 -37.84 18.44
C ALA I 131 -20.90 -37.34 19.62
N GLY I 132 -20.57 -37.87 20.81
CA GLY I 132 -21.30 -37.57 22.03
C GLY I 132 -21.01 -38.57 23.14
N PRO I 133 -21.89 -38.62 24.15
CA PRO I 133 -21.74 -39.50 25.31
C PRO I 133 -21.69 -40.98 24.92
N GLY I 134 -22.48 -41.35 23.92
CA GLY I 134 -22.57 -42.74 23.48
C GLY I 134 -21.56 -43.18 22.45
N GLY I 135 -20.40 -42.51 22.40
CA GLY I 135 -19.34 -42.90 21.50
C GLY I 135 -19.42 -42.25 20.13
N THR I 136 -18.70 -42.82 19.16
CA THR I 136 -18.62 -42.25 17.81
C THR I 136 -19.40 -43.02 16.74
N PHE I 137 -19.69 -42.32 15.64
CA PHE I 137 -20.78 -42.65 14.74
C PHE I 137 -20.34 -43.23 13.40
N GLU I 138 -19.09 -42.93 13.02
CA GLU I 138 -18.65 -43.00 11.63
C GLU I 138 -18.88 -44.30 10.83
N ARG I 139 -18.85 -45.45 11.50
CA ARG I 139 -18.96 -46.73 10.78
C ARG I 139 -20.41 -47.11 10.43
N PHE I 140 -21.35 -46.26 10.84
CA PHE I 140 -22.75 -46.37 10.40
C PHE I 140 -22.92 -46.38 8.88
N PHE I 141 -22.10 -45.59 8.19
CA PHE I 141 -22.28 -45.38 6.75
C PHE I 141 -21.97 -46.65 5.94
N GLU I 142 -20.79 -47.23 6.14
CA GLU I 142 -20.47 -48.49 5.48
C GLU I 142 -21.34 -49.65 5.97
N SER I 143 -21.94 -49.49 7.15
CA SER I 143 -22.79 -50.54 7.73
C SER I 143 -24.16 -50.64 7.05
N LEU I 144 -24.90 -49.54 7.01
CA LEU I 144 -26.18 -49.51 6.30
C LEU I 144 -25.98 -49.52 4.79
N GLY I 145 -25.04 -48.70 4.31
CA GLY I 145 -24.64 -48.74 2.92
C GLY I 145 -23.65 -49.85 2.69
N THR I 146 -22.48 -49.51 2.16
CA THR I 146 -21.43 -50.49 1.89
C THR I 146 -20.10 -49.77 1.96
N PRO I 147 -19.04 -50.50 2.37
CA PRO I 147 -17.70 -49.91 2.25
C PRO I 147 -17.30 -49.93 0.78
N ALA I 148 -16.33 -49.11 0.40
CA ALA I 148 -15.94 -49.05 -1.01
C ALA I 148 -14.43 -48.89 -1.15
N GLU I 149 -13.90 -49.53 -2.20
CA GLU I 149 -12.47 -49.49 -2.49
C GLU I 149 -12.17 -48.42 -3.55
N GLU I 150 -13.18 -48.11 -4.35
CA GLU I 150 -13.09 -47.15 -5.45
C GLU I 150 -12.94 -45.70 -4.95
N LEU I 151 -12.21 -44.87 -5.69
CA LEU I 151 -12.17 -43.43 -5.44
C LEU I 151 -13.32 -42.78 -6.19
N GLY I 152 -13.78 -41.62 -5.70
CA GLY I 152 -14.79 -40.84 -6.40
C GLY I 152 -16.22 -41.18 -6.07
N LEU I 153 -17.18 -40.48 -6.69
CA LEU I 153 -18.58 -40.74 -6.40
C LEU I 153 -19.00 -42.10 -6.95
N PRO I 154 -19.89 -42.79 -6.22
CA PRO I 154 -20.48 -44.01 -6.77
C PRO I 154 -21.12 -43.76 -8.14
N VAL I 155 -20.79 -44.60 -9.11
CA VAL I 155 -21.33 -44.50 -10.46
C VAL I 155 -22.84 -44.59 -10.39
N ARG I 156 -23.32 -45.48 -9.53
CA ARG I 156 -24.75 -45.71 -9.34
C ARG I 156 -25.01 -45.79 -7.85
N PRO I 157 -26.14 -45.24 -7.39
CA PRO I 157 -26.41 -45.19 -5.95
C PRO I 157 -26.44 -46.57 -5.30
N PHE I 158 -25.82 -46.71 -4.14
CA PHE I 158 -25.99 -47.95 -3.37
C PHE I 158 -27.26 -47.88 -2.55
N VAL I 159 -28.30 -48.55 -3.03
CA VAL I 159 -29.55 -48.65 -2.28
C VAL I 159 -29.50 -49.88 -1.38
N PRO I 160 -29.67 -49.69 -0.05
CA PRO I 160 -29.56 -50.81 0.89
C PRO I 160 -30.75 -51.76 0.79
N GLU I 161 -30.52 -53.06 1.00
CA GLU I 161 -31.62 -54.00 1.16
C GLU I 161 -32.42 -53.60 2.39
N PRO I 162 -33.74 -53.43 2.23
CA PRO I 162 -34.68 -52.92 3.26
C PRO I 162 -34.48 -53.52 4.66
N GLU I 163 -34.02 -54.75 4.73
CA GLU I 163 -33.66 -55.39 5.99
C GLU I 163 -32.71 -54.51 6.80
N LYS I 164 -31.74 -53.90 6.11
CA LYS I 164 -30.70 -53.10 6.75
C LYS I 164 -31.22 -51.88 7.53
N PHE I 165 -32.43 -51.45 7.19
CA PHE I 165 -33.02 -50.28 7.85
C PHE I 165 -33.63 -50.65 9.20
N ARG I 166 -34.00 -51.91 9.35
CA ARG I 166 -34.50 -52.42 10.62
C ARG I 166 -33.33 -52.79 11.51
N THR I 167 -32.30 -53.37 10.90
CA THR I 167 -31.09 -53.78 11.63
C THR I 167 -30.32 -52.58 12.19
N VAL I 168 -29.52 -51.94 11.34
CA VAL I 168 -28.52 -50.93 11.76
C VAL I 168 -28.83 -50.01 12.96
N PRO I 169 -30.03 -49.38 13.01
CA PRO I 169 -30.41 -48.56 14.16
C PRO I 169 -30.16 -49.17 15.56
N GLU I 170 -30.17 -50.50 15.67
CA GLU I 170 -29.89 -51.15 16.95
C GLU I 170 -28.39 -51.33 17.18
N GLN I 171 -27.58 -50.59 16.43
CA GLN I 171 -26.12 -50.70 16.51
C GLN I 171 -25.38 -49.36 16.37
N TYR I 172 -26.07 -48.31 15.90
CA TYR I 172 -25.36 -47.08 15.54
C TYR I 172 -25.97 -45.73 15.96
N ASP I 173 -27.05 -45.75 16.73
CA ASP I 173 -27.66 -44.52 17.23
C ASP I 173 -28.24 -43.66 16.11
N VAL I 174 -29.21 -44.22 15.40
CA VAL I 174 -29.95 -43.50 14.39
C VAL I 174 -31.41 -43.90 14.47
N ARG I 175 -32.29 -42.92 14.51
CA ARG I 175 -33.70 -43.23 14.37
C ARG I 175 -34.26 -42.56 13.12
N PHE I 176 -34.76 -43.37 12.21
CA PHE I 176 -35.37 -42.83 11.00
C PHE I 176 -36.78 -42.35 11.27
N ARG I 177 -37.23 -41.35 10.53
CA ARG I 177 -38.55 -40.76 10.76
C ARG I 177 -39.27 -40.63 9.43
N PRO I 178 -39.73 -41.76 8.88
CA PRO I 178 -40.32 -41.81 7.54
C PRO I 178 -41.52 -40.90 7.39
N ASP I 179 -42.22 -40.62 8.49
CA ASP I 179 -43.43 -39.83 8.45
C ASP I 179 -43.19 -38.35 8.72
N HIS I 180 -41.94 -37.92 8.63
CA HIS I 180 -41.63 -36.51 8.86
C HIS I 180 -41.70 -35.70 7.58
N GLN I 181 -42.56 -34.67 7.57
CA GLN I 181 -42.63 -33.72 6.46
C GLN I 181 -42.19 -32.34 6.94
N TRP I 182 -41.70 -31.52 6.02
CA TRP I 182 -41.16 -30.20 6.37
C TRP I 182 -42.11 -29.05 6.03
N HIS I 183 -42.15 -28.05 6.90
CA HIS I 183 -43.05 -26.91 6.73
C HIS I 183 -42.29 -25.63 6.42
N THR I 184 -41.19 -25.75 5.69
CA THR I 184 -40.32 -24.60 5.40
C THR I 184 -40.45 -24.09 3.97
N GLY I 185 -40.93 -24.94 3.07
CA GLY I 185 -41.12 -24.57 1.67
C GLY I 185 -42.56 -24.70 1.21
N ILE J 3 -29.69 -12.58 13.86
CA ILE J 3 -29.94 -13.52 14.93
C ILE J 3 -28.69 -13.67 15.82
N GLU J 4 -28.49 -12.70 16.72
CA GLU J 4 -27.30 -12.63 17.55
C GLU J 4 -27.61 -12.99 19.01
N TYR J 5 -26.64 -13.56 19.73
CA TYR J 5 -26.85 -13.97 21.11
C TYR J 5 -25.77 -13.41 22.03
N ALA J 6 -26.08 -13.32 23.33
CA ALA J 6 -25.04 -13.10 24.32
C ALA J 6 -24.76 -14.43 25.01
N THR J 7 -23.48 -14.73 25.23
CA THR J 7 -23.04 -15.94 25.91
C THR J 7 -22.01 -15.51 26.93
N ARG J 8 -21.52 -16.45 27.73
CA ARG J 8 -20.51 -16.14 28.74
C ARG J 8 -19.12 -15.99 28.14
N HIS J 9 -19.04 -16.17 26.82
CA HIS J 9 -17.77 -16.04 26.11
C HIS J 9 -17.75 -14.72 25.30
N ARG J 10 -18.94 -14.24 24.92
CA ARG J 10 -19.07 -13.10 24.00
C ARG J 10 -20.35 -12.33 24.24
N ALA J 11 -20.27 -11.01 24.15
CA ALA J 11 -21.47 -10.18 24.20
C ALA J 11 -22.21 -10.37 22.90
N ARG J 12 -21.47 -10.61 21.82
CA ARG J 12 -22.08 -10.90 20.53
C ARG J 12 -21.54 -12.22 19.98
N SER J 13 -22.42 -13.20 19.83
CA SER J 13 -22.04 -14.50 19.29
C SER J 13 -23.19 -15.08 18.49
N PHE J 14 -22.85 -15.93 17.52
CA PHE J 14 -23.88 -16.67 16.80
C PHE J 14 -24.04 -18.08 17.37
N ILE J 15 -23.24 -18.39 18.39
CA ILE J 15 -23.43 -19.62 19.17
C ILE J 15 -24.44 -19.39 20.30
N PRO J 16 -25.53 -20.17 20.32
CA PRO J 16 -26.56 -20.03 21.37
C PRO J 16 -26.01 -20.39 22.75
N PRO J 17 -26.43 -19.67 23.81
CA PRO J 17 -25.98 -20.00 25.16
C PRO J 17 -26.59 -21.30 25.70
N GLU J 18 -27.81 -21.62 25.26
CA GLU J 18 -28.48 -22.84 25.71
C GLU J 18 -28.16 -24.07 24.86
N PRO J 19 -27.75 -25.17 25.51
CA PRO J 19 -27.52 -26.44 24.80
C PRO J 19 -28.81 -27.02 24.23
N GLY J 20 -28.70 -27.96 23.30
CA GLY J 20 -29.87 -28.56 22.67
C GLY J 20 -30.52 -27.69 21.62
N LYS J 21 -29.88 -26.58 21.29
CA LYS J 21 -30.38 -25.68 20.26
C LYS J 21 -29.60 -25.87 18.96
N PRO J 22 -30.30 -26.25 17.89
CA PRO J 22 -29.68 -26.25 16.56
C PRO J 22 -29.45 -24.82 16.10
N TYR J 23 -28.39 -24.59 15.34
CA TYR J 23 -28.13 -23.24 14.84
C TYR J 23 -27.30 -23.25 13.56
N PHE J 24 -27.44 -22.20 12.76
CA PHE J 24 -26.58 -22.01 11.59
C PHE J 24 -25.66 -20.81 11.82
N ILE J 25 -24.39 -20.94 11.48
CA ILE J 25 -23.51 -19.77 11.48
C ILE J 25 -22.90 -19.57 10.08
N GLU J 26 -23.02 -18.37 9.54
CA GLU J 26 -22.40 -18.09 8.25
C GLU J 26 -20.88 -17.96 8.35
N LYS J 27 -20.23 -18.27 7.24
CA LYS J 27 -18.78 -18.20 7.09
C LYS J 27 -18.14 -16.99 7.76
N GLY J 28 -17.21 -17.25 8.68
CA GLY J 28 -16.45 -16.22 9.34
C GLY J 28 -16.99 -15.80 10.70
N LEU J 29 -18.24 -16.14 10.97
CA LEU J 29 -18.97 -15.55 12.08
C LEU J 29 -19.02 -16.39 13.36
N GLY J 30 -18.14 -17.39 13.48
CA GLY J 30 -17.96 -18.04 14.77
C GLY J 30 -17.31 -17.06 15.74
N ASP J 31 -17.15 -17.46 17.01
CA ASP J 31 -16.44 -16.61 17.97
C ASP J 31 -15.00 -16.48 17.48
N ARG J 32 -14.42 -15.28 17.60
CA ARG J 32 -13.11 -15.06 17.03
C ARG J 32 -12.02 -14.75 18.05
N ALA J 33 -10.79 -15.15 17.72
CA ALA J 33 -9.63 -14.88 18.55
C ALA J 33 -8.36 -14.73 17.71
N HIS J 34 -7.47 -13.83 18.13
CA HIS J 34 -6.18 -13.68 17.46
C HIS J 34 -5.08 -14.26 18.33
N LEU J 35 -4.11 -14.90 17.69
CA LEU J 35 -2.93 -15.42 18.36
C LEU J 35 -1.79 -15.34 17.38
N PHE J 36 -0.83 -14.48 17.66
CA PHE J 36 0.19 -14.08 16.67
C PHE J 36 -0.54 -13.53 15.44
N GLY J 37 -0.21 -14.05 14.27
CA GLY J 37 -0.84 -13.58 13.04
C GLY J 37 -2.09 -14.36 12.65
N ASP J 38 -2.46 -15.35 13.47
CA ASP J 38 -3.57 -16.25 13.15
C ASP J 38 -4.92 -15.80 13.70
N LEU J 39 -5.96 -16.06 12.90
CA LEU J 39 -7.33 -15.90 13.34
C LEU J 39 -7.92 -17.27 13.64
N ILE J 40 -8.40 -17.47 14.87
CA ILE J 40 -9.09 -18.71 15.23
C ILE J 40 -10.58 -18.42 15.32
N THR J 41 -11.40 -19.17 14.58
CA THR J 41 -12.85 -18.98 14.57
C THR J 41 -13.56 -20.22 15.09
N ILE J 42 -14.27 -20.09 16.22
CA ILE J 42 -14.94 -21.22 16.86
C ILE J 42 -16.42 -21.30 16.50
N TYR J 43 -16.84 -22.45 15.94
CA TYR J 43 -18.22 -22.59 15.50
C TYR J 43 -19.08 -23.40 16.49
N ALA J 44 -18.43 -24.32 17.20
CA ALA J 44 -19.08 -25.04 18.29
C ALA J 44 -18.07 -25.31 19.40
N GLY J 45 -18.55 -25.27 20.64
CA GLY J 45 -17.69 -25.48 21.79
C GLY J 45 -18.17 -26.62 22.68
N GLY J 46 -17.42 -26.89 23.75
CA GLY J 46 -17.76 -27.95 24.68
C GLY J 46 -19.20 -27.83 25.19
N GLU J 47 -19.64 -26.59 25.39
CA GLU J 47 -20.98 -26.33 25.90
C GLU J 47 -22.06 -26.83 24.94
N GLN J 48 -21.69 -27.05 23.68
CA GLN J 48 -22.65 -27.49 22.67
C GLN J 48 -22.77 -29.00 22.57
N THR J 49 -21.73 -29.71 23.01
CA THR J 49 -21.60 -31.14 22.76
C THR J 49 -21.36 -31.96 24.02
N GLU J 50 -21.95 -31.53 25.15
CA GLU J 50 -21.71 -32.15 26.46
C GLU J 50 -20.21 -32.38 26.69
N ASN J 51 -19.42 -31.38 26.35
CA ASN J 51 -17.96 -31.38 26.55
C ASN J 51 -17.21 -32.49 25.82
N THR J 52 -17.76 -32.93 24.68
CA THR J 52 -17.16 -34.04 23.94
C THR J 52 -16.18 -33.60 22.85
N PHE J 53 -16.62 -32.70 21.97
CA PHE J 53 -15.78 -32.22 20.89
C PHE J 53 -16.08 -30.75 20.57
N ASN J 54 -15.19 -30.11 19.84
CA ASN J 54 -15.44 -28.76 19.35
C ASN J 54 -15.31 -28.71 17.81
N PHE J 55 -15.33 -27.51 17.25
CA PHE J 55 -15.14 -27.33 15.81
C PHE J 55 -14.76 -25.92 15.50
N PHE J 56 -13.56 -25.75 14.95
CA PHE J 56 -13.05 -24.42 14.71
C PHE J 56 -12.12 -24.37 13.50
N THR J 57 -11.83 -23.17 13.04
CA THR J 57 -10.86 -22.95 11.98
C THR J 57 -9.74 -22.06 12.47
N CYS J 58 -8.60 -22.18 11.80
CA CYS J 58 -7.45 -21.32 12.06
CA CYS J 58 -7.45 -21.34 12.07
C CYS J 58 -6.90 -20.87 10.72
N GLU J 59 -6.74 -19.55 10.56
CA GLU J 59 -6.28 -18.93 9.30
C GLU J 59 -5.17 -17.91 9.58
N GLY J 60 -4.20 -17.82 8.68
CA GLY J 60 -3.05 -16.98 8.93
C GLY J 60 -2.32 -16.63 7.64
N PRO J 61 -1.40 -15.66 7.72
CA PRO J 61 -0.66 -15.26 6.53
C PRO J 61 0.49 -16.21 6.35
N LYS J 62 1.24 -16.05 5.26
CA LYS J 62 2.43 -16.85 5.04
C LYS J 62 3.33 -16.57 6.22
N GLY J 63 3.54 -17.57 7.07
CA GLY J 63 4.18 -17.33 8.35
C GLY J 63 5.32 -18.26 8.66
N GLU J 64 5.89 -18.10 9.86
CA GLU J 64 6.89 -19.03 10.34
C GLU J 64 6.24 -20.04 11.27
N VAL J 65 6.95 -21.13 11.56
CA VAL J 65 6.40 -22.24 12.34
C VAL J 65 5.85 -21.78 13.70
N ILE J 66 4.64 -22.25 14.04
CA ILE J 66 4.11 -21.99 15.39
C ILE J 66 4.89 -22.89 16.34
N PRO J 67 5.09 -22.44 17.59
CA PRO J 67 6.07 -23.14 18.44
C PRO J 67 5.69 -24.57 18.76
N ALA J 68 6.71 -25.43 18.90
CA ALA J 68 6.45 -26.82 19.24
C ALA J 68 5.75 -26.93 20.61
N HIS J 69 4.84 -27.87 20.73
CA HIS J 69 4.04 -28.05 21.94
C HIS J 69 3.32 -29.39 21.87
N SER J 70 2.88 -29.89 23.02
CA SER J 70 2.09 -31.11 23.05
C SER J 70 0.87 -30.93 23.93
N HIS J 71 -0.07 -31.86 23.82
CA HIS J 71 -1.24 -31.87 24.69
C HIS J 71 -1.28 -33.25 25.36
N ALA J 72 -1.77 -33.31 26.60
CA ALA J 72 -1.78 -34.59 27.32
C ALA J 72 -3.11 -35.34 27.27
N ASP J 73 -4.21 -34.60 27.10
CA ASP J 73 -5.56 -35.20 27.12
C ASP J 73 -6.40 -34.87 25.89
N THR J 74 -5.77 -34.34 24.85
CA THR J 74 -6.45 -33.80 23.69
C THR J 74 -5.88 -34.35 22.38
N TYR J 75 -6.75 -34.86 21.52
CA TYR J 75 -6.36 -35.27 20.17
C TYR J 75 -6.66 -34.14 19.18
N GLU J 76 -5.74 -33.89 18.24
CA GLU J 76 -5.88 -32.78 17.30
C GLU J 76 -6.10 -33.22 15.85
N VAL J 77 -7.08 -32.60 15.21
CA VAL J 77 -7.35 -32.84 13.79
C VAL J 77 -6.89 -31.66 12.93
N PHE J 78 -6.16 -31.95 11.86
CA PHE J 78 -5.74 -30.93 10.90
C PHE J 78 -6.33 -31.18 9.50
N TYR J 79 -7.36 -30.43 9.13
CA TYR J 79 -7.99 -30.56 7.82
C TYR J 79 -7.90 -29.26 7.03
N ILE J 80 -7.07 -29.27 6.00
CA ILE J 80 -6.78 -28.07 5.24
C ILE J 80 -7.92 -27.73 4.30
N THR J 81 -8.32 -26.45 4.31
CA THR J 81 -9.38 -25.97 3.41
C THR J 81 -8.91 -24.85 2.47
N GLN J 82 -7.81 -24.18 2.82
CA GLN J 82 -7.23 -23.14 1.97
C GLN J 82 -5.71 -23.12 2.07
N GLY J 83 -5.06 -22.69 0.99
CA GLY J 83 -3.60 -22.56 0.99
C GLY J 83 -2.86 -23.87 1.10
N ALA J 84 -1.79 -23.87 1.87
CA ALA J 84 -1.00 -25.07 2.08
C ALA J 84 -0.38 -24.94 3.46
N VAL J 85 -0.50 -25.97 4.29
CA VAL J 85 0.04 -25.91 5.64
C VAL J 85 1.02 -27.05 5.89
N ARG J 86 2.24 -26.70 6.31
CA ARG J 86 3.21 -27.75 6.63
C ARG J 86 3.07 -28.21 8.09
N LEU J 87 2.73 -29.48 8.28
CA LEU J 87 2.53 -30.04 9.62
C LEU J 87 3.74 -30.83 10.12
N PHE J 88 4.22 -30.49 11.31
CA PHE J 88 5.30 -31.24 11.94
C PHE J 88 4.75 -32.10 13.08
N VAL J 89 5.20 -33.34 13.19
CA VAL J 89 4.77 -34.22 14.27
C VAL J 89 5.92 -35.09 14.77
N GLU J 90 6.04 -35.21 16.08
CA GLU J 90 6.98 -36.18 16.65
C GLU J 90 6.15 -37.24 17.35
N ASP J 91 6.40 -38.51 17.02
CA ASP J 91 5.63 -39.58 17.63
C ASP J 91 6.24 -40.09 18.94
N LEU J 92 5.53 -40.99 19.62
CA LEU J 92 5.94 -41.45 20.94
C LEU J 92 7.28 -42.22 20.97
N GLU J 93 7.94 -42.32 19.82
CA GLU J 93 9.21 -43.02 19.75
C GLU J 93 10.32 -42.11 19.22
N GLY J 94 10.09 -40.81 19.26
CA GLY J 94 11.11 -39.84 18.89
C GLY J 94 11.24 -39.53 17.41
N GLU J 95 10.62 -40.34 16.55
CA GLU J 95 10.73 -40.10 15.11
C GLU J 95 9.73 -39.05 14.60
N GLN J 96 10.27 -38.01 13.98
CA GLN J 96 9.43 -36.89 13.57
C GLN J 96 9.14 -36.84 12.07
N HIS J 97 7.97 -36.29 11.73
CA HIS J 97 7.47 -36.33 10.37
C HIS J 97 6.89 -34.99 9.92
N GLU J 98 7.28 -34.57 8.71
CA GLU J 98 6.72 -33.37 8.09
C GLU J 98 5.91 -33.74 6.85
N LYS J 99 4.88 -32.95 6.55
CA LYS J 99 4.17 -33.07 5.28
C LYS J 99 3.46 -31.78 4.90
N LEU J 100 3.55 -31.40 3.63
CA LEU J 100 2.82 -30.24 3.15
C LEU J 100 1.41 -30.67 2.87
N LEU J 101 0.47 -30.15 3.64
CA LEU J 101 -0.93 -30.54 3.53
C LEU J 101 -1.70 -29.51 2.74
N THR J 102 -2.34 -29.95 1.66
CA THR J 102 -3.05 -29.05 0.76
C THR J 102 -4.55 -29.28 0.92
N PRO J 103 -5.39 -28.33 0.46
CA PRO J 103 -6.83 -28.45 0.72
C PRO J 103 -7.38 -29.83 0.45
N GLY J 104 -8.03 -30.39 1.47
CA GLY J 104 -8.58 -31.73 1.40
C GLY J 104 -7.67 -32.76 2.04
N ASP J 105 -6.40 -32.41 2.24
CA ASP J 105 -5.47 -33.26 3.01
C ASP J 105 -5.76 -33.21 4.53
N PHE J 106 -5.34 -34.25 5.23
CA PHE J 106 -5.71 -34.43 6.63
C PHE J 106 -4.49 -34.86 7.46
N GLY J 107 -4.35 -34.28 8.64
CA GLY J 107 -3.27 -34.64 9.55
C GLY J 107 -3.86 -34.85 10.92
N PHE J 108 -3.34 -35.84 11.64
CA PHE J 108 -3.88 -36.18 12.96
C PHE J 108 -2.78 -36.26 14.03
N VAL J 109 -2.87 -35.43 15.07
CA VAL J 109 -1.87 -35.45 16.15
C VAL J 109 -2.46 -35.96 17.46
N PRO J 110 -2.09 -37.19 17.85
CA PRO J 110 -2.60 -37.79 19.10
C PRO J 110 -1.90 -37.21 20.33
N LYS J 111 -2.48 -37.42 21.51
CA LYS J 111 -1.91 -36.86 22.75
C LYS J 111 -0.46 -37.25 22.98
N ASN J 112 0.28 -36.36 23.65
CA ASN J 112 1.68 -36.60 24.01
C ASN J 112 2.63 -36.66 22.81
N CYS J 113 2.14 -36.27 21.65
CA CYS J 113 2.99 -36.07 20.48
C CYS J 113 3.29 -34.58 20.34
N VAL J 114 4.57 -34.22 20.25
CA VAL J 114 4.94 -32.83 19.97
C VAL J 114 4.61 -32.50 18.51
N HIS J 115 4.08 -31.30 18.28
CA HIS J 115 3.73 -30.90 16.93
C HIS J 115 3.88 -29.39 16.73
N ALA J 116 4.00 -28.99 15.47
CA ALA J 116 4.11 -27.59 15.10
C ALA J 116 3.65 -27.49 13.65
N TYR J 117 3.04 -26.37 13.27
CA TYR J 117 2.72 -26.16 11.86
C TYR J 117 3.25 -24.82 11.35
N ARG J 118 3.33 -24.71 10.03
CA ARG J 118 3.70 -23.46 9.37
C ARG J 118 2.80 -23.27 8.15
N MET J 119 2.33 -22.04 7.95
CA MET J 119 1.47 -21.77 6.80
C MET J 119 2.34 -21.27 5.66
N GLU J 120 2.22 -21.90 4.50
CA GLU J 120 3.14 -21.65 3.39
C GLU J 120 2.50 -20.93 2.21
N ARG J 121 1.25 -20.49 2.41
CA ARG J 121 0.56 -19.63 1.46
C ARG J 121 -0.16 -18.57 2.25
N HIS J 122 -0.26 -17.36 1.71
CA HIS J 122 -1.01 -16.32 2.39
C HIS J 122 -2.47 -16.72 2.56
N HIS J 123 -3.03 -16.46 3.74
CA HIS J 123 -4.39 -16.82 4.09
C HIS J 123 -4.72 -18.31 3.90
N SER J 124 -3.85 -19.19 4.39
CA SER J 124 -4.16 -20.61 4.45
C SER J 124 -5.18 -20.84 5.56
N GLN J 125 -5.97 -21.89 5.44
CA GLN J 125 -6.98 -22.16 6.44
C GLN J 125 -7.00 -23.64 6.83
N VAL J 126 -7.11 -23.89 8.14
CA VAL J 126 -7.12 -25.24 8.70
C VAL J 126 -8.42 -25.44 9.47
N VAL J 127 -9.12 -26.53 9.20
CA VAL J 127 -10.28 -26.89 10.03
C VAL J 127 -9.77 -27.81 11.13
N GLY J 128 -10.12 -27.51 12.38
CA GLY J 128 -9.55 -28.26 13.49
C GLY J 128 -10.60 -28.79 14.45
N VAL J 129 -10.30 -29.95 15.01
CA VAL J 129 -11.02 -30.43 16.19
C VAL J 129 -9.94 -30.71 17.21
N ALA J 130 -10.17 -30.30 18.45
CA ALA J 130 -9.19 -30.50 19.52
C ALA J 130 -9.95 -30.90 20.78
N ALA J 131 -10.03 -32.21 21.04
CA ALA J 131 -10.75 -32.72 22.19
C ALA J 131 -10.18 -34.05 22.68
N GLY J 132 -10.78 -34.59 23.73
CA GLY J 132 -10.33 -35.84 24.31
C GLY J 132 -11.01 -36.10 25.64
N PRO J 133 -10.52 -37.11 26.37
CA PRO J 133 -11.12 -37.52 27.65
C PRO J 133 -11.22 -36.35 28.62
N GLY J 134 -10.21 -35.48 28.62
CA GLY J 134 -10.22 -34.31 29.49
C GLY J 134 -11.01 -33.11 29.02
N GLY J 135 -11.91 -33.28 28.03
CA GLY J 135 -12.77 -32.19 27.61
C GLY J 135 -12.30 -31.47 26.35
N THR J 136 -12.73 -30.22 26.18
CA THR J 136 -12.47 -29.49 24.92
C THR J 136 -11.60 -28.24 25.04
N PHE J 137 -10.79 -28.02 24.00
CA PHE J 137 -9.61 -27.18 24.06
C PHE J 137 -9.80 -25.75 23.55
N GLU J 138 -10.95 -25.47 22.94
CA GLU J 138 -11.11 -24.31 22.05
C GLU J 138 -10.87 -22.92 22.66
N ARG J 139 -11.19 -22.75 23.94
CA ARG J 139 -11.09 -21.43 24.56
C ARG J 139 -9.64 -21.04 24.88
N PHE J 140 -8.71 -21.97 24.65
CA PHE J 140 -7.27 -21.69 24.83
C PHE J 140 -6.76 -20.50 24.01
N PHE J 141 -7.21 -20.42 22.76
CA PHE J 141 -6.71 -19.42 21.83
C PHE J 141 -6.99 -18.01 22.32
N GLU J 142 -8.21 -17.75 22.79
CA GLU J 142 -8.55 -16.42 23.27
C GLU J 142 -7.95 -16.17 24.67
N SER J 143 -7.61 -17.25 25.36
CA SER J 143 -6.98 -17.16 26.69
C SER J 143 -5.50 -16.75 26.61
N LEU J 144 -4.72 -17.44 25.78
CA LEU J 144 -3.34 -17.04 25.57
C LEU J 144 -3.27 -15.80 24.67
N GLY J 145 -4.09 -15.78 23.62
CA GLY J 145 -4.16 -14.63 22.73
C GLY J 145 -5.22 -13.66 23.20
N THR J 146 -6.03 -13.16 22.27
CA THR J 146 -7.13 -12.28 22.61
C THR J 146 -8.41 -12.65 21.86
N PRO J 147 -9.57 -12.45 22.49
CA PRO J 147 -10.78 -12.53 21.69
C PRO J 147 -10.87 -11.31 20.79
N ALA J 148 -11.51 -11.45 19.62
CA ALA J 148 -11.55 -10.35 18.65
C ALA J 148 -12.96 -10.09 18.12
N GLU J 149 -13.28 -8.82 17.89
CA GLU J 149 -14.56 -8.49 17.29
C GLU J 149 -14.44 -8.30 15.79
N GLU J 150 -13.24 -7.95 15.34
CA GLU J 150 -12.98 -7.73 13.92
C GLU J 150 -13.20 -9.04 13.15
N LEU J 151 -13.50 -8.90 11.86
CA LEU J 151 -13.44 -10.01 10.93
C LEU J 151 -12.07 -10.00 10.25
N GLY J 152 -11.73 -11.08 9.55
CA GLY J 152 -10.51 -11.14 8.75
C GLY J 152 -9.26 -11.37 9.59
N LEU J 153 -8.11 -11.50 8.93
CA LEU J 153 -6.85 -11.69 9.63
C LEU J 153 -6.54 -10.50 10.52
N PRO J 154 -5.88 -10.74 11.67
CA PRO J 154 -5.35 -9.63 12.45
C PRO J 154 -4.37 -8.83 11.60
N VAL J 155 -4.47 -7.50 11.70
CA VAL J 155 -3.67 -6.61 10.86
C VAL J 155 -2.20 -6.65 11.27
N ARG J 156 -2.00 -6.66 12.58
CA ARG J 156 -0.69 -6.84 13.19
C ARG J 156 -0.76 -8.09 14.05
N PRO J 157 0.37 -8.76 14.28
CA PRO J 157 0.29 -9.96 15.12
C PRO J 157 0.01 -9.64 16.59
N PHE J 158 -0.70 -10.52 17.29
CA PHE J 158 -0.89 -10.35 18.72
C PHE J 158 0.14 -11.18 19.48
N VAL J 159 1.15 -10.52 20.03
CA VAL J 159 2.19 -11.24 20.76
C VAL J 159 1.94 -11.17 22.27
N PRO J 160 1.53 -12.31 22.86
CA PRO J 160 1.05 -12.36 24.25
C PRO J 160 2.14 -11.94 25.23
N GLU J 161 1.76 -11.30 26.33
CA GLU J 161 2.73 -10.99 27.37
C GLU J 161 3.31 -12.30 27.90
N PRO J 162 4.62 -12.33 28.17
CA PRO J 162 5.36 -13.53 28.58
C PRO J 162 4.69 -14.29 29.73
N GLU J 163 4.05 -13.58 30.64
CA GLU J 163 3.37 -14.21 31.78
C GLU J 163 2.28 -15.17 31.34
N LYS J 164 1.49 -14.78 30.35
CA LYS J 164 0.43 -15.63 29.81
C LYS J 164 0.95 -17.04 29.49
N PHE J 165 2.22 -17.14 29.12
CA PHE J 165 2.82 -18.45 28.88
C PHE J 165 3.01 -19.27 30.16
N ARG J 166 3.07 -18.61 31.32
CA ARG J 166 3.12 -19.32 32.60
C ARG J 166 1.75 -19.89 32.92
N THR J 167 0.76 -19.01 32.91
CA THR J 167 -0.57 -19.30 33.45
C THR J 167 -1.48 -20.14 32.55
N VAL J 168 -1.41 -19.91 31.22
CA VAL J 168 -2.21 -20.71 30.28
C VAL J 168 -2.03 -22.23 30.42
N PRO J 169 -0.78 -22.74 30.48
CA PRO J 169 -0.60 -24.19 30.69
C PRO J 169 -1.22 -24.73 31.99
N GLU J 170 -1.54 -23.83 32.92
CA GLU J 170 -2.23 -24.23 34.15
C GLU J 170 -3.74 -24.35 33.94
N GLN J 171 -4.22 -24.20 32.71
CA GLN J 171 -5.67 -24.22 32.50
C GLN J 171 -6.24 -24.85 31.21
N TYR J 172 -5.40 -25.31 30.28
CA TYR J 172 -5.95 -25.76 28.99
C TYR J 172 -5.47 -27.07 28.38
N ASP J 173 -4.32 -27.57 28.86
CA ASP J 173 -3.67 -28.79 28.35
C ASP J 173 -2.79 -28.50 27.14
N VAL J 174 -1.85 -27.57 27.33
CA VAL J 174 -0.79 -27.34 26.37
C VAL J 174 0.53 -27.46 27.10
N ARG J 175 1.57 -27.86 26.38
CA ARG J 175 2.89 -28.04 26.97
C ARG J 175 3.91 -27.55 25.97
N PHE J 176 4.32 -26.30 26.10
CA PHE J 176 5.27 -25.73 25.15
C PHE J 176 6.62 -26.41 25.25
N ARG J 177 7.25 -26.61 24.09
CA ARG J 177 8.58 -27.19 24.03
C ARG J 177 9.52 -26.28 23.24
N PRO J 178 9.98 -25.18 23.88
CA PRO J 178 10.84 -24.20 23.19
C PRO J 178 12.28 -24.69 23.05
N ASP J 179 12.52 -25.91 23.52
CA ASP J 179 13.80 -26.58 23.36
C ASP J 179 13.77 -27.44 22.11
N HIS J 180 12.56 -27.81 21.72
CA HIS J 180 12.32 -28.80 20.67
C HIS J 180 12.82 -28.37 19.30
N GLN J 181 13.63 -29.22 18.67
CA GLN J 181 14.16 -28.98 17.34
C GLN J 181 13.61 -29.99 16.33
N TRP J 182 13.61 -29.63 15.05
CA TRP J 182 13.12 -30.51 13.99
C TRP J 182 14.23 -30.99 13.05
N HIS J 183 14.24 -32.29 12.74
CA HIS J 183 15.31 -32.86 11.91
C HIS J 183 14.83 -33.52 10.62
N THR J 184 13.77 -32.97 10.02
CA THR J 184 13.15 -33.58 8.83
C THR J 184 13.51 -32.92 7.49
N GLY J 185 14.38 -31.92 7.53
CA GLY J 185 14.85 -31.26 6.32
C GLY J 185 13.76 -30.58 5.52
N ILE K 3 56.88 27.82 0.46
CA ILE K 3 56.07 26.83 -0.26
C ILE K 3 54.62 26.88 0.26
N GLU K 4 54.25 28.02 0.82
CA GLU K 4 52.97 28.15 1.52
C GLU K 4 51.88 28.82 0.68
N TYR K 5 50.67 28.28 0.75
CA TYR K 5 49.53 28.85 0.05
C TYR K 5 48.53 29.40 1.05
N ALA K 6 47.53 30.12 0.54
CA ALA K 6 46.38 30.56 1.33
C ALA K 6 45.13 29.99 0.68
N THR K 7 44.24 29.39 1.49
CA THR K 7 43.05 28.74 0.97
C THR K 7 41.83 29.17 1.77
N ARG K 8 40.67 28.66 1.37
CA ARG K 8 39.41 28.94 2.06
C ARG K 8 39.35 28.25 3.40
N HIS K 9 40.32 27.36 3.66
CA HIS K 9 40.34 26.57 4.89
C HIS K 9 41.42 27.02 5.86
N ARG K 10 42.51 27.56 5.32
CA ARG K 10 43.63 28.01 6.13
C ARG K 10 44.29 29.21 5.48
N ALA K 11 44.73 30.15 6.31
CA ALA K 11 45.52 31.25 5.83
C ALA K 11 46.90 30.73 5.45
N ARG K 12 47.30 29.62 6.08
CA ARG K 12 48.55 28.95 5.76
C ARG K 12 48.30 27.46 5.49
N SER K 13 48.54 27.03 4.25
CA SER K 13 48.34 25.63 3.90
C SER K 13 49.36 25.19 2.87
N PHE K 14 49.60 23.88 2.84
CA PHE K 14 50.48 23.28 1.83
C PHE K 14 49.67 22.60 0.73
N ILE K 15 48.36 22.55 0.89
CA ILE K 15 47.43 22.19 -0.18
C ILE K 15 47.12 23.42 -1.02
N PRO K 16 47.45 23.40 -2.31
CA PRO K 16 47.14 24.57 -3.16
C PRO K 16 45.64 24.72 -3.36
N PRO K 17 45.16 25.96 -3.54
CA PRO K 17 43.73 26.22 -3.70
C PRO K 17 43.22 25.83 -5.09
N GLU K 18 44.06 25.93 -6.11
CA GLU K 18 43.67 25.56 -7.47
C GLU K 18 43.72 24.05 -7.71
N PRO K 19 42.56 23.45 -8.08
CA PRO K 19 42.51 22.04 -8.44
C PRO K 19 43.32 21.76 -9.70
N GLY K 20 43.70 20.50 -9.91
CA GLY K 20 44.54 20.16 -11.05
C GLY K 20 45.99 20.55 -10.87
N LYS K 21 46.39 20.91 -9.64
CA LYS K 21 47.79 21.20 -9.37
C LYS K 21 48.47 20.05 -8.60
N PRO K 22 49.59 19.54 -9.16
CA PRO K 22 50.37 18.53 -8.45
C PRO K 22 51.02 19.17 -7.24
N TYR K 23 51.14 18.43 -6.13
CA TYR K 23 51.81 18.97 -4.96
C TYR K 23 52.39 17.90 -4.04
N PHE K 24 53.39 18.30 -3.24
CA PHE K 24 53.94 17.44 -2.19
C PHE K 24 53.76 18.09 -0.83
N ILE K 25 53.59 17.28 0.20
CA ILE K 25 53.53 17.81 1.54
C ILE K 25 54.41 16.97 2.44
N GLU K 26 55.32 17.62 3.16
CA GLU K 26 56.19 16.91 4.07
C GLU K 26 55.37 16.40 5.23
N LYS K 27 55.87 15.31 5.82
CA LYS K 27 55.32 14.68 7.03
C LYS K 27 54.81 15.68 8.07
N GLY K 28 53.51 15.64 8.33
CA GLY K 28 52.91 16.38 9.42
C GLY K 28 52.43 17.76 9.04
N LEU K 29 52.65 18.17 7.79
CA LEU K 29 52.33 19.55 7.39
C LEU K 29 51.03 19.73 6.58
N GLY K 30 50.15 18.73 6.59
CA GLY K 30 48.84 18.88 5.99
C GLY K 30 48.02 19.83 6.84
N ASP K 31 46.78 20.13 6.45
CA ASP K 31 45.97 21.04 7.29
C ASP K 31 45.68 20.29 8.58
N ARG K 32 45.80 20.95 9.72
CA ARG K 32 45.66 20.23 10.99
C ARG K 32 44.41 20.61 11.75
N ALA K 33 43.99 19.72 12.64
CA ALA K 33 42.79 19.90 13.45
C ALA K 33 42.88 19.05 14.72
N HIS K 34 42.43 19.60 15.85
CA HIS K 34 42.33 18.83 17.08
C HIS K 34 40.89 18.43 17.36
N LEU K 35 40.72 17.26 17.97
CA LEU K 35 39.41 16.78 18.39
C LEU K 35 39.66 15.81 19.51
N PHE K 36 39.41 16.27 20.73
CA PHE K 36 39.80 15.57 21.96
C PHE K 36 41.32 15.43 22.02
N GLY K 37 41.82 14.23 22.22
CA GLY K 37 43.26 14.07 22.37
C GLY K 37 44.00 13.95 21.05
N ASP K 38 43.24 13.85 19.95
CA ASP K 38 43.81 13.46 18.68
C ASP K 38 44.12 14.61 17.73
N LEU K 39 45.09 14.38 16.87
CA LEU K 39 45.45 15.28 15.79
C LEU K 39 45.05 14.67 14.45
N ILE K 40 44.20 15.36 13.71
CA ILE K 40 43.83 14.96 12.36
C ILE K 40 44.58 15.85 11.37
N THR K 41 45.20 15.24 10.37
CA THR K 41 45.98 16.00 9.40
C THR K 41 45.51 15.70 8.00
N ILE K 42 45.12 16.75 7.27
CA ILE K 42 44.54 16.55 5.96
C ILE K 42 45.55 16.82 4.85
N TYR K 43 45.77 15.82 4.01
CA TYR K 43 46.73 15.98 2.91
C TYR K 43 46.04 16.24 1.56
N ALA K 44 44.79 15.80 1.45
CA ALA K 44 43.99 16.03 0.25
C ALA K 44 42.51 16.11 0.62
N GLY K 45 41.81 17.08 0.03
CA GLY K 45 40.37 17.20 0.25
C GLY K 45 39.56 17.04 -1.04
N GLY K 46 38.24 17.20 -0.92
CA GLY K 46 37.35 17.12 -2.05
C GLY K 46 37.69 18.05 -3.21
N GLU K 47 38.24 19.23 -2.91
CA GLU K 47 38.57 20.19 -3.95
C GLU K 47 39.77 19.74 -4.75
N GLN K 48 40.42 18.67 -4.29
CA GLN K 48 41.58 18.16 -5.00
C GLN K 48 41.13 17.09 -6.00
N THR K 49 40.02 16.42 -5.68
CA THR K 49 39.61 15.24 -6.43
C THR K 49 38.23 15.30 -7.08
N GLU K 50 37.75 16.48 -7.42
CA GLU K 50 36.37 16.65 -7.92
C GLU K 50 35.40 15.94 -6.98
N ASN K 51 35.69 16.04 -5.68
CA ASN K 51 34.80 15.59 -4.63
C ASN K 51 34.61 14.07 -4.57
N THR K 52 35.56 13.32 -5.11
CA THR K 52 35.44 11.87 -5.15
C THR K 52 36.05 11.16 -3.92
N PHE K 53 37.19 11.64 -3.42
CA PHE K 53 37.78 11.13 -2.18
C PHE K 53 38.67 12.16 -1.48
N ASN K 54 39.22 11.75 -0.33
CA ASN K 54 40.18 12.55 0.42
C ASN K 54 41.33 11.68 0.89
N PHE K 55 42.25 12.27 1.68
CA PHE K 55 43.32 11.50 2.32
C PHE K 55 43.81 12.26 3.55
N PHE K 56 43.69 11.63 4.72
CA PHE K 56 44.10 12.26 5.97
C PHE K 56 44.65 11.24 6.97
N THR K 57 45.32 11.72 8.00
CA THR K 57 45.74 10.85 9.09
C THR K 57 45.13 11.29 10.40
N CYS K 58 44.98 10.33 11.30
CA CYS K 58 44.50 10.61 12.64
CA CYS K 58 44.49 10.60 12.64
C CYS K 58 45.47 9.99 13.63
N GLU K 59 46.00 10.83 14.53
CA GLU K 59 46.97 10.32 15.50
C GLU K 59 46.72 10.89 16.88
N GLY K 60 46.94 10.08 17.91
CA GLY K 60 46.68 10.52 19.27
C GLY K 60 47.27 9.61 20.33
N PRO K 61 47.12 10.00 21.61
CA PRO K 61 47.70 9.28 22.75
C PRO K 61 46.89 8.05 23.09
N LYS K 62 47.42 7.21 23.97
CA LYS K 62 46.67 6.09 24.49
C LYS K 62 45.43 6.69 25.15
N GLY K 63 44.26 6.11 24.91
CA GLY K 63 43.04 6.74 25.39
C GLY K 63 41.80 5.87 25.35
N GLU K 64 40.65 6.46 25.66
CA GLU K 64 39.41 5.71 25.71
C GLU K 64 38.67 5.73 24.37
N VAL K 65 37.83 4.72 24.17
CA VAL K 65 37.06 4.57 22.93
C VAL K 65 36.30 5.84 22.56
N ILE K 66 36.55 6.33 21.35
CA ILE K 66 35.90 7.51 20.80
C ILE K 66 34.36 7.36 20.71
N PRO K 67 33.63 8.47 20.45
CA PRO K 67 32.17 8.34 20.41
C PRO K 67 31.65 7.46 19.29
N ALA K 68 30.89 6.43 19.64
CA ALA K 68 30.17 5.60 18.67
C ALA K 68 29.39 6.47 17.67
N HIS K 69 29.40 6.07 16.40
CA HIS K 69 28.74 6.85 15.36
C HIS K 69 28.63 6.10 14.05
N SER K 70 27.96 6.71 13.08
CA SER K 70 27.86 6.11 11.76
C SER K 70 27.86 7.21 10.70
N HIS K 71 27.87 6.79 9.43
CA HIS K 71 27.73 7.70 8.31
C HIS K 71 26.78 7.03 7.33
N ALA K 72 26.00 7.83 6.60
CA ALA K 72 24.93 7.27 5.76
C ALA K 72 25.34 7.13 4.31
N ASP K 73 26.18 8.05 3.85
CA ASP K 73 26.65 8.04 2.47
C ASP K 73 28.17 7.97 2.39
N THR K 74 28.81 7.57 3.49
CA THR K 74 30.27 7.65 3.54
C THR K 74 30.92 6.36 4.04
N TYR K 75 31.89 5.89 3.28
CA TYR K 75 32.67 4.70 3.62
C TYR K 75 34.02 5.10 4.20
N GLU K 76 34.44 4.41 5.26
CA GLU K 76 35.66 4.76 5.97
C GLU K 76 36.76 3.72 5.86
N VAL K 77 38.00 4.18 5.86
CA VAL K 77 39.13 3.27 5.88
C VAL K 77 39.99 3.51 7.12
N PHE K 78 40.41 2.42 7.76
CA PHE K 78 41.36 2.47 8.87
C PHE K 78 42.65 1.69 8.55
N TYR K 79 43.72 2.42 8.23
CA TYR K 79 45.01 1.78 7.91
C TYR K 79 46.08 2.26 8.88
N ILE K 80 46.53 1.34 9.73
CA ILE K 80 47.38 1.70 10.85
C ILE K 80 48.82 1.89 10.39
N THR K 81 49.44 3.00 10.77
CA THR K 81 50.83 3.22 10.39
C THR K 81 51.76 3.23 11.60
N GLN K 82 51.20 3.43 12.79
CA GLN K 82 51.98 3.54 14.02
C GLN K 82 51.13 3.04 15.17
N GLY K 83 51.80 2.48 16.18
CA GLY K 83 51.14 2.09 17.41
C GLY K 83 50.28 0.85 17.30
N ALA K 84 49.14 0.88 17.99
CA ALA K 84 48.12 -0.16 17.85
C ALA K 84 46.77 0.47 18.13
N VAL K 85 45.81 0.19 17.27
CA VAL K 85 44.47 0.76 17.38
C VAL K 85 43.43 -0.35 17.37
N ARG K 86 42.50 -0.32 18.34
CA ARG K 86 41.39 -1.25 18.36
C ARG K 86 40.18 -0.65 17.63
N LEU K 87 39.64 -1.37 16.67
CA LEU K 87 38.50 -0.88 15.90
C LEU K 87 37.24 -1.68 16.21
N PHE K 88 36.16 -0.98 16.55
CA PHE K 88 34.88 -1.60 16.83
C PHE K 88 33.90 -1.35 15.69
N VAL K 89 33.40 -2.43 15.10
CA VAL K 89 32.43 -2.31 14.03
C VAL K 89 31.16 -3.09 14.37
N GLU K 90 30.03 -2.61 13.86
CA GLU K 90 28.77 -3.33 13.95
C GLU K 90 28.19 -3.45 12.55
N ASP K 91 27.97 -4.69 12.10
CA ASP K 91 27.43 -4.89 10.75
C ASP K 91 25.92 -4.66 10.70
N LEU K 92 25.39 -4.56 9.50
CA LEU K 92 23.96 -4.28 9.30
C LEU K 92 23.05 -5.28 10.01
N GLU K 93 23.43 -6.56 10.02
CA GLU K 93 22.65 -7.58 10.71
C GLU K 93 22.64 -7.27 12.21
N GLY K 94 23.83 -7.05 12.77
CA GLY K 94 23.92 -6.64 14.16
C GLY K 94 25.07 -7.18 14.98
N GLU K 95 25.81 -8.14 14.44
CA GLU K 95 26.95 -8.68 15.21
C GLU K 95 28.14 -7.72 15.24
N GLN K 96 28.82 -7.70 16.39
CA GLN K 96 29.89 -6.76 16.65
C GLN K 96 31.25 -7.44 16.75
N HIS K 97 32.20 -6.97 15.94
CA HIS K 97 33.53 -7.53 15.94
C HIS K 97 34.53 -6.45 16.29
N GLU K 98 35.64 -6.85 16.89
CA GLU K 98 36.73 -5.94 17.20
C GLU K 98 38.04 -6.60 16.81
N LYS K 99 39.05 -5.79 16.54
CA LYS K 99 40.37 -6.31 16.25
C LYS K 99 41.41 -5.26 16.57
N LEU K 100 42.44 -5.66 17.31
CA LEU K 100 43.60 -4.82 17.50
C LEU K 100 44.35 -4.73 16.16
N LEU K 101 44.41 -3.55 15.59
CA LEU K 101 45.06 -3.36 14.30
C LEU K 101 46.46 -2.78 14.52
N THR K 102 47.48 -3.53 14.08
CA THR K 102 48.87 -3.13 14.22
C THR K 102 49.35 -2.55 12.88
N PRO K 103 50.46 -1.77 12.89
CA PRO K 103 50.83 -1.07 11.65
C PRO K 103 50.85 -2.00 10.45
N GLY K 104 50.23 -1.57 9.36
CA GLY K 104 50.10 -2.40 8.18
C GLY K 104 48.76 -3.11 8.10
N ASP K 105 48.10 -3.32 9.24
CA ASP K 105 46.76 -3.87 9.27
C ASP K 105 45.74 -2.86 8.73
N PHE K 106 44.55 -3.35 8.38
CA PHE K 106 43.55 -2.55 7.69
C PHE K 106 42.12 -2.82 8.19
N GLY K 107 41.34 -1.76 8.36
CA GLY K 107 39.94 -1.87 8.75
C GLY K 107 39.01 -1.09 7.82
N PHE K 108 37.92 -1.73 7.39
CA PHE K 108 36.94 -1.05 6.53
C PHE K 108 35.54 -0.97 7.16
N VAL K 109 35.01 0.25 7.29
CA VAL K 109 33.65 0.44 7.80
C VAL K 109 32.71 1.03 6.74
N PRO K 110 31.78 0.21 6.23
CA PRO K 110 30.78 0.56 5.22
C PRO K 110 29.70 1.48 5.77
N LYS K 111 28.99 2.18 4.89
CA LYS K 111 27.96 3.14 5.31
C LYS K 111 26.89 2.49 6.17
N ASN K 112 26.33 3.27 7.10
CA ASN K 112 25.28 2.81 8.03
C ASN K 112 25.77 1.81 9.06
N CYS K 113 27.08 1.55 9.06
CA CYS K 113 27.68 0.70 10.08
C CYS K 113 28.19 1.53 11.25
N VAL K 114 27.75 1.18 12.45
CA VAL K 114 28.18 1.87 13.67
C VAL K 114 29.62 1.48 13.97
N HIS K 115 30.44 2.45 14.34
CA HIS K 115 31.83 2.15 14.69
C HIS K 115 32.42 3.02 15.77
N ALA K 116 33.64 2.66 16.17
CA ALA K 116 34.45 3.43 17.11
C ALA K 116 35.86 2.84 17.10
N TYR K 117 36.83 3.61 17.57
CA TYR K 117 38.20 3.13 17.65
C TYR K 117 38.82 3.49 18.98
N ARG K 118 39.75 2.67 19.45
CA ARG K 118 40.50 3.00 20.66
C ARG K 118 41.99 2.87 20.39
N MET K 119 42.75 3.90 20.77
CA MET K 119 44.20 3.87 20.61
C MET K 119 44.85 3.24 21.82
N GLU K 120 45.64 2.18 21.60
CA GLU K 120 46.16 1.38 22.70
C GLU K 120 47.67 1.48 22.89
N ARG K 121 48.30 2.35 22.10
CA ARG K 121 49.69 2.74 22.33
C ARG K 121 49.81 4.24 22.24
N HIS K 122 50.77 4.81 22.96
CA HIS K 122 50.98 6.27 22.89
C HIS K 122 51.39 6.72 21.50
N HIS K 123 50.78 7.80 21.02
CA HIS K 123 51.00 8.31 19.67
C HIS K 123 50.79 7.25 18.57
N SER K 124 49.66 6.54 18.63
CA SER K 124 49.28 5.69 17.53
C SER K 124 48.85 6.58 16.36
N GLN K 125 48.86 6.04 15.15
CA GLN K 125 48.50 6.83 13.97
C GLN K 125 47.73 5.98 12.97
N VAL K 126 46.69 6.57 12.39
CA VAL K 126 45.84 5.87 11.45
C VAL K 126 45.77 6.63 10.13
N VAL K 127 45.90 5.92 9.02
CA VAL K 127 45.62 6.52 7.73
C VAL K 127 44.14 6.37 7.43
N GLY K 128 43.52 7.43 6.90
CA GLY K 128 42.09 7.44 6.71
C GLY K 128 41.63 7.91 5.36
N VAL K 129 40.62 7.23 4.83
CA VAL K 129 39.83 7.77 3.74
C VAL K 129 38.37 7.79 4.17
N ALA K 130 37.67 8.89 3.91
CA ALA K 130 36.25 8.94 4.20
C ALA K 130 35.48 9.61 3.08
N ALA K 131 34.83 8.81 2.24
CA ALA K 131 34.08 9.33 1.09
C ALA K 131 32.89 8.44 0.73
N GLY K 132 32.17 8.84 -0.32
CA GLY K 132 30.99 8.10 -0.77
C GLY K 132 30.26 8.83 -1.89
N PRO K 133 29.01 8.43 -2.14
CA PRO K 133 28.17 9.01 -3.20
C PRO K 133 28.02 10.52 -3.09
N GLY K 134 27.90 11.04 -1.87
CA GLY K 134 27.63 12.46 -1.69
C GLY K 134 28.77 13.31 -1.15
N GLY K 135 30.00 13.02 -1.58
CA GLY K 135 31.13 13.87 -1.27
C GLY K 135 32.06 13.35 -0.19
N THR K 136 33.00 14.20 0.22
CA THR K 136 34.07 13.84 1.15
C THR K 136 33.86 14.59 2.46
N PHE K 137 34.23 13.99 3.59
CA PHE K 137 33.90 14.66 4.87
C PHE K 137 35.10 15.03 5.77
N GLU K 138 36.23 15.31 5.14
CA GLU K 138 37.46 15.64 5.88
C GLU K 138 37.32 16.85 6.81
N ARG K 139 36.58 17.87 6.37
CA ARG K 139 36.48 19.11 7.13
C ARG K 139 35.57 18.98 8.35
N PHE K 140 35.00 17.79 8.55
CA PHE K 140 34.21 17.52 9.76
C PHE K 140 35.01 17.73 11.04
N PHE K 141 36.28 17.28 11.02
CA PHE K 141 37.10 17.28 12.22
C PHE K 141 37.36 18.68 12.77
N GLU K 142 37.73 19.61 11.89
CA GLU K 142 38.00 20.98 12.30
C GLU K 142 36.71 21.74 12.62
N SER K 143 35.58 21.22 12.16
CA SER K 143 34.27 21.82 12.44
C SER K 143 33.77 21.48 13.84
N LEU K 144 33.62 20.18 14.10
CA LEU K 144 33.26 19.71 15.44
C LEU K 144 34.33 20.13 16.43
N GLY K 145 35.59 19.86 16.08
CA GLY K 145 36.72 20.28 16.89
C GLY K 145 37.20 21.67 16.50
N THR K 146 38.51 21.83 16.37
CA THR K 146 39.09 23.10 15.96
C THR K 146 40.25 22.88 14.98
N PRO K 147 40.40 23.79 14.01
CA PRO K 147 41.62 23.73 13.21
C PRO K 147 42.80 24.14 14.09
N ALA K 148 44.02 23.77 13.73
CA ALA K 148 45.17 24.12 14.55
C ALA K 148 46.38 24.50 13.72
N GLU K 149 47.11 25.49 14.19
CA GLU K 149 48.35 25.87 13.53
C GLU K 149 49.52 25.14 14.17
N GLU K 150 49.31 24.69 15.40
CA GLU K 150 50.37 23.96 16.13
C GLU K 150 50.73 22.68 15.41
N LEU K 151 51.97 22.25 15.61
CA LEU K 151 52.40 20.93 15.16
C LEU K 151 52.30 19.99 16.37
N GLY K 152 52.14 18.70 16.13
CA GLY K 152 52.19 17.70 17.20
C GLY K 152 50.85 17.41 17.86
N LEU K 153 50.86 16.55 18.87
CA LEU K 153 49.62 16.23 19.57
C LEU K 153 49.16 17.45 20.37
N PRO K 154 47.84 17.60 20.53
CA PRO K 154 47.35 18.61 21.47
C PRO K 154 47.83 18.31 22.88
N VAL K 155 48.33 19.33 23.59
CA VAL K 155 48.81 19.15 24.95
C VAL K 155 47.66 18.78 25.87
N ARG K 156 46.49 19.36 25.57
CA ARG K 156 45.26 19.09 26.30
C ARG K 156 44.12 18.88 25.30
N PRO K 157 43.18 17.98 25.63
CA PRO K 157 42.10 17.66 24.69
C PRO K 157 41.25 18.87 24.31
N PHE K 158 40.88 18.96 23.04
CA PHE K 158 39.92 19.98 22.65
C PHE K 158 38.55 19.36 22.72
N VAL K 159 37.81 19.70 23.78
CA VAL K 159 36.45 19.20 23.96
C VAL K 159 35.45 20.21 23.42
N PRO K 160 34.69 19.82 22.38
CA PRO K 160 33.70 20.71 21.79
C PRO K 160 32.59 21.02 22.78
N GLU K 161 32.09 22.26 22.78
CA GLU K 161 30.89 22.56 23.53
C GLU K 161 29.73 21.76 22.93
N PRO K 162 28.81 21.28 23.77
CA PRO K 162 27.77 20.32 23.38
C PRO K 162 26.96 20.74 22.14
N GLU K 163 26.79 22.04 21.93
CA GLU K 163 25.98 22.54 20.82
C GLU K 163 26.58 22.17 19.45
N LYS K 164 27.90 22.02 19.41
CA LYS K 164 28.60 21.61 18.19
C LYS K 164 28.10 20.24 17.71
N PHE K 165 27.73 19.40 18.67
CA PHE K 165 27.29 18.04 18.38
C PHE K 165 25.91 17.98 17.73
N ARG K 166 25.37 19.14 17.36
CA ARG K 166 24.07 19.21 16.71
C ARG K 166 24.14 20.00 15.41
N THR K 167 24.80 21.16 15.49
CA THR K 167 24.96 22.05 14.35
C THR K 167 25.81 21.40 13.24
N VAL K 168 26.67 20.48 13.65
CA VAL K 168 27.61 19.82 12.72
C VAL K 168 27.11 18.50 12.10
N PRO K 169 26.58 17.56 12.92
CA PRO K 169 26.05 16.32 12.35
C PRO K 169 25.12 16.53 11.18
N GLU K 170 24.36 17.61 11.17
CA GLU K 170 23.59 17.97 9.99
C GLU K 170 24.40 18.90 9.08
N GLN K 171 25.62 18.48 8.78
CA GLN K 171 26.46 19.16 7.81
C GLN K 171 27.56 18.23 7.30
N TYR K 172 27.79 17.12 8.00
CA TYR K 172 28.95 16.29 7.69
C TYR K 172 28.72 14.77 7.61
N ASP K 173 27.50 14.35 7.32
CA ASP K 173 27.18 12.92 7.23
C ASP K 173 27.76 12.13 8.40
N VAL K 174 27.35 12.47 9.62
CA VAL K 174 27.79 11.74 10.80
C VAL K 174 26.67 11.70 11.82
N ARG K 175 26.45 10.53 12.40
CA ARG K 175 25.32 10.32 13.30
C ARG K 175 25.79 9.66 14.59
N PHE K 176 25.91 10.44 15.65
CA PHE K 176 26.37 9.91 16.93
C PHE K 176 25.35 8.96 17.56
N ARG K 177 25.85 7.97 18.29
CA ARG K 177 25.01 7.10 19.09
C ARG K 177 25.50 7.13 20.54
N PRO K 178 25.23 8.24 21.25
CA PRO K 178 25.75 8.52 22.60
C PRO K 178 25.56 7.34 23.53
N ASP K 179 24.43 6.67 23.43
CA ASP K 179 24.24 5.37 24.07
C ASP K 179 24.58 4.30 23.04
N HIS K 180 25.70 3.64 23.24
CA HIS K 180 26.03 2.44 22.48
C HIS K 180 26.79 1.52 23.43
N GLN K 181 26.95 0.26 23.06
CA GLN K 181 27.27 -0.75 24.06
C GLN K 181 28.64 -1.44 23.94
N TRP K 182 28.93 -2.01 22.78
CA TRP K 182 30.08 -2.89 22.57
C TRP K 182 30.04 -4.14 23.46
N HIS K 183 29.93 -5.30 22.82
CA HIS K 183 29.59 -6.55 23.51
C HIS K 183 30.76 -7.52 23.66
N THR K 184 31.99 -7.03 23.73
CA THR K 184 33.14 -7.93 23.66
C THR K 184 34.28 -7.65 24.65
N GLY K 185 34.18 -6.57 25.41
CA GLY K 185 35.22 -6.22 26.37
C GLY K 185 35.92 -4.91 26.07
N ILE L 3 38.97 -14.64 7.96
CA ILE L 3 38.29 -15.66 7.18
C ILE L 3 38.37 -15.35 5.67
N GLU L 4 38.67 -16.36 4.87
CA GLU L 4 38.83 -16.15 3.42
C GLU L 4 37.54 -16.34 2.64
N TYR L 5 37.32 -15.47 1.66
CA TYR L 5 36.11 -15.48 0.86
C TYR L 5 36.49 -15.84 -0.56
N ALA L 6 35.50 -16.15 -1.37
CA ALA L 6 35.69 -16.28 -2.81
C ALA L 6 35.04 -15.05 -3.38
N THR L 7 35.66 -14.45 -4.38
CA THR L 7 35.10 -13.25 -5.00
C THR L 7 35.28 -13.36 -6.50
N ARG L 8 34.76 -12.37 -7.22
CA ARG L 8 34.90 -12.30 -8.66
C ARG L 8 36.32 -11.95 -9.09
N HIS L 9 37.19 -11.65 -8.12
CA HIS L 9 38.56 -11.30 -8.42
C HIS L 9 39.57 -12.38 -7.99
N ARG L 10 39.30 -13.03 -6.86
CA ARG L 10 40.18 -14.08 -6.34
C ARG L 10 39.39 -15.27 -5.81
N ALA L 11 39.91 -16.48 -6.05
CA ALA L 11 39.32 -17.67 -5.44
C ALA L 11 39.43 -17.57 -3.92
N ARG L 12 40.52 -16.96 -3.46
CA ARG L 12 40.76 -16.77 -2.03
C ARG L 12 41.11 -15.30 -1.74
N SER L 13 40.31 -14.66 -0.88
CA SER L 13 40.44 -13.23 -0.64
C SER L 13 39.86 -12.84 0.71
N PHE L 14 40.38 -11.77 1.31
CA PHE L 14 39.87 -11.31 2.59
C PHE L 14 38.91 -10.14 2.42
N ILE L 15 38.75 -9.70 1.18
CA ILE L 15 37.71 -8.73 0.84
C ILE L 15 36.41 -9.51 0.58
N PRO L 16 35.37 -9.22 1.37
CA PRO L 16 34.09 -9.91 1.15
C PRO L 16 33.54 -9.62 -0.24
N PRO L 17 32.77 -10.56 -0.80
CA PRO L 17 32.13 -10.35 -2.09
C PRO L 17 30.98 -9.34 -2.03
N GLU L 18 30.33 -9.21 -0.88
CA GLU L 18 29.14 -8.36 -0.76
C GLU L 18 29.36 -7.02 -0.04
N PRO L 19 28.90 -5.91 -0.65
CA PRO L 19 29.03 -4.57 -0.08
C PRO L 19 28.20 -4.42 1.18
N GLY L 20 28.52 -3.44 2.01
CA GLY L 20 27.83 -3.26 3.28
C GLY L 20 28.41 -4.10 4.40
N LYS L 21 29.37 -4.96 4.05
CA LYS L 21 30.00 -5.83 5.04
C LYS L 21 31.31 -5.24 5.54
N PRO L 22 31.42 -5.03 6.86
CA PRO L 22 32.69 -4.54 7.40
C PRO L 22 33.68 -5.69 7.45
N TYR L 23 34.98 -5.39 7.36
CA TYR L 23 35.99 -6.43 7.38
C TYR L 23 37.35 -5.89 7.82
N PHE L 24 38.15 -6.77 8.41
CA PHE L 24 39.53 -6.47 8.73
C PHE L 24 40.43 -7.30 7.84
N ILE L 25 41.60 -6.76 7.52
CA ILE L 25 42.62 -7.54 6.80
C ILE L 25 43.96 -7.30 7.46
N GLU L 26 44.68 -8.38 7.70
CA GLU L 26 45.98 -8.28 8.34
C GLU L 26 47.04 -7.86 7.35
N LYS L 27 48.04 -7.14 7.84
CA LYS L 27 49.18 -6.67 7.06
C LYS L 27 49.59 -7.67 5.97
N GLY L 28 49.55 -7.22 4.72
CA GLY L 28 49.99 -8.02 3.59
C GLY L 28 48.94 -8.92 2.95
N LEU L 29 47.75 -9.02 3.54
CA LEU L 29 46.80 -10.04 3.07
C LEU L 29 45.69 -9.55 2.12
N GLY L 30 45.77 -8.30 1.66
CA GLY L 30 44.86 -7.85 0.61
C GLY L 30 45.08 -8.59 -0.71
N ASP L 31 44.26 -8.31 -1.74
CA ASP L 31 44.45 -9.00 -3.01
C ASP L 31 45.77 -8.54 -3.56
N ARG L 32 46.57 -9.49 -4.04
CA ARG L 32 47.94 -9.17 -4.45
C ARG L 32 48.17 -9.23 -5.95
N ALA L 33 49.06 -8.35 -6.42
CA ALA L 33 49.45 -8.32 -7.82
C ALA L 33 50.92 -8.00 -7.99
N HIS L 34 51.51 -8.49 -9.07
CA HIS L 34 52.90 -8.22 -9.41
C HIS L 34 53.00 -7.47 -10.74
N LEU L 35 53.76 -6.39 -10.76
CA LEU L 35 54.01 -5.66 -11.98
C LEU L 35 55.44 -5.16 -11.92
N PHE L 36 56.25 -5.62 -12.86
CA PHE L 36 57.71 -5.48 -12.78
C PHE L 36 58.14 -6.07 -11.46
N GLY L 37 59.04 -5.39 -10.76
CA GLY L 37 59.48 -5.88 -9.46
C GLY L 37 58.58 -5.50 -8.31
N ASP L 38 57.47 -4.83 -8.61
CA ASP L 38 56.62 -4.31 -7.54
C ASP L 38 55.47 -5.22 -7.15
N LEU L 39 55.20 -5.25 -5.85
CA LEU L 39 54.04 -5.89 -5.25
C LEU L 39 52.96 -4.85 -4.93
N ILE L 40 51.79 -5.03 -5.56
CA ILE L 40 50.63 -4.22 -5.25
C ILE L 40 49.66 -5.05 -4.43
N THR L 41 49.15 -4.45 -3.36
CA THR L 41 48.23 -5.12 -2.46
C THR L 41 46.97 -4.28 -2.28
N ILE L 42 45.83 -4.84 -2.68
CA ILE L 42 44.54 -4.14 -2.62
C ILE L 42 43.77 -4.47 -1.35
N TYR L 43 43.40 -3.46 -0.56
CA TYR L 43 42.63 -3.70 0.67
C TYR L 43 41.15 -3.31 0.50
N ALA L 44 40.89 -2.52 -0.55
CA ALA L 44 39.54 -2.04 -0.84
C ALA L 44 39.48 -1.64 -2.31
N GLY L 45 38.42 -2.07 -2.98
CA GLY L 45 38.20 -1.73 -4.37
C GLY L 45 36.87 -1.03 -4.56
N GLY L 46 36.55 -0.69 -5.80
CA GLY L 46 35.33 0.04 -6.12
C GLY L 46 34.05 -0.61 -5.61
N GLU L 47 34.04 -1.95 -5.60
CA GLU L 47 32.88 -2.72 -5.14
C GLU L 47 32.56 -2.50 -3.66
N GLN L 48 33.48 -1.85 -2.95
CA GLN L 48 33.31 -1.67 -1.52
C GLN L 48 32.75 -0.29 -1.20
N THR L 49 32.94 0.64 -2.13
CA THR L 49 32.69 2.05 -1.86
C THR L 49 31.74 2.68 -2.89
N GLU L 50 30.96 1.82 -3.55
CA GLU L 50 30.08 2.25 -4.63
C GLU L 50 30.85 2.97 -5.73
N ASN L 51 32.01 2.43 -6.07
CA ASN L 51 32.85 2.96 -7.15
C ASN L 51 33.36 4.38 -6.89
N THR L 52 33.41 4.80 -5.62
CA THR L 52 33.92 6.13 -5.29
C THR L 52 35.43 6.17 -4.99
N PHE L 53 35.95 5.20 -4.23
CA PHE L 53 37.38 5.13 -3.98
C PHE L 53 37.91 3.72 -3.67
N ASN L 54 39.23 3.59 -3.62
CA ASN L 54 39.90 2.34 -3.29
C ASN L 54 41.05 2.58 -2.30
N PHE L 55 41.75 1.51 -1.93
CA PHE L 55 42.87 1.62 -1.01
C PHE L 55 43.86 0.49 -1.23
N PHE L 56 45.09 0.84 -1.61
CA PHE L 56 46.10 -0.16 -1.90
C PHE L 56 47.51 0.30 -1.53
N THR L 57 48.42 -0.66 -1.40
CA THR L 57 49.82 -0.35 -1.17
C THR L 57 50.63 -0.82 -2.34
N CYS L 58 51.78 -0.18 -2.52
CA CYS L 58 52.70 -0.60 -3.57
CA CYS L 58 52.71 -0.59 -3.57
C CYS L 58 54.12 -0.65 -3.01
N GLU L 59 54.71 -1.84 -3.02
CA GLU L 59 56.06 -2.03 -2.49
C GLU L 59 56.97 -2.75 -3.47
N GLY L 60 58.27 -2.45 -3.42
CA GLY L 60 59.21 -3.03 -4.37
C GLY L 60 60.66 -2.76 -4.04
N PRO L 61 61.57 -3.38 -4.80
CA PRO L 61 63.02 -3.21 -4.60
C PRO L 61 63.48 -1.84 -5.06
N LYS L 62 64.68 -1.41 -4.64
CA LYS L 62 65.27 -0.21 -5.21
C LYS L 62 65.39 -0.47 -6.71
N GLY L 63 64.73 0.34 -7.52
CA GLY L 63 64.68 0.04 -8.94
C GLY L 63 64.81 1.27 -9.82
N GLU L 64 64.44 1.12 -11.08
CA GLU L 64 64.43 2.21 -12.03
C GLU L 64 63.14 3.01 -11.92
N VAL L 65 63.11 4.16 -12.57
CA VAL L 65 61.90 4.95 -12.72
C VAL L 65 60.89 4.11 -13.50
N ILE L 66 59.67 3.98 -12.98
CA ILE L 66 58.62 3.27 -13.73
C ILE L 66 58.28 4.06 -15.00
N PRO L 67 57.70 3.39 -16.02
CA PRO L 67 57.38 4.14 -17.25
C PRO L 67 56.47 5.34 -17.02
N ALA L 68 56.89 6.51 -17.49
CA ALA L 68 56.11 7.74 -17.36
C ALA L 68 54.74 7.57 -18.01
N HIS L 69 53.70 8.08 -17.36
CA HIS L 69 52.33 7.87 -17.84
C HIS L 69 51.37 8.92 -17.28
N SER L 70 50.14 8.95 -17.81
CA SER L 70 49.14 9.89 -17.31
C SER L 70 47.77 9.23 -17.18
N HIS L 71 46.91 9.86 -16.39
CA HIS L 71 45.53 9.40 -16.24
C HIS L 71 44.54 10.51 -16.62
N ALA L 72 43.60 10.18 -17.52
CA ALA L 72 42.67 11.18 -18.03
C ALA L 72 41.64 11.56 -16.99
N ASP L 73 41.18 10.58 -16.23
CA ASP L 73 40.11 10.85 -15.26
C ASP L 73 40.38 10.36 -13.85
N THR L 74 41.65 10.13 -13.51
CA THR L 74 41.97 9.53 -12.23
C THR L 74 42.98 10.36 -11.41
N TYR L 75 42.66 10.59 -10.14
CA TYR L 75 43.58 11.26 -9.21
C TYR L 75 44.33 10.26 -8.35
N GLU L 76 45.64 10.48 -8.21
CA GLU L 76 46.52 9.57 -7.46
C GLU L 76 47.14 10.16 -6.17
N VAL L 77 47.01 9.40 -5.10
CA VAL L 77 47.75 9.68 -3.88
C VAL L 77 49.02 8.84 -3.79
N PHE L 78 50.13 9.47 -3.39
CA PHE L 78 51.32 8.77 -2.95
C PHE L 78 51.57 9.12 -1.50
N TYR L 79 51.44 8.15 -0.61
CA TYR L 79 51.75 8.36 0.79
C TYR L 79 52.77 7.31 1.24
N ILE L 80 53.99 7.74 1.51
CA ILE L 80 55.10 6.83 1.70
C ILE L 80 55.11 6.28 3.13
N THR L 81 55.18 4.95 3.25
CA THR L 81 55.18 4.30 4.57
C THR L 81 56.51 3.64 4.94
N GLN L 82 57.34 3.31 3.95
CA GLN L 82 58.64 2.70 4.21
C GLN L 82 59.64 3.16 3.16
N GLY L 83 60.93 3.16 3.50
CA GLY L 83 61.94 3.40 2.48
C GLY L 83 61.90 4.85 2.05
N ALA L 84 62.13 5.13 0.75
CA ALA L 84 61.98 6.48 0.26
C ALA L 84 61.64 6.41 -1.20
N VAL L 85 60.69 7.23 -1.63
CA VAL L 85 60.22 7.16 -3.01
C VAL L 85 60.23 8.53 -3.71
N ARG L 86 60.99 8.62 -4.80
CA ARG L 86 61.10 9.86 -5.59
C ARG L 86 59.97 9.99 -6.62
N LEU L 87 59.14 11.01 -6.43
CA LEU L 87 57.98 11.25 -7.27
C LEU L 87 58.26 12.33 -8.31
N PHE L 88 58.04 11.97 -9.58
CA PHE L 88 58.16 12.88 -10.72
C PHE L 88 56.79 13.21 -11.28
N VAL L 89 56.45 14.49 -11.34
CA VAL L 89 55.20 14.94 -11.94
C VAL L 89 55.45 16.10 -12.90
N GLU L 90 54.63 16.20 -13.94
CA GLU L 90 54.64 17.35 -14.82
C GLU L 90 53.28 18.04 -14.66
N ASP L 91 53.27 19.35 -14.42
CA ASP L 91 51.99 20.03 -14.30
C ASP L 91 51.34 20.26 -15.66
N LEU L 92 50.13 20.82 -15.68
CA LEU L 92 49.39 21.05 -16.92
C LEU L 92 50.05 22.09 -17.81
N GLU L 93 51.01 22.82 -17.25
CA GLU L 93 51.68 23.89 -17.99
C GLU L 93 53.10 23.49 -18.42
N GLY L 94 53.44 22.22 -18.20
CA GLY L 94 54.72 21.68 -18.65
C GLY L 94 55.89 21.83 -17.68
N GLU L 95 55.63 22.32 -16.48
CA GLU L 95 56.69 22.42 -15.49
C GLU L 95 56.80 21.12 -14.67
N GLN L 96 57.92 20.42 -14.84
CA GLN L 96 58.15 19.17 -14.15
C GLN L 96 58.58 19.41 -12.71
N HIS L 97 58.31 18.44 -11.85
CA HIS L 97 58.62 18.54 -10.44
C HIS L 97 59.06 17.20 -9.84
N GLU L 98 60.05 17.28 -8.95
CA GLU L 98 60.69 16.11 -8.40
C GLU L 98 60.85 16.29 -6.91
N LYS L 99 60.54 15.24 -6.15
CA LYS L 99 60.75 15.26 -4.72
C LYS L 99 60.94 13.85 -4.17
N LEU L 100 61.96 13.69 -3.34
CA LEU L 100 62.14 12.45 -2.61
C LEU L 100 61.18 12.43 -1.42
N LEU L 101 60.30 11.44 -1.42
CA LEU L 101 59.30 11.34 -0.36
C LEU L 101 59.69 10.23 0.62
N THR L 102 59.81 10.61 1.89
CA THR L 102 60.23 9.72 2.95
C THR L 102 58.98 9.42 3.74
N PRO L 103 59.01 8.41 4.62
CA PRO L 103 57.77 7.96 5.27
C PRO L 103 57.04 9.07 6.01
N GLY L 104 55.73 9.19 5.72
CA GLY L 104 54.93 10.27 6.27
C GLY L 104 54.74 11.40 5.28
N ASP L 105 55.62 11.50 4.29
CA ASP L 105 55.45 12.50 3.23
C ASP L 105 54.36 12.05 2.24
N PHE L 106 53.83 13.05 1.54
CA PHE L 106 52.64 12.89 0.71
C PHE L 106 52.86 13.54 -0.65
N GLY L 107 52.48 12.84 -1.71
CA GLY L 107 52.51 13.38 -3.05
C GLY L 107 51.14 13.22 -3.69
N PHE L 108 50.76 14.16 -4.54
CA PHE L 108 49.46 14.12 -5.19
C PHE L 108 49.58 14.33 -6.69
N VAL L 109 49.05 13.38 -7.46
CA VAL L 109 49.05 13.52 -8.91
C VAL L 109 47.63 13.66 -9.43
N PRO L 110 47.26 14.88 -9.83
CA PRO L 110 45.96 15.17 -10.43
C PRO L 110 45.92 14.60 -11.84
N LYS L 111 44.71 14.45 -12.38
CA LYS L 111 44.55 13.85 -13.70
C LYS L 111 45.27 14.65 -14.79
N ASN L 112 45.53 14.00 -15.92
CA ASN L 112 46.22 14.59 -17.05
C ASN L 112 47.66 15.01 -16.75
N CYS L 113 48.11 14.77 -15.53
CA CYS L 113 49.49 15.09 -15.17
C CYS L 113 50.39 13.88 -15.35
N VAL L 114 51.40 14.03 -16.21
CA VAL L 114 52.33 12.95 -16.48
C VAL L 114 53.16 12.69 -15.23
N HIS L 115 53.24 11.42 -14.83
CA HIS L 115 54.00 11.12 -13.62
C HIS L 115 54.74 9.79 -13.69
N ALA L 116 55.70 9.64 -12.80
CA ALA L 116 56.46 8.41 -12.64
C ALA L 116 57.14 8.44 -11.28
N TYR L 117 57.35 7.25 -10.71
CA TYR L 117 58.04 7.16 -9.43
C TYR L 117 59.27 6.25 -9.50
N ARG L 118 60.23 6.53 -8.65
CA ARG L 118 61.39 5.67 -8.48
C ARG L 118 61.54 5.31 -7.01
N MET L 119 61.71 4.02 -6.75
CA MET L 119 61.94 3.59 -5.38
C MET L 119 63.43 3.57 -5.09
N GLU L 120 63.83 4.21 -3.99
CA GLU L 120 65.25 4.47 -3.76
C GLU L 120 65.82 3.84 -2.48
N ARG L 121 65.02 2.99 -1.85
CA ARG L 121 65.50 2.06 -0.83
C ARG L 121 64.91 0.70 -1.13
N HIS L 122 65.62 -0.37 -0.76
CA HIS L 122 65.05 -1.70 -0.95
C HIS L 122 63.79 -1.83 -0.13
N HIS L 123 62.77 -2.43 -0.72
CA HIS L 123 61.49 -2.62 -0.04
C HIS L 123 60.89 -1.29 0.46
N SER L 124 60.87 -0.29 -0.39
CA SER L 124 60.09 0.91 -0.12
C SER L 124 58.59 0.57 -0.23
N GLN L 125 57.74 1.38 0.42
CA GLN L 125 56.29 1.12 0.42
C GLN L 125 55.50 2.43 0.30
N VAL L 126 54.53 2.43 -0.62
CA VAL L 126 53.70 3.58 -0.89
C VAL L 126 52.25 3.19 -0.61
N VAL L 127 51.51 4.01 0.14
CA VAL L 127 50.06 3.80 0.22
C VAL L 127 49.40 4.62 -0.90
N GLY L 128 48.53 3.97 -1.67
CA GLY L 128 47.88 4.64 -2.78
C GLY L 128 46.37 4.72 -2.68
N VAL L 129 45.82 5.74 -3.32
CA VAL L 129 44.42 5.78 -3.68
C VAL L 129 44.37 6.27 -5.12
N ALA L 130 43.63 5.56 -5.97
CA ALA L 130 43.49 5.99 -7.37
C ALA L 130 42.03 5.94 -7.81
N ALA L 131 41.42 7.12 -7.93
CA ALA L 131 40.01 7.22 -8.26
C ALA L 131 39.64 8.59 -8.82
N GLY L 132 38.44 8.68 -9.35
CA GLY L 132 37.93 9.91 -9.94
C GLY L 132 36.47 9.77 -10.31
N PRO L 133 35.95 10.71 -11.11
CA PRO L 133 34.54 10.70 -11.53
C PRO L 133 34.20 9.39 -12.24
N GLY L 134 35.13 8.87 -13.03
CA GLY L 134 34.90 7.65 -13.79
C GLY L 134 34.85 6.39 -12.95
N GLY L 135 35.52 6.41 -11.80
CA GLY L 135 35.52 5.26 -10.91
C GLY L 135 36.88 4.93 -10.33
N THR L 136 37.10 3.66 -9.99
CA THR L 136 38.33 3.26 -9.32
C THR L 136 39.29 2.48 -10.23
N PHE L 137 40.57 2.46 -9.86
CA PHE L 137 41.64 2.08 -10.77
C PHE L 137 42.35 0.75 -10.44
N GLU L 138 42.06 0.19 -9.26
CA GLU L 138 42.92 -0.82 -8.63
C GLU L 138 43.17 -2.11 -9.43
N ARG L 139 42.18 -2.58 -10.18
CA ARG L 139 42.39 -3.85 -10.89
C ARG L 139 43.28 -3.68 -12.11
N PHE L 140 43.85 -2.47 -12.31
CA PHE L 140 44.78 -2.23 -13.42
C PHE L 140 46.03 -3.08 -13.29
N PHE L 141 46.59 -3.12 -12.10
CA PHE L 141 47.89 -3.73 -11.88
C PHE L 141 47.86 -5.22 -12.18
N GLU L 142 46.84 -5.92 -11.69
CA GLU L 142 46.74 -7.36 -11.98
C GLU L 142 46.40 -7.63 -13.45
N SER L 143 45.86 -6.62 -14.13
CA SER L 143 45.51 -6.71 -15.54
C SER L 143 46.75 -6.50 -16.43
N LEU L 144 47.45 -5.39 -16.22
CA LEU L 144 48.70 -5.17 -16.94
C LEU L 144 49.75 -6.17 -16.50
N GLY L 145 49.81 -6.42 -15.19
CA GLY L 145 50.70 -7.43 -14.67
C GLY L 145 49.99 -8.76 -14.48
N THR L 146 49.94 -9.24 -13.24
CA THR L 146 49.30 -10.51 -12.92
C THR L 146 48.84 -10.56 -11.46
N PRO L 147 47.68 -11.19 -11.21
CA PRO L 147 47.31 -11.49 -9.82
C PRO L 147 48.34 -12.45 -9.26
N ALA L 148 48.48 -12.50 -7.94
CA ALA L 148 49.53 -13.31 -7.35
C ALA L 148 49.04 -13.87 -6.05
N GLU L 149 49.42 -15.11 -5.78
CA GLU L 149 48.95 -15.79 -4.59
C GLU L 149 50.02 -15.77 -3.50
N GLU L 150 51.28 -15.73 -3.92
CA GLU L 150 52.40 -15.66 -2.97
C GLU L 150 52.36 -14.38 -2.13
N LEU L 151 53.03 -14.42 -0.98
CA LEU L 151 53.28 -13.22 -0.19
C LEU L 151 54.67 -12.70 -0.51
N GLY L 152 54.93 -11.43 -0.22
CA GLY L 152 56.27 -10.88 -0.34
C GLY L 152 56.59 -10.39 -1.74
N LEU L 153 57.76 -9.80 -1.91
CA LEU L 153 58.14 -9.20 -3.19
C LEU L 153 58.28 -10.29 -4.26
N PRO L 154 57.99 -9.93 -5.52
CA PRO L 154 58.23 -10.84 -6.64
C PRO L 154 59.68 -11.27 -6.62
N VAL L 155 59.95 -12.56 -6.67
CA VAL L 155 61.33 -13.04 -6.58
C VAL L 155 62.10 -12.57 -7.80
N ARG L 156 61.38 -12.47 -8.92
CA ARG L 156 61.92 -11.93 -10.15
C ARG L 156 60.79 -11.11 -10.77
N PRO L 157 61.13 -10.08 -11.56
CA PRO L 157 60.08 -9.15 -11.99
C PRO L 157 59.09 -9.81 -12.94
N PHE L 158 57.83 -9.39 -12.90
CA PHE L 158 56.87 -9.79 -13.92
C PHE L 158 56.88 -8.78 -15.06
N VAL L 159 57.31 -9.22 -16.23
CA VAL L 159 57.42 -8.34 -17.39
C VAL L 159 56.28 -8.56 -18.37
N PRO L 160 55.29 -7.67 -18.37
CA PRO L 160 54.10 -7.86 -19.23
C PRO L 160 54.44 -7.91 -20.71
N GLU L 161 53.63 -8.67 -21.46
CA GLU L 161 53.69 -8.68 -22.92
C GLU L 161 53.39 -7.29 -23.46
N PRO L 162 54.01 -6.93 -24.60
CA PRO L 162 53.70 -5.65 -25.24
C PRO L 162 52.25 -5.53 -25.71
N GLU L 163 51.58 -6.66 -25.90
CA GLU L 163 50.17 -6.64 -26.29
C GLU L 163 49.28 -6.25 -25.10
N LYS L 164 49.79 -6.45 -23.90
CA LYS L 164 49.11 -5.98 -22.69
C LYS L 164 49.18 -4.45 -22.62
N PHE L 165 50.32 -3.90 -23.05
CA PHE L 165 50.49 -2.45 -23.08
C PHE L 165 49.51 -1.75 -24.03
N ARG L 166 48.94 -2.51 -24.96
CA ARG L 166 47.99 -1.96 -25.94
C ARG L 166 46.54 -2.16 -25.50
N THR L 167 46.23 -3.33 -24.98
CA THR L 167 44.87 -3.68 -24.59
C THR L 167 44.41 -2.99 -23.30
N VAL L 168 45.29 -2.94 -22.30
CA VAL L 168 44.91 -2.43 -20.97
C VAL L 168 44.38 -1.00 -20.92
N PRO L 169 45.06 -0.02 -21.56
CA PRO L 169 44.52 1.34 -21.55
C PRO L 169 43.09 1.45 -22.10
N GLU L 170 42.72 0.57 -23.03
CA GLU L 170 41.35 0.54 -23.54
C GLU L 170 40.36 0.13 -22.45
N GLN L 171 40.89 -0.31 -21.30
CA GLN L 171 40.03 -0.72 -20.20
C GLN L 171 40.26 -0.02 -18.85
N TYR L 172 41.34 0.75 -18.70
CA TYR L 172 41.67 1.20 -17.33
C TYR L 172 41.90 2.68 -17.00
N ASP L 173 42.21 3.50 -18.01
CA ASP L 173 42.56 4.93 -17.84
C ASP L 173 44.04 5.10 -17.49
N VAL L 174 44.89 4.81 -18.48
CA VAL L 174 46.33 5.00 -18.39
C VAL L 174 46.85 5.38 -19.76
N ARG L 175 47.54 6.51 -19.86
CA ARG L 175 48.21 6.89 -21.10
C ARG L 175 49.70 6.75 -20.91
N PHE L 176 50.30 5.71 -21.47
CA PHE L 176 51.74 5.54 -21.35
C PHE L 176 52.50 6.55 -22.22
N ARG L 177 53.64 7.02 -21.73
CA ARG L 177 54.39 8.08 -22.40
C ARG L 177 55.86 7.74 -22.60
N PRO L 178 56.17 6.74 -23.45
CA PRO L 178 57.57 6.35 -23.69
C PRO L 178 58.42 7.48 -24.30
N ASP L 179 57.77 8.59 -24.63
CA ASP L 179 58.40 9.73 -25.27
C ASP L 179 58.91 10.75 -24.26
N HIS L 180 58.39 10.64 -23.04
CA HIS L 180 58.58 11.69 -22.03
C HIS L 180 59.98 11.74 -21.45
N GLN L 181 60.51 12.95 -21.28
CA GLN L 181 61.81 13.14 -20.66
C GLN L 181 61.69 13.87 -19.32
N TRP L 182 62.43 13.39 -18.33
CA TRP L 182 62.48 14.06 -17.04
C TRP L 182 63.76 14.89 -16.91
N HIS L 183 63.59 16.20 -16.85
CA HIS L 183 64.74 17.09 -16.71
C HIS L 183 65.23 17.02 -15.26
N THR L 184 64.53 17.72 -14.37
CA THR L 184 64.76 17.74 -12.91
C THR L 184 65.92 16.88 -12.38
N GLY L 185 65.80 15.56 -12.52
CA GLY L 185 66.88 14.65 -12.17
C GLY L 185 67.37 14.74 -10.74
#